data_8E6G
#
_entry.id   8E6G
#
_cell.length_a   135.832
_cell.length_b   178.796
_cell.length_c   179.938
_cell.angle_alpha   90.000
_cell.angle_beta   90.000
_cell.angle_gamma   90.000
#
_symmetry.space_group_name_H-M   'I 2 2 2'
#
loop_
_entity.id
_entity.type
_entity.pdbx_description
1 polymer 'Chaetomium alpha glucosidase'
2 non-polymer (2R,3R,4R,5S)-1-(6-{[(5M)-3-cyclopropyl-5-(pyridazin-3-yl)phenyl]amino}hexyl)-2-(hydroxymethyl)piperidine-3,4,5-triol
3 non-polymer GLYCEROL
4 non-polymer 'SULFATE ION'
5 non-polymer 2-acetamido-2-deoxy-beta-D-glucopyranose
6 non-polymer 2-[BIS-(2-HYDROXY-ETHYL)-AMINO]-2-HYDROXYMETHYL-PROPANE-1,3-DIOL
7 water water
#
_entity_poly.entity_id   1
_entity_poly.type   'polypeptide(L)'
_entity_poly.pdbx_seq_one_letter_code
;MGILPSPGMPALLSLVSLLSVLLMGCVAETGVEGESILHSEIGRLNNQSLLWGPYRPNIYFGTRPRIGKSLMTGLMWGKI
ESYTDFQHTVRYTCEQNEGMKGYGWDEYDPRRGGIQSIHDIQNGLDITTSFVKIPGGAHGGSWAARIKGTLNDDAPKDQK
TIVVFYVSQEGENSELEAVPSENEFGYEGDVILKGRSEALGNYKLVVTKGKGVIPQSDHDLSRLRGPGQTVVQSLTYPDE
VLWQAKPILFQQLKAGIDWLVENKYDVADPPPPWQVYLLANKPGSGNVHIVQKVFEGDFEFDILFSSESAGKEVTSKDLE
REVKQATEVFGERFARVFDLKAPFQGDNYKKFGKSMFSNLIGGIGYFYGHSLVDRSYAPEYDEENEGFWEDAAEARARHQ
EALEGPYELFTSIPSRPFFPRGFLWDEGFHLLPIADWDIDLALEIIKSWYNLMDEDGWIAREQILGAEARSKVPKEFQTQ
YPHYANPPTLFLVLDNFVERLRKNNASQPVVKDNLSLDETLSTASVDNPEVGLEYLRRLYPLLRRQFDWFRKTQAGDIKS
YDREAYSTKEAYRWRGRTVSHCLTSGLDDYPRPQPPHPGELHVDLMSWVGVMVKSLISIGSLLGATEDVEFYTKVLDAIE
HNLDDLHWSEKEGCYCDATIDEFEEHKLVCHKGYISLFPFLTGLLKPDSPKLGKLLALIGDESELWSPYGLRSLSKKDEF
YGTAENYWRSPVWININYLAIVQLYNIATQDGPYKETARDLYTRLRKNIVETVYRNWEETGFAWEQYNPETGKGQRTQHF
TGWTSLVVKIMSGHHHHHH
;
_entity_poly.pdbx_strand_id   A,B
#
loop_
_chem_comp.id
_chem_comp.type
_chem_comp.name
_chem_comp.formula
BTB non-polymer 2-[BIS-(2-HYDROXY-ETHYL)-AMINO]-2-HYDROXYMETHYL-PROPANE-1,3-DIOL 'C8 H19 N O5'
GOL non-polymer GLYCEROL 'C3 H8 O3'
NAG D-saccharide, beta linking 2-acetamido-2-deoxy-beta-D-glucopyranose 'C8 H15 N O6'
SO4 non-polymer 'SULFATE ION' 'O4 S -2'
UQH non-polymer (2R,3R,4R,5S)-1-(6-{[(5M)-3-cyclopropyl-5-(pyridazin-3-yl)phenyl]amino}hexyl)-2-(hydroxymethyl)piperidine-3,4,5-triol 'C25 H36 N4 O4'
#
# COMPACT_ATOMS: atom_id res chain seq x y z
N SER A 40 -3.97 30.73 -0.39
CA SER A 40 -2.60 30.42 -0.93
C SER A 40 -1.52 31.30 -0.27
N GLU A 41 -1.89 32.56 -0.03
CA GLU A 41 -1.00 33.54 0.58
C GLU A 41 -0.84 33.26 2.07
N ILE A 42 -1.98 32.99 2.74
CA ILE A 42 -2.02 32.57 4.13
C ILE A 42 -1.25 31.25 4.31
N GLY A 43 -1.44 30.33 3.35
CA GLY A 43 -0.76 29.04 3.27
C GLY A 43 0.77 29.13 3.35
N ARG A 44 1.36 30.01 2.51
CA ARG A 44 2.80 30.24 2.44
C ARG A 44 3.33 30.87 3.73
N LEU A 45 2.55 31.79 4.34
CA LEU A 45 2.92 32.49 5.57
C LEU A 45 2.91 31.53 6.75
N ASN A 46 1.96 30.58 6.76
CA ASN A 46 1.88 29.47 7.72
C ASN A 46 3.08 28.53 7.57
N ASN A 47 3.35 28.08 6.33
CA ASN A 47 4.49 27.24 6.01
C ASN A 47 5.75 27.86 6.59
N GLN A 48 6.03 29.11 6.17
CA GLN A 48 7.21 29.86 6.56
C GLN A 48 7.25 29.96 8.08
N SER A 49 6.08 30.15 8.70
CA SER A 49 6.03 30.36 10.13
C SER A 49 6.40 29.08 10.89
N LEU A 50 5.83 27.93 10.48
CA LEU A 50 5.91 26.73 11.30
C LEU A 50 7.07 25.83 10.89
N LEU A 51 7.93 26.29 9.97
CA LEU A 51 8.85 25.36 9.34
C LEU A 51 9.80 24.70 10.34
N TRP A 52 10.47 25.53 11.16
CA TRP A 52 11.44 25.14 12.18
C TRP A 52 10.78 24.92 13.53
N GLY A 53 11.33 23.98 14.28
CA GLY A 53 10.99 23.88 15.68
C GLY A 53 11.79 22.78 16.35
N PRO A 54 11.57 22.59 17.67
CA PRO A 54 12.20 21.50 18.39
C PRO A 54 11.31 20.28 18.22
N TYR A 55 11.07 19.91 16.96
CA TYR A 55 10.05 18.95 16.51
C TYR A 55 10.54 17.50 16.69
N ARG A 56 11.38 17.28 17.69
CA ARG A 56 11.84 15.94 17.98
C ARG A 56 11.45 15.63 19.42
N PRO A 57 10.15 15.53 19.75
CA PRO A 57 9.75 15.30 21.13
C PRO A 57 10.21 13.94 21.66
N ASN A 58 10.77 13.09 20.79
CA ASN A 58 11.20 11.78 21.27
C ASN A 58 12.58 11.91 21.92
N ILE A 59 13.23 13.07 21.76
CA ILE A 59 14.47 13.26 22.51
C ILE A 59 14.28 14.45 23.44
N TYR A 60 15.20 14.58 24.41
CA TYR A 60 15.13 15.66 25.38
C TYR A 60 15.16 16.99 24.65
N PHE A 61 16.16 17.19 23.79
CA PHE A 61 16.22 18.44 23.05
C PHE A 61 16.93 18.22 21.71
N GLY A 62 16.23 18.61 20.65
CA GLY A 62 16.74 18.58 19.30
C GLY A 62 15.87 19.47 18.42
N THR A 63 16.34 19.74 17.21
CA THR A 63 15.57 20.52 16.26
C THR A 63 15.57 19.79 14.92
N ARG A 64 14.47 20.00 14.19
CA ARG A 64 14.40 19.62 12.77
C ARG A 64 13.31 20.48 12.17
N PRO A 65 13.39 20.78 10.85
CA PRO A 65 12.33 21.49 10.14
C PRO A 65 11.34 20.48 9.57
N ARG A 66 10.21 20.97 9.03
CA ARG A 66 9.16 20.08 8.58
C ARG A 66 9.47 19.66 7.15
N ILE A 67 10.62 19.00 6.96
CA ILE A 67 11.11 18.42 5.72
C ILE A 67 11.68 17.04 6.06
N GLY A 68 11.30 16.02 5.29
CA GLY A 68 11.73 14.65 5.52
C GLY A 68 13.25 14.45 5.62
N LYS A 69 13.97 14.93 4.60
CA LYS A 69 15.38 14.63 4.45
C LYS A 69 16.10 15.97 4.53
N SER A 70 16.60 16.31 5.73
CA SER A 70 17.11 17.66 5.99
C SER A 70 18.08 17.69 7.18
N LEU A 71 18.30 18.90 7.72
CA LEU A 71 19.21 19.15 8.84
C LEU A 71 18.46 18.92 10.15
N MET A 72 19.07 18.07 11.01
CA MET A 72 18.55 17.69 12.33
C MET A 72 19.65 17.86 13.39
N THR A 73 19.28 18.32 14.60
CA THR A 73 20.24 18.47 15.68
C THR A 73 19.72 17.75 16.92
N GLY A 74 20.60 17.44 17.87
CA GLY A 74 20.16 16.80 19.10
C GLY A 74 21.21 16.93 20.20
N LEU A 75 20.74 17.01 21.44
CA LEU A 75 21.60 17.27 22.59
C LEU A 75 21.86 15.97 23.35
N MET A 76 23.09 15.76 23.85
CA MET A 76 23.36 14.71 24.81
C MET A 76 24.20 15.29 25.96
N TRP A 77 24.05 14.71 27.17
CA TRP A 77 24.86 15.08 28.32
C TRP A 77 24.94 13.89 29.26
N GLY A 78 26.07 13.79 29.99
CA GLY A 78 26.16 12.86 31.11
C GLY A 78 27.37 13.13 32.00
N LYS A 79 27.23 12.90 33.32
CA LYS A 79 28.39 13.03 34.19
C LYS A 79 29.34 11.91 33.82
N ILE A 80 30.64 12.12 34.09
CA ILE A 80 31.64 11.08 33.99
C ILE A 80 32.48 11.11 35.27
N GLU A 81 32.45 9.97 35.98
CA GLU A 81 33.07 9.76 37.27
C GLU A 81 34.07 8.61 37.19
N SER A 82 33.96 7.77 36.14
CA SER A 82 34.78 6.57 36.07
C SER A 82 35.08 6.26 34.61
N TYR A 83 35.84 5.19 34.38
CA TYR A 83 36.20 4.75 33.04
C TYR A 83 35.01 4.04 32.36
N THR A 84 33.93 3.77 33.11
CA THR A 84 32.88 2.97 32.49
C THR A 84 31.45 3.50 32.71
N ASP A 85 31.31 4.68 33.32
CA ASP A 85 30.01 5.14 33.76
C ASP A 85 29.27 5.89 32.64
N PHE A 86 29.99 6.57 31.72
CA PHE A 86 29.38 7.53 30.82
C PHE A 86 28.31 6.88 29.94
N GLN A 87 28.61 5.66 29.45
CA GLN A 87 27.66 4.87 28.66
C GLN A 87 26.35 4.66 29.41
N HIS A 88 26.37 4.63 30.75
CA HIS A 88 25.15 4.47 31.53
C HIS A 88 24.50 5.80 31.90
N THR A 89 25.28 6.90 31.95
CA THR A 89 24.77 8.18 32.44
C THR A 89 24.23 9.02 31.28
N VAL A 90 24.78 8.82 30.06
CA VAL A 90 24.45 9.71 28.95
C VAL A 90 22.95 9.71 28.66
N ARG A 91 22.41 10.90 28.38
CA ARG A 91 21.01 11.14 28.12
C ARG A 91 20.87 11.56 26.66
N TYR A 92 19.82 11.06 26.00
CA TYR A 92 19.47 11.46 24.65
C TYR A 92 17.97 11.29 24.38
N THR A 93 17.48 10.07 24.18
CA THR A 93 16.05 9.84 23.96
C THR A 93 15.29 9.92 25.29
N CYS A 94 14.06 10.45 25.26
CA CYS A 94 13.27 10.64 26.48
C CYS A 94 12.96 9.32 27.18
N GLU A 95 13.02 9.33 28.51
CA GLU A 95 12.64 8.22 29.38
C GLU A 95 12.09 8.80 30.68
N GLN A 96 11.59 7.91 31.54
CA GLN A 96 11.09 8.29 32.85
C GLN A 96 11.28 7.08 33.77
N ASN A 97 12.20 7.23 34.73
CA ASN A 97 12.58 6.24 35.73
C ASN A 97 13.00 6.99 37.00
N GLU A 98 13.59 6.28 37.97
CA GLU A 98 13.89 6.86 39.27
C GLU A 98 15.06 7.84 39.18
N GLY A 99 15.90 7.71 38.14
CA GLY A 99 17.02 8.62 37.93
C GLY A 99 16.65 10.01 37.40
N MET A 100 15.37 10.19 37.01
CA MET A 100 14.92 11.44 36.41
C MET A 100 13.78 12.01 37.24
N LYS A 101 14.01 13.16 37.89
CA LYS A 101 12.94 13.75 38.67
C LYS A 101 11.75 14.12 37.79
N GLY A 102 12.03 14.72 36.64
CA GLY A 102 10.97 15.26 35.80
C GLY A 102 11.55 16.20 34.76
N TYR A 103 10.73 16.53 33.76
CA TYR A 103 11.15 17.41 32.67
C TYR A 103 9.92 17.83 31.89
N GLY A 104 10.04 18.94 31.17
CA GLY A 104 8.98 19.37 30.28
C GLY A 104 9.06 20.87 30.01
N TRP A 105 8.10 21.35 29.23
CA TRP A 105 8.10 22.72 28.75
C TRP A 105 7.43 23.64 29.76
N ASP A 106 8.13 24.72 30.12
CA ASP A 106 7.51 25.71 30.99
C ASP A 106 6.60 26.61 30.17
N GLU A 107 7.08 27.02 28.99
CA GLU A 107 6.31 27.85 28.07
C GLU A 107 6.58 27.33 26.67
N TYR A 108 5.57 27.35 25.81
CA TYR A 108 5.90 26.94 24.45
C TYR A 108 4.83 27.43 23.48
N ASP A 109 5.31 27.82 22.30
CA ASP A 109 4.48 28.24 21.18
C ASP A 109 5.28 27.90 19.92
N PRO A 110 4.84 26.95 19.09
CA PRO A 110 5.65 26.46 17.98
C PRO A 110 6.04 27.57 17.01
N ARG A 111 5.30 28.68 16.98
CA ARG A 111 5.69 29.80 16.11
C ARG A 111 6.88 30.58 16.66
N ARG A 112 7.05 30.62 17.99
CA ARG A 112 7.98 31.55 18.65
C ARG A 112 9.13 30.83 19.37
N GLY A 113 8.83 29.67 19.98
CA GLY A 113 9.82 28.93 20.76
C GLY A 113 9.37 28.77 22.20
N GLY A 114 10.32 28.52 23.09
CA GLY A 114 9.93 28.25 24.47
C GLY A 114 11.10 27.84 25.37
N ILE A 115 10.76 27.36 26.57
CA ILE A 115 11.77 27.02 27.57
C ILE A 115 11.40 25.67 28.17
N GLN A 116 12.37 24.74 28.14
CA GLN A 116 12.18 23.43 28.75
C GLN A 116 13.09 23.34 29.98
N SER A 117 12.57 22.72 31.05
CA SER A 117 13.30 22.42 32.27
C SER A 117 13.51 20.90 32.40
N ILE A 118 14.74 20.51 32.74
CA ILE A 118 15.10 19.10 32.89
C ILE A 118 15.76 18.94 34.24
N HIS A 119 15.19 18.04 35.06
CA HIS A 119 15.59 17.77 36.42
C HIS A 119 16.10 16.34 36.47
N ASP A 120 17.43 16.22 36.38
CA ASP A 120 18.08 14.94 36.22
C ASP A 120 18.79 14.55 37.53
N ILE A 121 18.27 13.50 38.20
CA ILE A 121 18.86 13.08 39.46
C ILE A 121 20.15 12.31 39.20
N GLN A 122 20.14 11.41 38.21
CA GLN A 122 21.30 10.59 37.94
C GLN A 122 22.55 11.47 37.76
N ASN A 123 22.39 12.56 37.00
CA ASN A 123 23.52 13.36 36.57
C ASN A 123 23.62 14.65 37.38
N GLY A 124 22.79 14.81 38.44
CA GLY A 124 23.02 15.85 39.44
C GLY A 124 22.85 17.23 38.84
N LEU A 125 21.96 17.31 37.84
CA LEU A 125 21.89 18.48 36.98
C LEU A 125 20.46 18.94 36.79
N ASP A 126 20.26 20.25 36.92
CA ASP A 126 19.08 20.97 36.47
C ASP A 126 19.45 21.71 35.18
N ILE A 127 18.83 21.31 34.07
CA ILE A 127 19.08 21.87 32.76
C ILE A 127 17.86 22.66 32.28
N THR A 128 18.16 23.77 31.60
CA THR A 128 17.22 24.59 30.86
C THR A 128 17.64 24.58 29.39
N THR A 129 16.68 24.45 28.47
CA THR A 129 16.94 24.52 27.05
C THR A 129 15.97 25.57 26.49
N SER A 130 16.49 26.75 26.08
CA SER A 130 15.65 27.83 25.55
C SER A 130 15.77 27.78 24.05
N PHE A 131 14.65 27.90 23.36
CA PHE A 131 14.69 27.83 21.91
C PHE A 131 13.89 29.01 21.38
N VAL A 132 14.40 29.64 20.32
CA VAL A 132 13.71 30.82 19.81
C VAL A 132 13.91 30.90 18.30
N LYS A 133 12.87 31.35 17.62
CA LYS A 133 12.79 31.45 16.17
C LYS A 133 12.82 32.92 15.74
N ILE A 134 13.58 33.20 14.66
CA ILE A 134 13.77 34.58 14.23
C ILE A 134 13.41 34.61 12.75
N PRO A 135 12.18 35.11 12.44
CA PRO A 135 11.66 35.11 11.07
C PRO A 135 12.55 35.94 10.14
N GLY A 136 12.55 35.60 8.85
CA GLY A 136 13.42 36.30 7.92
C GLY A 136 13.91 35.38 6.82
N GLY A 137 14.17 36.01 5.65
CA GLY A 137 14.65 35.32 4.46
C GLY A 137 13.55 34.47 3.82
N ALA A 138 13.97 33.46 3.07
CA ALA A 138 13.06 32.78 2.16
C ALA A 138 13.02 31.29 2.50
N HIS A 139 13.56 30.90 3.67
CA HIS A 139 13.84 29.50 3.94
C HIS A 139 13.35 29.08 5.33
N GLY A 140 12.35 29.81 5.84
CA GLY A 140 11.68 29.49 7.09
C GLY A 140 12.37 30.11 8.31
N GLY A 141 13.33 31.01 8.04
CA GLY A 141 13.88 31.83 9.10
C GLY A 141 15.06 31.16 9.82
N SER A 142 15.41 31.80 10.93
CA SER A 142 16.53 31.43 11.78
C SER A 142 15.98 30.93 13.11
N TRP A 143 16.88 30.44 13.97
CA TRP A 143 16.57 30.03 15.33
C TRP A 143 17.83 30.04 16.19
N ALA A 144 17.63 30.04 17.51
CA ALA A 144 18.74 29.99 18.45
C ALA A 144 18.31 29.20 19.69
N ALA A 145 19.28 28.61 20.39
CA ALA A 145 18.93 27.92 21.62
C ALA A 145 20.05 28.10 22.62
N ARG A 146 19.68 28.14 23.91
CA ARG A 146 20.64 28.20 24.99
C ARG A 146 20.49 26.98 25.87
N ILE A 147 21.63 26.34 26.13
CA ILE A 147 21.67 25.15 26.96
C ILE A 147 22.33 25.55 28.27
N LYS A 148 21.58 25.48 29.37
CA LYS A 148 22.12 25.88 30.65
C LYS A 148 22.09 24.71 31.65
N GLY A 149 23.25 24.33 32.20
CA GLY A 149 23.25 23.29 33.22
C GLY A 149 23.71 23.78 34.58
N THR A 150 22.90 23.53 35.63
CA THR A 150 23.23 23.93 36.98
C THR A 150 23.22 22.66 37.83
N LEU A 151 24.39 22.35 38.42
CA LEU A 151 24.52 21.22 39.33
C LEU A 151 23.57 21.49 40.50
N ASN A 152 22.87 20.44 40.95
CA ASN A 152 21.99 20.57 42.10
C ASN A 152 22.84 20.38 43.35
N ASP A 153 22.23 20.56 44.53
CA ASP A 153 22.96 20.58 45.79
C ASP A 153 23.65 19.24 46.09
N ASP A 154 23.15 18.15 45.51
CA ASP A 154 23.67 16.83 45.86
C ASP A 154 24.95 16.53 45.07
N ALA A 155 25.13 17.18 43.91
CA ALA A 155 26.22 16.83 43.00
C ALA A 155 27.58 17.33 43.51
N PRO A 156 28.69 16.58 43.28
CA PRO A 156 30.03 17.06 43.66
C PRO A 156 30.23 18.36 42.90
N LYS A 157 30.72 19.40 43.57
CA LYS A 157 30.91 20.72 42.99
C LYS A 157 31.88 20.70 41.80
N ASP A 158 32.72 19.66 41.77
CA ASP A 158 33.72 19.53 40.73
C ASP A 158 33.30 18.45 39.72
N GLN A 159 32.01 18.10 39.67
CA GLN A 159 31.52 17.17 38.67
C GLN A 159 32.05 17.47 37.27
N LYS A 160 32.43 16.41 36.57
CA LYS A 160 32.71 16.51 35.14
C LYS A 160 31.51 16.04 34.32
N THR A 161 30.98 16.95 33.47
CA THR A 161 29.84 16.65 32.59
C THR A 161 30.28 16.76 31.14
N ILE A 162 30.11 15.66 30.38
CA ILE A 162 30.27 15.63 28.92
C ILE A 162 28.98 16.10 28.26
N VAL A 163 29.11 17.12 27.40
CA VAL A 163 28.00 17.62 26.62
C VAL A 163 28.34 17.42 25.14
N VAL A 164 27.35 16.98 24.37
CA VAL A 164 27.51 16.81 22.94
C VAL A 164 26.33 17.46 22.21
N PHE A 165 26.66 18.15 21.13
CA PHE A 165 25.66 18.65 20.20
C PHE A 165 25.90 17.93 18.88
N TYR A 166 24.92 17.12 18.48
CA TYR A 166 25.07 16.23 17.34
C TYR A 166 24.22 16.79 16.20
N VAL A 167 24.84 16.93 15.04
CA VAL A 167 24.22 17.59 13.89
C VAL A 167 24.35 16.64 12.70
N SER A 168 23.23 16.36 12.03
CA SER A 168 23.22 15.51 10.85
C SER A 168 22.46 16.19 9.72
N GLN A 169 22.76 15.80 8.46
CA GLN A 169 22.09 16.31 7.27
C GLN A 169 21.88 15.20 6.22
N GLU A 170 20.60 14.92 5.91
CA GLU A 170 20.22 13.95 4.89
C GLU A 170 19.91 14.68 3.59
N GLY A 171 20.23 14.05 2.45
CA GLY A 171 19.99 14.62 1.12
C GLY A 171 21.17 14.42 0.16
N GLU A 172 20.89 14.27 -1.14
CA GLU A 172 21.89 13.92 -2.14
C GLU A 172 22.84 15.07 -2.50
N ASN A 173 22.30 16.29 -2.63
CA ASN A 173 23.06 17.44 -3.13
C ASN A 173 23.15 18.51 -2.06
N SER A 174 23.59 18.13 -0.86
CA SER A 174 23.64 19.11 0.22
C SER A 174 25.00 19.03 0.90
N GLU A 175 25.40 20.13 1.54
CA GLU A 175 26.75 20.16 2.07
C GLU A 175 26.71 20.81 3.46
N LEU A 176 27.69 20.43 4.28
CA LEU A 176 27.86 20.90 5.64
C LEU A 176 29.30 20.58 6.04
N GLU A 177 30.01 21.62 6.53
CA GLU A 177 31.42 21.51 6.86
C GLU A 177 31.72 22.31 8.13
N ALA A 178 32.53 21.73 9.04
CA ALA A 178 33.04 22.48 10.18
C ALA A 178 34.27 23.27 9.76
N VAL A 179 34.21 24.61 9.90
CA VAL A 179 35.41 25.41 9.72
C VAL A 179 36.44 25.00 10.77
N PRO A 180 37.67 24.58 10.35
CA PRO A 180 38.71 24.15 11.29
C PRO A 180 39.14 25.29 12.21
N SER A 181 39.63 24.94 13.41
CA SER A 181 40.04 25.92 14.40
C SER A 181 41.42 26.44 14.05
N GLU A 182 41.88 27.51 14.73
CA GLU A 182 43.25 27.99 14.58
C GLU A 182 44.19 27.12 15.41
N ASN A 183 43.69 26.72 16.59
CA ASN A 183 44.43 26.02 17.63
C ASN A 183 44.67 24.56 17.24
N GLU A 184 45.60 23.90 17.94
CA GLU A 184 46.19 22.67 17.43
C GLU A 184 45.22 21.48 17.52
N PHE A 185 44.46 21.39 18.61
CA PHE A 185 43.86 20.13 19.04
C PHE A 185 42.37 20.27 19.28
N GLY A 186 41.77 21.37 18.80
CA GLY A 186 40.40 21.69 19.15
C GLY A 186 40.15 23.19 19.16
N TYR A 187 39.04 23.63 19.74
CA TYR A 187 38.57 25.00 19.61
C TYR A 187 38.64 25.73 20.94
N GLU A 188 39.16 26.95 20.91
CA GLU A 188 39.24 27.78 22.10
C GLU A 188 37.92 28.53 22.25
N GLY A 189 37.32 28.91 21.10
CA GLY A 189 36.06 29.63 21.04
C GLY A 189 34.95 28.86 20.32
N ASP A 190 34.36 29.52 19.31
CA ASP A 190 33.10 29.09 18.72
C ASP A 190 33.40 28.03 17.66
N VAL A 191 32.40 27.15 17.40
CA VAL A 191 32.49 26.21 16.31
C VAL A 191 31.49 26.65 15.23
N ILE A 192 31.95 26.82 14.00
CA ILE A 192 31.06 27.25 12.95
C ILE A 192 30.92 26.12 11.95
N LEU A 193 29.68 25.73 11.67
CA LEU A 193 29.42 24.83 10.55
C LEU A 193 28.75 25.67 9.49
N LYS A 194 29.27 25.51 8.26
CA LYS A 194 28.71 26.11 7.06
C LYS A 194 28.07 24.97 6.29
N GLY A 195 26.81 25.16 5.89
CA GLY A 195 26.19 24.18 5.04
C GLY A 195 25.31 24.83 3.98
N ARG A 196 24.83 24.00 3.05
CA ARG A 196 23.84 24.40 2.05
C ARG A 196 22.94 23.22 1.70
N SER A 197 21.66 23.50 1.40
CA SER A 197 20.82 22.53 0.70
C SER A 197 19.75 23.27 -0.11
N GLU A 198 19.04 22.53 -0.99
CA GLU A 198 17.94 23.04 -1.80
C GLU A 198 16.84 23.60 -0.90
N ALA A 199 16.50 22.85 0.16
CA ALA A 199 15.43 23.26 1.06
C ALA A 199 15.84 24.49 1.88
N LEU A 200 17.10 24.55 2.34
CA LEU A 200 17.49 25.57 3.32
C LEU A 200 18.35 26.67 2.68
N GLY A 201 18.83 26.47 1.45
CA GLY A 201 19.78 27.40 0.87
C GLY A 201 21.04 27.41 1.74
N ASN A 202 21.71 28.57 1.81
CA ASN A 202 22.91 28.69 2.61
C ASN A 202 22.53 28.93 4.06
N TYR A 203 23.34 28.38 4.98
CA TYR A 203 23.09 28.59 6.40
C TYR A 203 24.40 28.42 7.15
N LYS A 204 24.50 29.07 8.31
CA LYS A 204 25.57 28.71 9.22
C LYS A 204 24.93 28.31 10.54
N LEU A 205 25.59 27.36 11.20
CA LEU A 205 25.18 26.88 12.52
C LEU A 205 26.39 27.01 13.45
N VAL A 206 26.22 27.81 14.51
CA VAL A 206 27.33 28.08 15.40
C VAL A 206 27.04 27.48 16.78
N VAL A 207 28.01 26.73 17.32
CA VAL A 207 27.99 26.36 18.73
C VAL A 207 29.03 27.20 19.47
N THR A 208 28.53 28.09 20.34
CA THR A 208 29.38 29.09 20.95
C THR A 208 30.29 28.46 22.00
N LYS A 209 31.32 29.21 22.40
CA LYS A 209 32.31 28.78 23.38
C LYS A 209 31.62 28.39 24.69
N GLY A 210 30.62 29.18 25.10
CA GLY A 210 29.89 29.03 26.35
C GLY A 210 30.67 29.47 27.58
N LYS A 211 30.04 29.38 28.76
CA LYS A 211 30.65 29.73 30.03
C LYS A 211 30.79 28.47 30.88
N GLY A 212 31.88 28.41 31.65
CA GLY A 212 32.08 27.40 32.67
C GLY A 212 33.51 26.86 32.62
N VAL A 213 33.94 26.26 33.73
CA VAL A 213 35.30 25.76 33.84
C VAL A 213 35.47 24.57 32.89
N ILE A 214 36.50 24.66 32.05
CA ILE A 214 36.86 23.52 31.26
C ILE A 214 38.10 22.82 31.82
N PRO A 215 38.00 21.54 32.27
CA PRO A 215 39.07 20.88 33.02
C PRO A 215 40.30 20.69 32.14
N GLN A 216 41.47 20.61 32.78
CA GLN A 216 42.70 20.55 32.03
C GLN A 216 43.48 19.34 32.52
N SER A 217 44.06 18.60 31.58
CA SER A 217 44.77 17.40 31.93
C SER A 217 46.28 17.66 31.87
N ASP A 218 46.95 17.24 32.94
CA ASP A 218 48.39 17.33 33.03
C ASP A 218 49.03 16.07 32.45
N HIS A 219 48.22 15.11 31.98
CA HIS A 219 48.74 13.85 31.48
C HIS A 219 49.58 14.03 30.21
N ASP A 220 50.48 13.06 29.99
CA ASP A 220 51.24 12.91 28.76
C ASP A 220 50.36 13.00 27.51
N LEU A 221 49.17 12.40 27.57
CA LEU A 221 48.26 12.35 26.44
C LEU A 221 48.01 13.76 25.87
N SER A 222 48.04 14.78 26.75
CA SER A 222 47.74 16.15 26.36
C SER A 222 48.73 16.68 25.32
N ARG A 223 49.92 16.06 25.22
CA ARG A 223 50.85 16.33 24.14
C ARG A 223 50.25 15.96 22.77
N LEU A 224 49.46 14.88 22.68
CA LEU A 224 48.86 14.50 21.40
C LEU A 224 47.38 14.89 21.27
N ARG A 225 46.68 15.05 22.41
CA ARG A 225 45.22 15.26 22.38
C ARG A 225 44.83 16.64 22.91
N GLY A 226 45.82 17.44 23.31
CA GLY A 226 45.51 18.72 23.91
C GLY A 226 45.21 18.57 25.39
N PRO A 227 45.34 19.64 26.22
CA PRO A 227 45.02 19.54 27.65
C PRO A 227 43.53 19.42 27.94
N GLY A 228 42.68 19.60 26.91
CA GLY A 228 41.24 19.66 27.11
C GLY A 228 40.65 20.94 26.50
N GLN A 229 39.65 20.77 25.61
CA GLN A 229 39.07 21.82 24.78
C GLN A 229 37.87 21.24 24.00
N THR A 230 37.00 22.13 23.51
CA THR A 230 35.94 21.75 22.61
C THR A 230 36.57 21.05 21.40
N VAL A 231 35.98 19.93 20.96
CA VAL A 231 36.42 19.23 19.75
C VAL A 231 35.23 19.01 18.82
N VAL A 232 35.54 18.75 17.54
CA VAL A 232 34.53 18.45 16.53
C VAL A 232 34.99 17.24 15.72
N GLN A 233 34.11 16.24 15.53
CA GLN A 233 34.37 15.22 14.51
C GLN A 233 33.34 15.31 13.40
N SER A 234 33.84 15.33 12.17
CA SER A 234 32.99 15.44 10.99
C SER A 234 33.08 14.14 10.20
N LEU A 235 31.93 13.51 9.94
CA LEU A 235 31.85 12.11 9.51
C LEU A 235 30.77 11.99 8.46
N THR A 236 30.76 10.85 7.78
CA THR A 236 29.69 10.51 6.87
CA THR A 236 29.65 10.52 6.90
C THR A 236 29.29 9.04 7.02
N TYR A 237 27.98 8.81 6.94
CA TYR A 237 27.39 7.49 6.98
C TYR A 237 26.29 7.55 5.93
N PRO A 238 25.80 6.40 5.42
CA PRO A 238 24.60 6.41 4.58
C PRO A 238 23.48 7.10 5.36
N ASP A 239 22.79 8.01 4.68
CA ASP A 239 21.73 8.87 5.16
C ASP A 239 20.72 8.20 6.12
N GLU A 240 20.41 6.93 5.89
CA GLU A 240 19.23 6.39 6.56
C GLU A 240 19.56 6.01 8.01
N VAL A 241 20.84 6.09 8.41
CA VAL A 241 21.22 5.72 9.76
C VAL A 241 21.64 6.92 10.60
N LEU A 242 21.58 8.15 10.04
CA LEU A 242 22.12 9.33 10.69
C LEU A 242 21.41 9.60 12.02
N TRP A 243 20.17 9.10 12.12
CA TRP A 243 19.33 9.28 13.30
C TRP A 243 19.92 8.52 14.49
N GLN A 244 20.79 7.52 14.23
CA GLN A 244 21.31 6.67 15.30
C GLN A 244 22.50 7.33 16.02
N ALA A 245 22.19 8.46 16.67
CA ALA A 245 23.17 9.37 17.23
C ALA A 245 24.01 8.70 18.33
N LYS A 246 23.38 7.89 19.17
CA LYS A 246 24.11 7.34 20.31
C LYS A 246 25.15 6.31 19.83
N PRO A 247 24.76 5.28 19.04
CA PRO A 247 25.74 4.34 18.48
C PRO A 247 26.84 5.01 17.66
N ILE A 248 26.47 6.05 16.92
CA ILE A 248 27.46 6.72 16.08
C ILE A 248 28.48 7.37 17.01
N LEU A 249 27.97 8.02 18.06
CA LEU A 249 28.89 8.68 18.96
C LEU A 249 29.75 7.62 19.63
N PHE A 250 29.14 6.53 20.11
CA PHE A 250 29.89 5.59 20.90
C PHE A 250 30.96 4.89 20.05
N GLN A 251 30.68 4.68 18.76
CA GLN A 251 31.64 4.06 17.86
C GLN A 251 32.85 4.99 17.78
N GLN A 252 32.61 6.31 17.80
CA GLN A 252 33.72 7.27 17.79
C GLN A 252 34.50 7.23 19.10
N LEU A 253 33.79 7.21 20.24
CA LEU A 253 34.41 7.10 21.55
C LEU A 253 35.24 5.82 21.61
N LYS A 254 34.66 4.69 21.13
CA LYS A 254 35.39 3.43 21.23
C LYS A 254 36.68 3.43 20.41
N ALA A 255 36.66 4.04 19.21
CA ALA A 255 37.84 4.15 18.36
C ALA A 255 38.94 4.96 19.04
N GLY A 256 38.53 6.01 19.76
CA GLY A 256 39.42 6.78 20.63
C GLY A 256 40.07 5.90 21.69
N ILE A 257 39.28 5.07 22.37
CA ILE A 257 39.87 4.22 23.39
C ILE A 257 40.82 3.20 22.75
N ASP A 258 40.45 2.63 21.59
CA ASP A 258 41.31 1.64 20.94
C ASP A 258 42.64 2.31 20.61
N TRP A 259 42.58 3.59 20.29
CA TRP A 259 43.82 4.26 19.94
C TRP A 259 44.70 4.41 21.19
N LEU A 260 44.11 4.74 22.35
CA LEU A 260 44.83 4.80 23.61
C LEU A 260 45.56 3.47 23.84
N VAL A 261 44.82 2.36 23.72
CA VAL A 261 45.36 1.04 24.04
C VAL A 261 46.55 0.77 23.11
N GLU A 262 46.37 1.07 21.83
CA GLU A 262 47.36 0.78 20.82
C GLU A 262 48.66 1.56 21.09
N ASN A 263 48.51 2.77 21.63
CA ASN A 263 49.57 3.77 21.67
C ASN A 263 50.17 3.86 23.08
N LYS A 264 49.90 2.83 23.90
CA LYS A 264 50.56 2.48 25.15
C LYS A 264 50.08 3.38 26.31
N TYR A 265 48.85 3.90 26.21
CA TYR A 265 48.23 4.53 27.37
C TYR A 265 47.43 3.47 28.12
N ASP A 266 47.86 3.14 29.35
CA ASP A 266 47.44 1.93 30.03
C ASP A 266 47.14 2.18 31.52
N VAL A 267 46.94 1.10 32.28
CA VAL A 267 46.45 1.21 33.65
C VAL A 267 47.60 1.50 34.60
N ALA A 268 48.85 1.32 34.16
CA ALA A 268 50.01 1.72 34.93
C ALA A 268 49.96 3.23 35.22
N ASP A 269 49.35 4.00 34.31
CA ASP A 269 49.35 5.46 34.36
C ASP A 269 48.27 6.01 33.41
N PRO A 270 46.97 5.93 33.79
CA PRO A 270 45.88 6.23 32.86
C PRO A 270 45.53 7.71 32.80
N PRO A 271 45.16 8.27 31.63
CA PRO A 271 44.68 9.65 31.58
C PRO A 271 43.38 9.73 32.37
N PRO A 272 42.92 10.92 32.83
CA PRO A 272 41.63 11.03 33.53
C PRO A 272 40.46 10.56 32.66
N PRO A 273 39.36 10.01 33.25
CA PRO A 273 38.22 9.50 32.48
C PRO A 273 37.74 10.47 31.42
N TRP A 274 37.60 11.72 31.82
CA TRP A 274 36.99 12.70 30.94
C TRP A 274 37.87 12.90 29.71
N GLN A 275 39.18 12.62 29.86
CA GLN A 275 40.09 12.82 28.76
C GLN A 275 40.09 11.56 27.88
N VAL A 276 39.90 10.39 28.51
CA VAL A 276 39.76 9.14 27.79
C VAL A 276 38.53 9.21 26.88
N TYR A 277 37.47 9.89 27.36
CA TYR A 277 36.20 10.02 26.65
C TYR A 277 36.05 11.31 25.82
N LEU A 278 37.16 12.04 25.58
CA LEU A 278 37.12 13.22 24.72
C LEU A 278 37.70 12.89 23.35
N LEU A 279 36.90 13.11 22.31
CA LEU A 279 37.26 12.66 20.97
C LEU A 279 38.46 13.48 20.48
N ALA A 280 39.27 12.84 19.62
CA ALA A 280 40.34 13.54 18.92
C ALA A 280 39.67 14.49 17.92
N ASN A 281 40.11 15.75 17.88
CA ASN A 281 39.55 16.76 17.00
C ASN A 281 39.79 16.41 15.52
N LYS A 282 38.74 16.40 14.69
CA LYS A 282 38.90 16.08 13.28
C LYS A 282 37.77 16.75 12.49
N PRO A 283 37.70 18.11 12.41
CA PRO A 283 36.65 18.77 11.67
C PRO A 283 36.91 18.58 10.17
N GLY A 284 35.83 18.70 9.40
CA GLY A 284 35.88 18.53 7.98
C GLY A 284 34.48 18.68 7.42
N SER A 285 34.26 18.03 6.28
CA SER A 285 32.94 18.04 5.70
C SER A 285 32.38 16.62 5.88
N GLY A 286 31.06 16.52 5.96
CA GLY A 286 30.40 15.24 6.17
C GLY A 286 28.92 15.45 6.42
N ASN A 287 28.17 14.35 6.60
CA ASN A 287 26.75 14.46 6.88
C ASN A 287 26.48 14.29 8.39
N VAL A 288 27.57 14.11 9.17
CA VAL A 288 27.43 14.07 10.62
C VAL A 288 28.54 14.90 11.26
N HIS A 289 28.17 15.80 12.19
CA HIS A 289 29.14 16.59 12.94
C HIS A 289 28.86 16.47 14.43
N ILE A 290 29.86 15.96 15.15
CA ILE A 290 29.76 15.81 16.58
C ILE A 290 30.57 16.92 17.25
N VAL A 291 29.87 17.79 17.97
CA VAL A 291 30.50 18.83 18.76
C VAL A 291 30.43 18.45 20.25
N GLN A 292 31.59 18.17 20.84
CA GLN A 292 31.75 17.71 22.22
C GLN A 292 32.45 18.77 23.08
N LYS A 293 31.92 18.96 24.30
CA LYS A 293 32.51 19.79 25.35
C LYS A 293 32.51 19.00 26.66
N VAL A 294 33.48 19.32 27.50
CA VAL A 294 33.49 18.88 28.88
C VAL A 294 33.54 20.13 29.74
N PHE A 295 32.70 20.14 30.76
CA PHE A 295 32.66 21.23 31.71
C PHE A 295 32.80 20.68 33.12
N GLU A 296 33.48 21.45 33.97
CA GLU A 296 33.55 21.17 35.39
C GLU A 296 32.64 22.18 36.09
N GLY A 297 31.68 21.69 36.88
CA GLY A 297 30.77 22.64 37.50
C GLY A 297 29.68 23.10 36.53
N ASP A 298 29.09 24.26 36.81
CA ASP A 298 27.97 24.78 36.03
C ASP A 298 28.43 25.21 34.64
N PHE A 299 27.53 25.10 33.65
CA PHE A 299 27.93 25.46 32.30
C PHE A 299 26.76 26.04 31.53
N GLU A 300 27.07 26.70 30.39
CA GLU A 300 26.07 27.10 29.42
C GLU A 300 26.73 27.37 28.07
N PHE A 301 25.96 27.22 26.99
CA PHE A 301 26.45 27.50 25.65
C PHE A 301 25.25 27.74 24.74
N ASP A 302 25.51 28.43 23.62
CA ASP A 302 24.46 28.80 22.69
C ASP A 302 24.60 28.03 21.38
N ILE A 303 23.48 27.84 20.69
CA ILE A 303 23.48 27.35 19.34
C ILE A 303 22.78 28.40 18.51
N LEU A 304 23.43 28.85 17.44
CA LEU A 304 22.90 29.93 16.61
C LEU A 304 22.83 29.47 15.15
N PHE A 305 21.58 29.30 14.70
CA PHE A 305 21.33 28.94 13.32
C PHE A 305 20.96 30.22 12.56
N SER A 306 21.75 30.53 11.53
CA SER A 306 21.58 31.76 10.77
C SER A 306 21.29 31.39 9.33
N SER A 307 20.05 31.64 8.89
CA SER A 307 19.64 31.48 7.50
C SER A 307 20.29 32.58 6.66
N GLU A 308 21.01 32.21 5.61
CA GLU A 308 21.80 33.23 4.94
C GLU A 308 20.91 34.22 4.18
N SER A 309 19.80 33.70 3.62
CA SER A 309 18.82 34.51 2.92
C SER A 309 18.18 35.56 3.83
N ALA A 310 18.26 35.41 5.16
CA ALA A 310 17.74 36.43 6.07
C ALA A 310 18.72 37.59 6.15
N GLY A 311 18.43 38.56 7.02
CA GLY A 311 19.29 39.74 7.19
C GLY A 311 20.73 39.37 7.57
N LYS A 312 21.23 40.01 8.64
CA LYS A 312 22.51 39.67 9.25
C LYS A 312 22.33 38.37 10.04
N GLU A 313 23.44 37.84 10.55
CA GLU A 313 23.37 36.56 11.24
C GLU A 313 22.86 36.73 12.68
N VAL A 314 22.43 35.61 13.29
CA VAL A 314 21.93 35.59 14.66
C VAL A 314 23.08 35.70 15.66
N THR A 315 22.92 36.55 16.68
CA THR A 315 23.88 36.59 17.76
C THR A 315 23.19 36.11 19.03
N SER A 316 24.02 35.82 20.05
CA SER A 316 23.60 35.52 21.41
C SER A 316 22.72 36.64 21.98
N LYS A 317 23.12 37.91 21.76
CA LYS A 317 22.33 39.04 22.25
C LYS A 317 20.95 38.99 21.59
N ASP A 318 20.88 38.60 20.31
CA ASP A 318 19.60 38.32 19.66
C ASP A 318 18.81 37.25 20.44
N LEU A 319 19.51 36.16 20.86
CA LEU A 319 18.86 35.04 21.53
C LEU A 319 18.17 35.56 22.79
N GLU A 320 18.94 36.26 23.64
CA GLU A 320 18.45 36.74 24.92
C GLU A 320 17.23 37.62 24.72
N ARG A 321 17.27 38.52 23.72
CA ARG A 321 16.14 39.41 23.52
C ARG A 321 14.94 38.60 23.07
N GLU A 322 15.12 37.76 22.05
CA GLU A 322 13.98 37.04 21.49
C GLU A 322 13.33 36.13 22.55
N VAL A 323 14.13 35.53 23.44
CA VAL A 323 13.61 34.71 24.53
C VAL A 323 12.72 35.55 25.47
N LYS A 324 13.25 36.70 25.92
CA LYS A 324 12.52 37.61 26.81
C LYS A 324 11.18 37.99 26.18
N GLN A 325 11.21 38.25 24.87
CA GLN A 325 10.04 38.73 24.17
C GLN A 325 9.02 37.60 24.08
N ALA A 326 9.50 36.38 23.80
CA ALA A 326 8.64 35.21 23.65
C ALA A 326 7.80 34.99 24.91
N THR A 327 8.48 35.06 26.09
CA THR A 327 7.85 34.91 27.40
C THR A 327 6.71 35.92 27.58
N GLU A 328 7.00 37.18 27.24
CA GLU A 328 6.06 38.27 27.39
C GLU A 328 4.78 37.94 26.61
N VAL A 329 4.96 37.57 25.33
CA VAL A 329 3.87 37.23 24.43
C VAL A 329 3.14 35.99 24.94
N PHE A 330 3.88 34.93 25.32
CA PHE A 330 3.29 33.74 25.93
C PHE A 330 2.36 34.12 27.08
N GLY A 331 2.89 34.93 28.01
CA GLY A 331 2.13 35.45 29.15
C GLY A 331 0.82 36.13 28.74
N GLU A 332 0.88 37.04 27.75
CA GLU A 332 -0.28 37.85 27.38
C GLU A 332 -1.34 36.98 26.71
N ARG A 333 -0.90 36.03 25.87
CA ARG A 333 -1.81 35.14 25.18
C ARG A 333 -2.50 34.18 26.18
N PHE A 334 -1.72 33.58 27.09
CA PHE A 334 -2.29 32.61 28.01
C PHE A 334 -3.47 33.25 28.75
N ALA A 335 -3.24 34.44 29.33
CA ALA A 335 -4.22 35.16 30.14
C ALA A 335 -5.53 35.42 29.39
N ARG A 336 -5.45 35.64 28.06
CA ARG A 336 -6.62 35.88 27.22
C ARG A 336 -7.29 34.56 26.84
N VAL A 337 -6.49 33.59 26.35
CA VAL A 337 -7.03 32.40 25.72
C VAL A 337 -7.50 31.39 26.77
N PHE A 338 -6.77 31.33 27.89
CA PHE A 338 -7.02 30.44 29.03
C PHE A 338 -7.15 31.27 30.29
N ASP A 339 -8.24 32.01 30.37
CA ASP A 339 -8.56 32.79 31.55
C ASP A 339 -9.28 31.84 32.52
N LEU A 340 -8.58 31.40 33.56
CA LEU A 340 -9.11 30.34 34.40
C LEU A 340 -10.21 30.92 35.29
N LYS A 341 -11.33 30.21 35.40
CA LYS A 341 -12.47 30.71 36.14
C LYS A 341 -12.56 30.04 37.52
N ALA A 342 -13.32 30.68 38.43
CA ALA A 342 -13.50 30.24 39.80
C ALA A 342 -13.83 28.75 39.87
N PRO A 343 -13.31 28.01 40.89
CA PRO A 343 -12.36 28.54 41.88
C PRO A 343 -10.89 28.27 41.56
N PHE A 344 -10.52 28.41 40.29
CA PHE A 344 -9.14 28.16 39.88
C PHE A 344 -8.47 29.43 39.37
N GLN A 345 -8.89 30.61 39.88
CA GLN A 345 -8.38 31.88 39.36
C GLN A 345 -6.97 32.13 39.91
N GLY A 346 -6.61 31.42 40.98
CA GLY A 346 -5.37 31.65 41.70
C GLY A 346 -4.12 31.27 40.91
N ASP A 347 -2.98 31.83 41.35
CA ASP A 347 -1.68 31.77 40.71
C ASP A 347 -1.18 30.33 40.66
N ASN A 348 -1.55 29.53 41.67
CA ASN A 348 -1.11 28.14 41.78
C ASN A 348 -1.69 27.34 40.62
N TYR A 349 -2.96 27.63 40.29
CA TYR A 349 -3.69 26.98 39.23
C TYR A 349 -3.20 27.51 37.88
N LYS A 350 -2.76 28.76 37.87
CA LYS A 350 -2.26 29.40 36.67
C LYS A 350 -0.99 28.67 36.25
N LYS A 351 -0.06 28.48 37.18
CA LYS A 351 1.19 27.81 36.90
C LYS A 351 0.91 26.40 36.37
N PHE A 352 -0.05 25.76 37.02
CA PHE A 352 -0.47 24.41 36.69
C PHE A 352 -0.98 24.37 35.25
N GLY A 353 -1.88 25.31 34.91
CA GLY A 353 -2.47 25.37 33.58
C GLY A 353 -1.39 25.61 32.53
N LYS A 354 -0.39 26.42 32.90
CA LYS A 354 0.69 26.78 32.01
C LYS A 354 1.55 25.55 31.74
N SER A 355 1.67 24.69 32.76
CA SER A 355 2.48 23.50 32.63
C SER A 355 1.76 22.46 31.76
N MET A 356 0.46 22.29 32.02
CA MET A 356 -0.31 21.28 31.34
C MET A 356 -0.45 21.67 29.87
N PHE A 357 -0.68 22.97 29.63
CA PHE A 357 -0.79 23.44 28.26
C PHE A 357 0.55 23.36 27.55
N SER A 358 1.59 23.91 28.18
CA SER A 358 2.86 23.98 27.47
C SER A 358 3.40 22.59 27.11
N ASN A 359 3.14 21.58 27.96
CA ASN A 359 3.61 20.23 27.67
C ASN A 359 2.86 19.60 26.51
N LEU A 360 1.57 19.94 26.40
CA LEU A 360 0.76 19.37 25.35
C LEU A 360 1.23 19.95 24.03
N ILE A 361 1.37 21.28 23.95
CA ILE A 361 1.64 21.91 22.66
C ILE A 361 3.12 21.72 22.36
N GLY A 362 3.93 21.64 23.43
CA GLY A 362 5.35 21.34 23.30
C GLY A 362 5.62 19.90 22.80
N GLY A 363 4.62 19.03 22.84
CA GLY A 363 4.87 17.68 22.33
C GLY A 363 4.95 17.60 20.80
N ILE A 364 4.63 18.71 20.12
CA ILE A 364 4.40 18.67 18.67
C ILE A 364 5.68 18.15 18.02
N GLY A 365 5.52 17.13 17.17
CA GLY A 365 6.65 16.66 16.40
C GLY A 365 6.35 16.64 14.90
N TYR A 366 7.42 16.50 14.12
CA TYR A 366 7.39 16.23 12.71
C TYR A 366 8.06 14.87 12.49
N PHE A 367 7.30 13.94 11.91
CA PHE A 367 7.75 12.57 11.68
C PHE A 367 7.71 12.28 10.18
N TYR A 368 8.62 11.41 9.73
CA TYR A 368 8.78 11.19 8.31
C TYR A 368 9.38 9.82 8.10
N GLY A 369 8.81 9.05 7.15
CA GLY A 369 9.36 7.73 6.81
C GLY A 369 8.30 6.74 6.36
N HIS A 370 8.72 5.49 6.20
CA HIS A 370 7.85 4.40 5.81
C HIS A 370 7.11 3.87 7.04
N SER A 371 5.91 3.33 6.82
CA SER A 371 5.12 2.61 7.81
C SER A 371 4.94 1.17 7.38
N LEU A 372 4.64 0.30 8.37
CA LEU A 372 4.43 -1.12 8.17
C LEU A 372 2.94 -1.45 8.12
N VAL A 373 2.47 -1.93 6.95
CA VAL A 373 1.05 -2.11 6.68
C VAL A 373 0.80 -3.48 6.01
N ASP A 374 -0.23 -4.17 6.48
CA ASP A 374 -0.68 -5.38 5.84
C ASP A 374 -1.70 -4.97 4.79
N ARG A 375 -1.33 -5.06 3.51
CA ARG A 375 -2.25 -4.71 2.42
C ARG A 375 -2.81 -5.98 1.76
N SER A 376 -2.82 -7.11 2.49
CA SER A 376 -3.34 -8.33 1.94
C SER A 376 -4.86 -8.23 1.77
N TYR A 377 -5.53 -7.43 2.61
CA TYR A 377 -6.97 -7.46 2.75
C TYR A 377 -7.44 -8.91 2.79
N ALA A 378 -6.79 -9.72 3.64
CA ALA A 378 -7.20 -11.11 3.75
C ALA A 378 -8.71 -11.17 4.03
N PRO A 379 -9.45 -12.11 3.41
CA PRO A 379 -10.90 -12.22 3.67
C PRO A 379 -11.23 -12.48 5.14
N GLU A 380 -10.29 -13.10 5.87
CA GLU A 380 -10.44 -13.32 7.30
C GLU A 380 -10.67 -12.00 8.01
N TYR A 381 -10.17 -10.88 7.45
CA TYR A 381 -10.30 -9.62 8.16
C TYR A 381 -11.73 -9.11 8.09
N ASP A 382 -12.56 -9.71 7.25
CA ASP A 382 -13.95 -9.28 7.12
C ASP A 382 -14.71 -9.60 8.41
N GLU A 383 -14.21 -10.61 9.15
CA GLU A 383 -14.78 -11.04 10.41
C GLU A 383 -16.29 -11.23 10.25
N GLU A 384 -16.70 -12.19 9.39
CA GLU A 384 -18.12 -12.42 9.17
C GLU A 384 -18.58 -13.71 9.83
N ASN A 385 -17.62 -14.53 10.28
CA ASN A 385 -17.95 -15.78 10.93
C ASN A 385 -17.93 -15.64 12.46
N GLU A 386 -18.64 -16.55 13.14
CA GLU A 386 -18.38 -16.82 14.54
C GLU A 386 -16.94 -17.28 14.69
N GLY A 387 -16.25 -16.79 15.73
CA GLY A 387 -14.89 -17.25 16.01
C GLY A 387 -13.84 -16.55 15.14
N PHE A 388 -14.25 -15.42 14.53
CA PHE A 388 -13.44 -14.65 13.57
C PHE A 388 -12.05 -14.33 14.12
N TRP A 389 -11.90 -14.23 15.45
CA TRP A 389 -10.63 -13.76 15.97
C TRP A 389 -9.52 -14.75 15.62
N GLU A 390 -9.87 -16.04 15.54
CA GLU A 390 -8.90 -17.09 15.21
C GLU A 390 -8.56 -17.05 13.73
N ASP A 391 -9.55 -16.77 12.88
CA ASP A 391 -9.30 -16.58 11.46
C ASP A 391 -8.32 -15.42 11.23
N ALA A 392 -8.63 -14.25 11.81
CA ALA A 392 -7.82 -13.05 11.64
C ALA A 392 -6.39 -13.26 12.14
N ALA A 393 -6.25 -14.02 13.23
CA ALA A 393 -4.92 -14.35 13.73
C ALA A 393 -4.15 -15.19 12.70
N GLU A 394 -4.85 -16.12 12.05
CA GLU A 394 -4.23 -16.92 11.01
C GLU A 394 -3.69 -16.02 9.90
N ALA A 395 -4.52 -15.08 9.43
CA ALA A 395 -4.12 -14.13 8.39
C ALA A 395 -2.88 -13.33 8.83
N ARG A 396 -2.92 -12.78 10.06
CA ARG A 396 -1.80 -12.03 10.59
C ARG A 396 -0.55 -12.91 10.54
N ALA A 397 -0.71 -14.23 10.75
CA ALA A 397 0.45 -15.11 10.82
C ALA A 397 1.02 -15.37 9.42
N ARG A 398 0.36 -14.87 8.38
CA ARG A 398 0.93 -14.93 7.04
C ARG A 398 2.04 -13.89 6.90
N HIS A 399 2.01 -12.81 7.71
CA HIS A 399 2.96 -11.70 7.70
C HIS A 399 3.20 -11.17 6.29
N GLN A 400 2.15 -10.67 5.64
CA GLN A 400 2.21 -10.08 4.31
C GLN A 400 2.47 -8.58 4.42
N GLU A 401 2.55 -8.06 5.65
CA GLU A 401 2.76 -6.63 5.82
C GLU A 401 4.10 -6.27 5.16
N ALA A 402 4.17 -5.08 4.59
CA ALA A 402 5.39 -4.55 4.02
C ALA A 402 5.52 -3.05 4.30
N LEU A 403 6.74 -2.52 4.20
CA LEU A 403 6.90 -1.07 4.34
C LEU A 403 6.30 -0.35 3.13
N GLU A 404 5.65 0.77 3.41
CA GLU A 404 5.18 1.65 2.34
C GLU A 404 5.36 3.09 2.81
N GLY A 405 5.33 4.02 1.84
CA GLY A 405 5.45 5.45 2.10
C GLY A 405 6.41 6.08 1.09
N PRO A 406 7.24 7.08 1.48
CA PRO A 406 7.27 7.57 2.85
C PRO A 406 6.05 8.44 3.11
N TYR A 407 5.69 8.57 4.38
CA TYR A 407 4.68 9.50 4.86
C TYR A 407 5.34 10.56 5.72
N GLU A 408 4.68 11.70 5.84
CA GLU A 408 5.07 12.64 6.87
C GLU A 408 3.84 12.90 7.73
N LEU A 409 4.08 13.38 8.95
CA LEU A 409 3.02 13.81 9.86
C LEU A 409 3.58 14.86 10.80
N PHE A 410 2.80 15.94 10.92
CA PHE A 410 2.98 17.01 11.89
C PHE A 410 1.87 16.85 12.91
N THR A 411 2.23 16.43 14.13
CA THR A 411 1.22 16.11 15.12
C THR A 411 1.72 16.33 16.54
N SER A 412 0.79 16.58 17.46
CA SER A 412 1.10 16.47 18.87
C SER A 412 1.03 14.98 19.25
N ILE A 413 1.45 14.61 20.46
CA ILE A 413 1.65 13.20 20.81
C ILE A 413 1.17 12.97 22.24
N PRO A 414 0.83 11.73 22.65
CA PRO A 414 0.44 11.50 24.03
C PRO A 414 1.57 11.46 25.04
N SER A 415 2.74 10.90 24.68
CA SER A 415 3.71 10.55 25.69
C SER A 415 5.14 10.61 25.13
N ARG A 416 5.92 11.61 25.56
CA ARG A 416 7.30 11.76 25.11
C ARG A 416 8.10 10.51 25.47
N PRO A 417 8.15 10.04 26.73
CA PRO A 417 8.96 8.87 27.06
C PRO A 417 8.48 7.54 26.49
N PHE A 418 7.16 7.35 26.33
CA PHE A 418 6.71 5.98 26.06
C PHE A 418 6.14 5.76 24.66
N PHE A 419 5.40 6.74 24.11
CA PHE A 419 4.88 6.58 22.77
C PHE A 419 4.83 7.93 22.04
N PRO A 420 5.98 8.47 21.62
CA PRO A 420 6.00 9.82 21.09
C PRO A 420 5.66 9.75 19.61
N ARG A 421 4.38 9.56 19.31
CA ARG A 421 3.95 9.44 17.92
C ARG A 421 2.45 9.67 17.85
N GLY A 422 1.95 9.87 16.63
CA GLY A 422 0.55 10.22 16.38
C GLY A 422 -0.39 9.07 16.70
N PHE A 423 -1.40 9.34 17.53
CA PHE A 423 -2.55 8.45 17.70
C PHE A 423 -3.82 9.19 17.32
N LEU A 424 -4.69 8.52 16.54
CA LEU A 424 -5.72 9.18 15.76
C LEU A 424 -6.80 9.79 16.67
N TRP A 425 -7.47 8.99 17.52
CA TRP A 425 -8.50 9.62 18.36
C TRP A 425 -7.92 10.49 19.48
N ASP A 426 -6.64 10.27 19.85
CA ASP A 426 -5.99 11.10 20.85
C ASP A 426 -5.90 12.53 20.30
N GLU A 427 -5.61 12.63 19.00
CA GLU A 427 -5.27 13.92 18.42
C GLU A 427 -6.50 14.81 18.41
N GLY A 428 -7.67 14.20 18.23
CA GLY A 428 -8.93 14.90 18.43
C GLY A 428 -9.00 15.66 19.76
N PHE A 429 -8.48 15.07 20.83
CA PHE A 429 -8.53 15.71 22.13
C PHE A 429 -7.40 16.69 22.29
N HIS A 430 -6.20 16.36 21.79
CA HIS A 430 -5.03 17.23 21.93
C HIS A 430 -5.33 18.60 21.32
N LEU A 431 -6.03 18.61 20.18
CA LEU A 431 -6.16 19.84 19.41
C LEU A 431 -7.24 20.74 20.00
N LEU A 432 -7.99 20.27 20.99
CA LEU A 432 -9.06 21.13 21.48
C LEU A 432 -8.48 22.36 22.18
N PRO A 433 -7.51 22.21 23.12
CA PRO A 433 -6.87 23.38 23.69
C PRO A 433 -5.90 24.03 22.71
N ILE A 434 -5.30 23.23 21.82
CA ILE A 434 -4.37 23.81 20.86
C ILE A 434 -5.12 24.78 19.93
N ALA A 435 -6.35 24.45 19.55
CA ALA A 435 -7.13 25.24 18.60
C ALA A 435 -7.47 26.58 19.23
N ASP A 436 -7.78 26.54 20.53
CA ASP A 436 -8.04 27.78 21.27
C ASP A 436 -6.85 28.69 21.06
N TRP A 437 -5.65 28.13 21.27
CA TRP A 437 -4.41 28.88 21.28
C TRP A 437 -4.07 29.44 19.90
N ASP A 438 -4.33 28.66 18.86
CA ASP A 438 -3.82 28.90 17.51
C ASP A 438 -4.56 27.97 16.57
N ILE A 439 -5.74 28.43 16.12
CA ILE A 439 -6.62 27.65 15.24
C ILE A 439 -5.87 27.28 13.96
N ASP A 440 -4.98 28.16 13.50
CA ASP A 440 -4.28 27.85 12.25
C ASP A 440 -3.34 26.68 12.48
N LEU A 441 -2.76 26.60 13.68
CA LEU A 441 -1.90 25.49 14.01
C LEU A 441 -2.73 24.20 13.96
N ALA A 442 -3.90 24.21 14.61
CA ALA A 442 -4.71 23.00 14.75
C ALA A 442 -5.10 22.49 13.35
N LEU A 443 -5.42 23.43 12.45
CA LEU A 443 -5.85 23.10 11.10
C LEU A 443 -4.71 22.49 10.30
N GLU A 444 -3.49 22.98 10.51
CA GLU A 444 -2.32 22.39 9.88
C GLU A 444 -2.25 20.92 10.28
N ILE A 445 -2.46 20.68 11.56
CA ILE A 445 -2.26 19.35 12.09
C ILE A 445 -3.40 18.48 11.54
N ILE A 446 -4.64 19.02 11.51
CA ILE A 446 -5.74 18.28 10.91
C ILE A 446 -5.40 17.92 9.47
N LYS A 447 -4.90 18.91 8.71
CA LYS A 447 -4.60 18.73 7.30
C LYS A 447 -3.52 17.67 7.17
N SER A 448 -2.51 17.77 8.05
CA SER A 448 -1.45 16.79 8.03
C SER A 448 -2.04 15.38 8.21
N TRP A 449 -2.95 15.22 9.17
CA TRP A 449 -3.54 13.92 9.43
C TRP A 449 -4.33 13.46 8.21
N TYR A 450 -5.11 14.36 7.61
CA TYR A 450 -5.96 13.90 6.53
C TYR A 450 -5.16 13.54 5.27
N ASN A 451 -3.94 14.11 5.13
CA ASN A 451 -3.14 13.82 3.95
C ASN A 451 -2.58 12.41 4.01
N LEU A 452 -2.78 11.71 5.13
CA LEU A 452 -2.35 10.32 5.19
C LEU A 452 -3.43 9.43 4.59
N MET A 453 -4.67 9.92 4.46
CA MET A 453 -5.78 9.00 4.18
C MET A 453 -5.57 8.36 2.80
N ASP A 454 -5.72 7.03 2.74
CA ASP A 454 -5.55 6.28 1.50
C ASP A 454 -6.81 6.39 0.63
N GLU A 455 -6.81 5.70 -0.52
CA GLU A 455 -7.86 5.87 -1.53
C GLU A 455 -9.21 5.39 -1.01
N ASP A 456 -9.22 4.45 -0.05
CA ASP A 456 -10.46 3.89 0.50
C ASP A 456 -11.11 4.80 1.54
N GLY A 457 -10.34 5.74 2.12
CA GLY A 457 -10.80 6.50 3.28
C GLY A 457 -10.15 6.09 4.61
N TRP A 458 -9.04 5.32 4.58
CA TRP A 458 -8.44 4.82 5.81
C TRP A 458 -7.23 5.67 6.23
N ILE A 459 -7.22 6.09 7.50
CA ILE A 459 -6.01 6.57 8.19
C ILE A 459 -5.66 5.58 9.29
N ALA A 460 -4.41 5.08 9.31
CA ALA A 460 -3.95 4.17 10.36
C ALA A 460 -4.09 4.88 11.72
N ARG A 461 -4.55 4.11 12.75
CA ARG A 461 -4.90 4.67 14.05
C ARG A 461 -3.62 5.10 14.79
N GLU A 462 -2.44 4.64 14.31
CA GLU A 462 -1.20 4.76 15.06
C GLU A 462 -0.10 4.94 14.02
N GLN A 463 0.53 6.11 14.02
CA GLN A 463 1.44 6.49 12.97
C GLN A 463 2.88 6.33 13.44
N ILE A 464 3.53 5.23 13.01
CA ILE A 464 4.92 4.88 13.30
C ILE A 464 5.75 5.06 12.02
N LEU A 465 6.36 6.25 11.88
CA LEU A 465 6.91 6.73 10.62
C LEU A 465 8.45 6.73 10.66
N GLY A 466 9.07 5.82 9.90
CA GLY A 466 10.52 5.83 9.78
C GLY A 466 11.22 4.99 10.83
N ALA A 467 12.50 4.69 10.59
CA ALA A 467 13.22 3.71 11.39
C ALA A 467 13.45 4.27 12.80
N GLU A 468 13.65 5.58 12.90
CA GLU A 468 13.73 6.23 14.20
C GLU A 468 12.47 5.96 15.01
N ALA A 469 11.27 6.20 14.48
CA ALA A 469 10.05 5.96 15.25
C ALA A 469 9.90 4.49 15.61
N ARG A 470 10.24 3.61 14.65
CA ARG A 470 10.15 2.17 14.80
C ARG A 470 11.04 1.64 15.92
N SER A 471 12.11 2.38 16.26
CA SER A 471 13.10 1.84 17.18
C SER A 471 12.45 1.59 18.55
N LYS A 472 11.45 2.43 18.86
CA LYS A 472 10.75 2.53 20.13
C LYS A 472 9.55 1.57 20.20
N VAL A 473 9.44 0.61 19.26
CA VAL A 473 8.22 -0.16 19.09
C VAL A 473 8.57 -1.59 18.69
N PRO A 474 8.10 -2.61 19.43
CA PRO A 474 8.35 -4.00 19.06
C PRO A 474 7.65 -4.29 17.74
N LYS A 475 8.30 -5.15 16.93
CA LYS A 475 7.94 -5.48 15.56
C LYS A 475 6.46 -5.90 15.49
N GLU A 476 6.05 -6.73 16.47
CA GLU A 476 4.72 -7.31 16.59
C GLU A 476 3.64 -6.23 16.71
N PHE A 477 4.03 -5.01 17.09
CA PHE A 477 3.05 -3.96 17.32
C PHE A 477 3.20 -2.82 16.30
N GLN A 478 4.07 -2.99 15.28
CA GLN A 478 4.21 -1.94 14.27
C GLN A 478 3.08 -1.99 13.22
N THR A 479 2.64 -3.21 12.86
CA THR A 479 1.80 -3.47 11.69
C THR A 479 0.45 -2.78 11.81
N GLN A 480 0.10 -1.98 10.80
CA GLN A 480 -1.22 -1.34 10.73
C GLN A 480 -2.11 -2.13 9.76
N TYR A 481 -3.42 -2.11 10.06
CA TYR A 481 -4.46 -2.92 9.44
C TYR A 481 -5.53 -2.00 8.83
N PRO A 482 -5.69 -2.02 7.49
CA PRO A 482 -6.65 -1.15 6.81
C PRO A 482 -8.10 -1.27 7.28
N HIS A 483 -8.45 -2.36 7.97
CA HIS A 483 -9.80 -2.49 8.50
C HIS A 483 -9.96 -1.97 9.94
N TYR A 484 -8.91 -1.38 10.52
CA TYR A 484 -8.96 -0.94 11.91
C TYR A 484 -9.24 0.55 11.99
N ALA A 485 -10.42 0.94 12.50
CA ALA A 485 -10.77 2.33 12.72
C ALA A 485 -10.24 2.77 14.08
N ASN A 486 -10.59 4.01 14.48
CA ASN A 486 -10.38 4.63 15.79
C ASN A 486 -11.41 5.77 15.85
N PRO A 487 -11.88 6.24 17.04
CA PRO A 487 -12.88 7.30 17.04
C PRO A 487 -12.49 8.50 16.21
N PRO A 488 -13.45 9.08 15.42
CA PRO A 488 -13.21 10.26 14.61
C PRO A 488 -13.28 11.57 15.41
N THR A 489 -12.46 11.68 16.46
CA THR A 489 -12.51 12.82 17.36
C THR A 489 -11.97 14.10 16.73
N LEU A 490 -11.22 13.99 15.63
CA LEU A 490 -10.83 15.20 14.93
C LEU A 490 -12.05 16.00 14.45
N PHE A 491 -13.21 15.36 14.26
CA PHE A 491 -14.40 16.12 13.88
C PHE A 491 -14.81 17.08 15.00
N LEU A 492 -14.54 16.73 16.26
CA LEU A 492 -14.90 17.62 17.35
C LEU A 492 -14.16 18.95 17.17
N VAL A 493 -12.90 18.87 16.72
CA VAL A 493 -12.13 20.08 16.60
C VAL A 493 -12.74 20.90 15.46
N LEU A 494 -13.07 20.18 14.38
CA LEU A 494 -13.67 20.80 13.20
C LEU A 494 -14.97 21.49 13.60
N ASP A 495 -15.78 20.84 14.46
CA ASP A 495 -17.01 21.43 14.97
C ASP A 495 -16.73 22.75 15.66
N ASN A 496 -15.57 22.86 16.34
CA ASN A 496 -15.25 24.05 17.11
C ASN A 496 -14.86 25.19 16.19
N PHE A 497 -14.16 24.84 15.11
CA PHE A 497 -13.72 25.80 14.12
C PHE A 497 -14.95 26.37 13.42
N VAL A 498 -15.88 25.48 13.05
CA VAL A 498 -17.15 25.81 12.42
C VAL A 498 -17.91 26.84 13.25
N GLU A 499 -18.08 26.60 14.56
CA GLU A 499 -18.79 27.53 15.43
C GLU A 499 -18.06 28.88 15.44
N ARG A 500 -16.73 28.83 15.43
CA ARG A 500 -15.94 30.05 15.44
C ARG A 500 -16.05 30.79 14.10
N LEU A 501 -16.16 30.04 13.00
CA LEU A 501 -16.23 30.62 11.67
C LEU A 501 -17.55 31.37 11.47
N ARG A 502 -18.61 30.86 12.10
CA ARG A 502 -19.95 31.41 12.04
C ARG A 502 -20.06 32.70 12.88
N LYS A 503 -19.48 32.73 14.10
CA LYS A 503 -19.47 33.93 14.93
C LYS A 503 -18.11 34.66 14.83
N LEU A 517 2.87 39.38 13.23
CA LEU A 517 2.33 38.48 12.18
C LEU A 517 2.07 37.09 12.79
N ASP A 518 2.68 36.85 13.95
CA ASP A 518 2.48 35.61 14.70
C ASP A 518 1.13 35.66 15.41
N GLU A 519 0.69 36.87 15.81
CA GLU A 519 -0.63 37.09 16.38
C GLU A 519 -1.70 36.93 15.29
N THR A 520 -1.46 37.56 14.13
CA THR A 520 -2.34 37.53 12.96
C THR A 520 -2.49 36.10 12.44
N LEU A 521 -1.36 35.41 12.24
CA LEU A 521 -1.31 34.09 11.62
C LEU A 521 -2.11 33.07 12.42
N SER A 522 -1.96 33.11 13.74
CA SER A 522 -2.68 32.20 14.61
C SER A 522 -4.17 32.13 14.25
N THR A 523 -4.78 33.24 13.81
CA THR A 523 -6.24 33.29 13.63
C THR A 523 -6.70 33.68 12.23
N ALA A 524 -5.83 33.53 11.22
CA ALA A 524 -6.17 33.96 9.88
C ALA A 524 -7.27 33.10 9.27
N SER A 525 -7.46 31.87 9.77
CA SER A 525 -8.46 31.02 9.16
C SER A 525 -9.86 31.35 9.66
N VAL A 526 -9.96 32.14 10.75
CA VAL A 526 -11.27 32.58 11.22
C VAL A 526 -11.54 34.04 10.83
N ASP A 527 -10.50 34.88 10.80
CA ASP A 527 -10.61 36.31 10.54
C ASP A 527 -10.78 36.60 9.05
N ASN A 528 -10.51 35.61 8.19
CA ASN A 528 -10.78 35.71 6.77
C ASN A 528 -11.76 34.60 6.42
N PRO A 529 -13.09 34.88 6.41
CA PRO A 529 -14.09 33.82 6.26
C PRO A 529 -13.84 32.99 5.00
N GLU A 530 -13.21 33.62 3.99
CA GLU A 530 -12.99 32.95 2.71
C GLU A 530 -11.84 31.95 2.85
N VAL A 531 -10.79 32.31 3.60
CA VAL A 531 -9.72 31.40 3.94
C VAL A 531 -10.29 30.12 4.57
N GLY A 532 -11.03 30.30 5.68
CA GLY A 532 -11.70 29.21 6.37
C GLY A 532 -12.46 28.27 5.45
N LEU A 533 -13.21 28.85 4.50
CA LEU A 533 -14.17 28.11 3.69
C LEU A 533 -13.43 27.25 2.67
N GLU A 534 -12.35 27.81 2.13
CA GLU A 534 -11.50 27.13 1.17
C GLU A 534 -10.86 25.92 1.88
N TYR A 535 -10.38 26.12 3.11
CA TYR A 535 -9.82 25.02 3.87
C TYR A 535 -10.88 23.92 3.94
N LEU A 536 -12.11 24.29 4.35
CA LEU A 536 -13.19 23.35 4.50
C LEU A 536 -13.54 22.70 3.15
N ARG A 537 -13.56 23.52 2.08
CA ARG A 537 -13.81 23.06 0.73
C ARG A 537 -12.88 21.89 0.39
N ARG A 538 -11.59 22.05 0.68
CA ARG A 538 -10.60 21.06 0.24
C ARG A 538 -10.60 19.83 1.14
N LEU A 539 -11.02 19.97 2.39
CA LEU A 539 -10.95 18.87 3.35
C LEU A 539 -12.23 18.04 3.25
N TYR A 540 -13.35 18.75 3.05
CA TYR A 540 -14.68 18.19 2.97
C TYR A 540 -14.67 16.83 2.26
N PRO A 541 -14.12 16.70 1.04
CA PRO A 541 -14.15 15.41 0.36
C PRO A 541 -13.45 14.28 1.10
N LEU A 542 -12.46 14.60 1.93
CA LEU A 542 -11.74 13.55 2.66
C LEU A 542 -12.59 13.13 3.86
N LEU A 543 -13.25 14.12 4.48
CA LEU A 543 -14.16 13.86 5.58
C LEU A 543 -15.26 12.93 5.07
N ARG A 544 -15.79 13.25 3.88
CA ARG A 544 -16.84 12.42 3.30
C ARG A 544 -16.30 11.02 3.02
N ARG A 545 -15.08 10.97 2.45
CA ARG A 545 -14.45 9.69 2.19
C ARG A 545 -14.39 8.87 3.49
N GLN A 546 -13.99 9.52 4.62
CA GLN A 546 -13.84 8.80 5.87
C GLN A 546 -15.20 8.34 6.38
N PHE A 547 -16.21 9.19 6.23
CA PHE A 547 -17.55 8.81 6.64
C PHE A 547 -17.97 7.52 5.94
N ASP A 548 -17.76 7.48 4.62
CA ASP A 548 -18.24 6.39 3.80
C ASP A 548 -17.47 5.13 4.16
N TRP A 549 -16.19 5.34 4.51
CA TRP A 549 -15.29 4.25 4.85
C TRP A 549 -15.76 3.54 6.11
N PHE A 550 -16.20 4.31 7.11
CA PHE A 550 -16.77 3.79 8.35
C PHE A 550 -17.97 2.89 8.04
N ARG A 551 -18.84 3.40 7.14
CA ARG A 551 -20.08 2.71 6.79
C ARG A 551 -19.82 1.50 5.91
N LYS A 552 -18.69 1.47 5.20
CA LYS A 552 -18.35 0.30 4.41
C LYS A 552 -17.61 -0.72 5.28
N THR A 553 -16.73 -0.27 6.17
CA THR A 553 -15.84 -1.25 6.77
C THR A 553 -16.32 -1.65 8.16
N GLN A 554 -17.08 -0.76 8.83
CA GLN A 554 -17.47 -1.03 10.22
C GLN A 554 -19.00 -1.20 10.34
N ALA A 555 -19.63 -1.81 9.32
CA ALA A 555 -21.08 -1.97 9.24
C ALA A 555 -21.52 -3.10 10.17
N GLY A 556 -22.57 -2.83 10.95
CA GLY A 556 -23.18 -3.93 11.67
C GLY A 556 -24.27 -4.60 10.84
N ASP A 557 -24.69 -5.77 11.31
CA ASP A 557 -25.65 -6.61 10.63
C ASP A 557 -27.04 -6.53 11.27
N ILE A 558 -27.94 -5.77 10.64
CA ILE A 558 -29.36 -5.80 10.99
C ILE A 558 -30.11 -6.88 10.20
N LYS A 559 -30.02 -6.85 8.86
CA LYS A 559 -30.93 -7.55 7.97
C LYS A 559 -30.86 -9.08 8.14
N SER A 560 -29.82 -9.61 8.79
CA SER A 560 -29.60 -11.05 8.69
C SER A 560 -30.11 -11.81 9.92
N TYR A 561 -30.82 -11.11 10.81
CA TYR A 561 -31.15 -11.64 12.13
C TYR A 561 -32.60 -11.31 12.45
N ASP A 562 -33.08 -11.80 13.61
CA ASP A 562 -34.40 -11.39 14.11
C ASP A 562 -34.30 -10.01 14.78
N ARG A 563 -34.24 -8.95 13.97
CA ARG A 563 -33.89 -7.62 14.44
C ARG A 563 -34.81 -6.58 13.78
N GLU A 564 -35.51 -5.79 14.60
CA GLU A 564 -36.44 -4.79 14.09
C GLU A 564 -36.01 -3.40 14.58
N ALA A 565 -36.13 -2.41 13.69
CA ALA A 565 -35.64 -1.07 13.98
C ALA A 565 -36.04 -0.16 12.84
N TYR A 566 -36.13 1.14 13.12
CA TYR A 566 -36.67 2.15 12.24
C TYR A 566 -35.93 2.17 10.91
N SER A 567 -34.61 1.90 10.95
CA SER A 567 -33.75 1.91 9.78
C SER A 567 -33.20 0.52 9.51
N THR A 568 -33.11 0.13 8.23
CA THR A 568 -32.50 -1.16 7.92
C THR A 568 -30.97 -1.02 7.84
N LYS A 569 -30.50 0.23 7.79
CA LYS A 569 -29.16 0.60 7.35
C LYS A 569 -28.22 0.88 8.52
N GLU A 570 -28.71 1.55 9.59
CA GLU A 570 -27.85 2.16 10.61
C GLU A 570 -27.53 1.19 11.74
N ALA A 571 -26.35 0.57 11.69
CA ALA A 571 -25.84 -0.26 12.78
C ALA A 571 -24.35 -0.48 12.54
N TYR A 572 -23.55 -0.47 13.64
CA TYR A 572 -22.10 -0.48 13.50
C TYR A 572 -21.41 -1.50 14.40
N ARG A 573 -20.27 -2.04 13.93
CA ARG A 573 -19.50 -2.94 14.74
C ARG A 573 -18.01 -2.71 14.48
N TRP A 574 -17.26 -2.30 15.52
CA TRP A 574 -15.81 -2.12 15.43
C TRP A 574 -15.17 -3.43 14.95
N ARG A 575 -14.37 -3.33 13.88
CA ARG A 575 -13.54 -4.46 13.48
C ARG A 575 -12.34 -4.52 14.39
N GLY A 576 -11.80 -5.75 14.58
CA GLY A 576 -10.53 -5.97 15.25
C GLY A 576 -10.63 -6.35 16.72
N ARG A 577 -11.78 -6.87 17.14
CA ARG A 577 -11.82 -7.21 18.55
C ARG A 577 -11.30 -8.62 18.78
N THR A 578 -10.62 -8.78 19.92
CA THR A 578 -10.24 -10.09 20.43
C THR A 578 -11.14 -10.48 21.60
N VAL A 579 -10.86 -11.64 22.22
CA VAL A 579 -11.73 -12.15 23.26
C VAL A 579 -11.81 -11.10 24.38
N SER A 580 -10.69 -10.43 24.68
CA SER A 580 -10.63 -9.58 25.85
C SER A 580 -10.54 -8.10 25.50
N HIS A 581 -10.24 -7.77 24.24
CA HIS A 581 -9.94 -6.38 23.91
C HIS A 581 -10.84 -5.88 22.80
N CYS A 582 -10.92 -4.55 22.69
CA CYS A 582 -11.36 -3.88 21.48
C CYS A 582 -10.53 -2.60 21.26
N LEU A 583 -9.30 -2.76 20.77
CA LEU A 583 -8.29 -1.69 20.73
C LEU A 583 -8.77 -0.54 19.86
N THR A 584 -9.57 -0.85 18.83
CA THR A 584 -9.94 0.15 17.83
C THR A 584 -10.90 1.18 18.43
N SER A 585 -11.69 0.77 19.41
CA SER A 585 -12.67 1.71 19.98
C SER A 585 -11.96 2.78 20.81
N GLY A 586 -10.69 2.51 21.15
CA GLY A 586 -9.97 3.38 22.07
C GLY A 586 -10.14 2.94 23.54
N LEU A 587 -11.19 2.16 23.85
CA LEU A 587 -11.40 1.74 25.24
C LEU A 587 -10.94 0.31 25.43
N ASP A 588 -9.62 0.11 25.51
CA ASP A 588 -8.94 -1.15 25.28
C ASP A 588 -9.74 -2.34 25.82
N ASP A 589 -9.98 -2.40 27.14
CA ASP A 589 -10.48 -3.62 27.75
C ASP A 589 -11.84 -3.35 28.39
N TYR A 590 -12.51 -2.27 27.95
CA TYR A 590 -13.86 -2.07 28.43
C TYR A 590 -14.63 -3.34 28.06
N PRO A 591 -15.45 -3.91 28.97
CA PRO A 591 -16.13 -5.19 28.72
C PRO A 591 -17.16 -5.06 27.58
N ARG A 592 -17.11 -6.04 26.67
CA ARG A 592 -17.98 -6.07 25.50
C ARG A 592 -18.71 -7.44 25.48
N PRO A 593 -19.72 -7.68 24.60
CA PRO A 593 -20.33 -9.01 24.54
C PRO A 593 -19.29 -10.13 24.47
N GLN A 594 -19.58 -11.22 25.20
CA GLN A 594 -18.73 -12.41 25.19
C GLN A 594 -19.58 -13.59 24.72
N PRO A 595 -19.13 -14.36 23.70
CA PRO A 595 -17.85 -14.09 23.05
C PRO A 595 -18.06 -13.01 21.99
N PRO A 596 -17.00 -12.48 21.36
CA PRO A 596 -17.18 -11.51 20.28
C PRO A 596 -17.95 -12.18 19.14
N HIS A 597 -18.67 -11.40 18.34
CA HIS A 597 -19.61 -12.06 17.44
C HIS A 597 -19.90 -11.14 16.27
N PRO A 598 -19.99 -11.67 15.01
CA PRO A 598 -20.28 -10.86 13.83
C PRO A 598 -21.59 -10.11 13.97
N GLY A 599 -22.40 -10.51 14.95
CA GLY A 599 -23.68 -9.90 15.20
C GLY A 599 -23.64 -8.74 16.19
N GLU A 600 -22.47 -8.54 16.85
CA GLU A 600 -22.32 -7.43 17.79
C GLU A 600 -22.64 -6.12 17.09
N LEU A 601 -23.22 -5.20 17.88
CA LEU A 601 -23.35 -3.79 17.58
C LEU A 601 -22.82 -3.01 18.78
N HIS A 602 -22.11 -1.91 18.52
CA HIS A 602 -21.42 -1.10 19.51
C HIS A 602 -22.01 0.31 19.53
N VAL A 603 -22.50 0.73 20.70
CA VAL A 603 -23.28 1.96 20.77
C VAL A 603 -22.34 3.17 20.65
N ASP A 604 -21.08 3.02 21.14
CA ASP A 604 -20.07 4.07 21.01
C ASP A 604 -19.78 4.37 19.53
N LEU A 605 -19.54 3.32 18.73
CA LEU A 605 -19.27 3.47 17.30
C LEU A 605 -20.41 4.20 16.59
N MET A 606 -21.65 3.78 16.84
CA MET A 606 -22.79 4.44 16.18
C MET A 606 -22.85 5.91 16.57
N SER A 607 -22.50 6.21 17.83
CA SER A 607 -22.50 7.59 18.32
C SER A 607 -21.46 8.42 17.59
N TRP A 608 -20.30 7.80 17.29
CA TRP A 608 -19.25 8.51 16.55
C TRP A 608 -19.75 8.82 15.14
N VAL A 609 -20.45 7.84 14.52
CA VAL A 609 -21.04 8.11 13.21
C VAL A 609 -22.00 9.30 13.34
N GLY A 610 -22.72 9.40 14.47
CA GLY A 610 -23.57 10.54 14.77
C GLY A 610 -22.77 11.84 14.79
N VAL A 611 -21.67 11.84 15.55
CA VAL A 611 -20.76 12.98 15.52
C VAL A 611 -20.44 13.35 14.08
N MET A 612 -20.07 12.36 13.26
CA MET A 612 -19.62 12.65 11.91
C MET A 612 -20.74 13.27 11.07
N VAL A 613 -21.96 12.68 11.06
CA VAL A 613 -23.00 13.23 10.20
C VAL A 613 -23.23 14.71 10.55
N LYS A 614 -23.25 15.00 11.85
CA LYS A 614 -23.65 16.32 12.28
C LYS A 614 -22.66 17.35 11.75
N SER A 615 -21.38 16.98 11.72
CA SER A 615 -20.29 17.83 11.26
C SER A 615 -20.44 18.08 9.77
N LEU A 616 -20.79 17.00 9.06
CA LEU A 616 -20.97 16.97 7.63
C LEU A 616 -22.19 17.79 7.22
N ILE A 617 -23.25 17.79 8.05
CA ILE A 617 -24.38 18.69 7.86
C ILE A 617 -23.87 20.13 7.86
N SER A 618 -23.10 20.51 8.90
CA SER A 618 -22.67 21.89 9.02
C SER A 618 -21.69 22.24 7.92
N ILE A 619 -20.81 21.30 7.54
CA ILE A 619 -19.79 21.65 6.55
C ILE A 619 -20.41 21.61 5.15
N GLY A 620 -21.15 20.53 4.85
CA GLY A 620 -22.05 20.49 3.71
C GLY A 620 -22.80 21.80 3.48
N SER A 621 -23.52 22.29 4.51
CA SER A 621 -24.24 23.55 4.42
C SER A 621 -23.32 24.67 3.92
N LEU A 622 -22.20 24.89 4.60
CA LEU A 622 -21.38 26.06 4.34
C LEU A 622 -20.87 26.05 2.90
N LEU A 623 -20.83 24.87 2.29
CA LEU A 623 -20.31 24.71 0.94
C LEU A 623 -21.45 24.58 -0.05
N GLY A 624 -22.69 24.60 0.46
CA GLY A 624 -23.91 24.41 -0.30
C GLY A 624 -23.96 23.05 -0.99
N ALA A 625 -23.48 22.00 -0.32
CA ALA A 625 -23.58 20.65 -0.86
C ALA A 625 -24.98 20.09 -0.57
N THR A 626 -25.97 20.71 -1.20
CA THR A 626 -27.40 20.49 -1.00
C THR A 626 -27.77 19.01 -1.02
N GLU A 627 -27.35 18.28 -2.07
CA GLU A 627 -27.71 16.89 -2.23
C GLU A 627 -27.12 16.06 -1.07
N ASP A 628 -25.86 16.33 -0.74
CA ASP A 628 -25.13 15.71 0.35
C ASP A 628 -25.87 15.94 1.66
N VAL A 629 -26.22 17.21 1.92
CA VAL A 629 -26.79 17.61 3.19
C VAL A 629 -28.16 16.97 3.41
N GLU A 630 -28.85 16.62 2.31
CA GLU A 630 -30.13 15.94 2.44
C GLU A 630 -29.91 14.49 2.83
N PHE A 631 -28.87 13.87 2.26
CA PHE A 631 -28.55 12.48 2.56
C PHE A 631 -28.14 12.34 4.03
N TYR A 632 -27.25 13.21 4.49
CA TYR A 632 -26.82 13.24 5.87
C TYR A 632 -28.02 13.35 6.83
N THR A 633 -28.97 14.22 6.49
CA THR A 633 -30.10 14.51 7.34
C THR A 633 -30.88 13.22 7.60
N LYS A 634 -30.99 12.39 6.55
CA LYS A 634 -31.72 11.15 6.64
C LYS A 634 -30.91 10.14 7.46
N VAL A 635 -29.58 10.19 7.33
CA VAL A 635 -28.74 9.30 8.12
C VAL A 635 -28.87 9.68 9.59
N LEU A 636 -28.82 10.98 9.88
CA LEU A 636 -28.85 11.44 11.27
C LEU A 636 -30.11 10.91 11.92
N ASP A 637 -31.24 11.19 11.25
CA ASP A 637 -32.56 10.90 11.74
C ASP A 637 -32.69 9.40 12.01
N ALA A 638 -32.08 8.56 11.17
CA ALA A 638 -32.12 7.12 11.39
C ALA A 638 -31.26 6.69 12.59
N ILE A 639 -30.11 7.34 12.79
CA ILE A 639 -29.22 6.97 13.89
C ILE A 639 -29.97 7.27 15.19
N GLU A 640 -30.61 8.46 15.22
CA GLU A 640 -31.38 8.89 16.39
C GLU A 640 -32.38 7.81 16.77
N HIS A 641 -33.15 7.33 15.78
CA HIS A 641 -34.11 6.26 16.06
C HIS A 641 -33.40 4.98 16.46
N ASN A 642 -32.37 4.58 15.68
CA ASN A 642 -31.80 3.25 15.83
C ASN A 642 -30.99 3.10 17.14
N LEU A 643 -30.39 4.20 17.62
CA LEU A 643 -29.77 4.19 18.94
C LEU A 643 -30.78 3.70 19.96
N ASP A 644 -32.02 4.21 19.87
CA ASP A 644 -33.05 3.80 20.81
C ASP A 644 -33.43 2.35 20.54
N ASP A 645 -33.74 2.04 19.27
CA ASP A 645 -34.33 0.76 18.89
C ASP A 645 -33.35 -0.38 19.14
N LEU A 646 -32.05 -0.12 18.91
CA LEU A 646 -31.09 -1.21 18.99
C LEU A 646 -30.24 -1.17 20.26
N HIS A 647 -30.16 0.00 20.92
CA HIS A 647 -29.17 0.13 21.97
C HIS A 647 -29.75 0.54 23.32
N TRP A 648 -30.98 1.07 23.36
CA TRP A 648 -31.54 1.53 24.64
C TRP A 648 -32.08 0.37 25.46
N SER A 649 -31.66 0.31 26.74
CA SER A 649 -32.24 -0.62 27.71
C SER A 649 -33.12 0.15 28.67
N GLU A 650 -34.44 -0.08 28.55
CA GLU A 650 -35.44 0.51 29.42
C GLU A 650 -35.32 -0.08 30.83
N LYS A 651 -35.00 -1.38 30.94
CA LYS A 651 -34.84 -2.09 32.20
C LYS A 651 -33.66 -1.53 33.00
N GLU A 652 -32.58 -1.14 32.29
CA GLU A 652 -31.31 -0.78 32.91
C GLU A 652 -31.16 0.73 33.06
N GLY A 653 -31.89 1.52 32.24
CA GLY A 653 -31.78 2.97 32.27
C GLY A 653 -30.52 3.53 31.58
N CYS A 654 -30.01 2.87 30.54
CA CYS A 654 -28.84 3.35 29.81
C CYS A 654 -28.76 2.67 28.44
N TYR A 655 -27.80 3.14 27.62
CA TYR A 655 -27.48 2.48 26.36
C TYR A 655 -26.56 1.30 26.63
N CYS A 656 -26.63 0.31 25.73
CA CYS A 656 -25.84 -0.89 25.84
C CYS A 656 -25.45 -1.37 24.44
N ASP A 657 -24.25 -1.95 24.33
CA ASP A 657 -23.84 -2.74 23.18
C ASP A 657 -24.85 -3.87 23.02
N ALA A 658 -24.82 -4.57 21.86
CA ALA A 658 -25.78 -5.63 21.54
C ALA A 658 -25.06 -6.80 20.88
N THR A 659 -25.56 -8.01 21.08
CA THR A 659 -25.04 -9.13 20.30
C THR A 659 -26.19 -9.90 19.70
N ILE A 660 -25.93 -11.17 19.41
CA ILE A 660 -27.00 -12.12 19.23
C ILE A 660 -26.66 -13.40 20.00
N ASP A 661 -27.73 -13.95 20.60
CA ASP A 661 -27.84 -15.09 21.50
C ASP A 661 -27.31 -16.37 20.90
N GLU A 662 -27.21 -17.41 21.74
CA GLU A 662 -27.08 -18.79 21.34
C GLU A 662 -28.26 -19.18 20.43
N PHE A 663 -29.34 -18.39 20.44
CA PHE A 663 -30.61 -18.74 19.80
C PHE A 663 -30.94 -17.75 18.68
N GLU A 664 -29.93 -16.97 18.25
CA GLU A 664 -30.00 -16.08 17.11
C GLU A 664 -30.90 -14.87 17.33
N GLU A 665 -31.12 -14.45 18.60
CA GLU A 665 -31.90 -13.24 18.84
C GLU A 665 -30.97 -12.14 19.40
N HIS A 666 -31.36 -10.89 19.12
CA HIS A 666 -30.73 -9.69 19.64
C HIS A 666 -30.84 -9.65 21.17
N LYS A 667 -29.70 -9.71 21.86
CA LYS A 667 -29.64 -9.50 23.30
C LYS A 667 -28.86 -8.22 23.52
N LEU A 668 -29.30 -7.41 24.49
CA LEU A 668 -28.50 -6.29 24.98
C LEU A 668 -27.51 -6.85 26.00
N VAL A 669 -26.33 -6.24 26.03
CA VAL A 669 -25.34 -6.60 27.03
C VAL A 669 -24.89 -5.30 27.71
N CYS A 670 -25.38 -5.09 28.95
CA CYS A 670 -25.14 -3.83 29.62
C CYS A 670 -23.98 -3.93 30.62
N HIS A 671 -23.07 -2.99 30.48
CA HIS A 671 -22.00 -2.81 31.43
C HIS A 671 -21.94 -1.31 31.65
N LYS A 672 -22.40 -0.89 32.83
CA LYS A 672 -22.59 0.51 33.11
C LYS A 672 -21.23 1.19 33.27
N GLY A 673 -21.02 2.20 32.46
CA GLY A 673 -19.78 2.94 32.44
C GLY A 673 -19.81 3.89 31.26
N TYR A 674 -18.62 4.28 30.78
CA TYR A 674 -18.49 5.30 29.75
C TYR A 674 -19.30 4.93 28.52
N ILE A 675 -19.16 3.68 28.06
CA ILE A 675 -19.85 3.21 26.87
C ILE A 675 -21.34 3.55 26.97
N SER A 676 -21.91 3.32 28.17
CA SER A 676 -23.34 3.40 28.44
C SER A 676 -23.87 4.82 28.22
N LEU A 677 -22.97 5.81 28.28
CA LEU A 677 -23.31 7.23 28.24
C LEU A 677 -23.11 7.80 26.85
N PHE A 678 -22.62 6.96 25.91
CA PHE A 678 -22.08 7.48 24.67
C PHE A 678 -22.98 8.46 23.91
N PRO A 679 -24.30 8.21 23.69
CA PRO A 679 -25.09 9.21 22.97
C PRO A 679 -25.11 10.59 23.65
N PHE A 680 -25.10 10.59 24.99
CA PHE A 680 -24.98 11.85 25.75
C PHE A 680 -23.60 12.48 25.54
N LEU A 681 -22.53 11.69 25.63
CA LEU A 681 -21.18 12.24 25.57
C LEU A 681 -20.94 12.89 24.20
N THR A 682 -21.56 12.34 23.15
CA THR A 682 -21.28 12.75 21.78
C THR A 682 -22.27 13.80 21.28
N GLY A 683 -23.12 14.28 22.21
CA GLY A 683 -23.93 15.46 21.95
C GLY A 683 -25.20 15.16 21.14
N LEU A 684 -25.67 13.91 21.19
CA LEU A 684 -26.65 13.43 20.22
C LEU A 684 -28.10 13.54 20.75
N LEU A 685 -28.27 13.68 22.08
CA LEU A 685 -29.56 13.58 22.75
C LEU A 685 -30.16 14.98 22.93
N LYS A 686 -31.48 15.07 22.75
CA LYS A 686 -32.24 16.30 22.97
C LYS A 686 -32.25 16.63 24.48
N PRO A 687 -32.14 17.94 24.84
CA PRO A 687 -32.03 18.33 26.24
C PRO A 687 -33.24 18.02 27.12
N ASP A 688 -34.37 17.64 26.49
CA ASP A 688 -35.59 17.28 27.20
C ASP A 688 -35.77 15.77 27.15
N SER A 689 -34.76 15.06 26.62
CA SER A 689 -34.86 13.61 26.50
C SER A 689 -35.00 12.98 27.88
N PRO A 690 -36.05 12.16 28.13
CA PRO A 690 -36.11 11.34 29.35
C PRO A 690 -34.93 10.36 29.45
N LYS A 691 -34.43 9.91 28.29
CA LYS A 691 -33.27 9.03 28.30
C LYS A 691 -32.10 9.79 28.93
N LEU A 692 -31.81 11.00 28.41
CA LEU A 692 -30.79 11.87 28.98
C LEU A 692 -30.90 11.96 30.51
N GLY A 693 -32.12 12.27 31.01
CA GLY A 693 -32.38 12.37 32.44
C GLY A 693 -31.95 11.10 33.18
N LYS A 694 -32.18 9.94 32.58
CA LYS A 694 -31.82 8.69 33.23
C LYS A 694 -30.29 8.55 33.28
N LEU A 695 -29.59 9.01 32.22
CA LEU A 695 -28.13 8.98 32.19
C LEU A 695 -27.56 9.95 33.23
N LEU A 696 -28.24 11.09 33.45
CA LEU A 696 -27.80 12.05 34.45
C LEU A 696 -27.83 11.40 35.84
N ALA A 697 -28.81 10.54 36.04
CA ALA A 697 -28.95 9.85 37.31
C ALA A 697 -27.82 8.83 37.46
N LEU A 698 -27.56 8.06 36.39
CA LEU A 698 -26.43 7.13 36.35
C LEU A 698 -25.11 7.88 36.59
N ILE A 699 -24.94 9.04 35.96
CA ILE A 699 -23.68 9.77 36.06
C ILE A 699 -23.43 10.24 37.49
N GLY A 700 -24.50 10.77 38.15
CA GLY A 700 -24.34 11.39 39.47
C GLY A 700 -24.33 10.39 40.62
N ASP A 701 -24.67 9.14 40.31
CA ASP A 701 -24.90 8.08 41.28
C ASP A 701 -23.55 7.54 41.80
N GLU A 702 -23.28 7.79 43.08
CA GLU A 702 -21.97 7.47 43.65
C GLU A 702 -21.69 5.97 43.65
N SER A 703 -22.75 5.16 43.74
CA SER A 703 -22.58 3.73 43.86
C SER A 703 -22.32 3.13 42.48
N GLU A 704 -22.46 3.95 41.42
CA GLU A 704 -22.19 3.48 40.07
C GLU A 704 -20.90 4.14 39.55
N LEU A 705 -21.04 5.32 38.91
CA LEU A 705 -19.96 5.98 38.19
C LEU A 705 -19.27 7.10 38.99
N TRP A 706 -19.96 7.72 39.96
CA TRP A 706 -19.49 9.01 40.49
C TRP A 706 -18.51 8.78 41.64
N SER A 707 -17.24 9.12 41.45
CA SER A 707 -16.28 8.98 42.54
C SER A 707 -15.95 10.40 42.95
N PRO A 708 -15.33 10.66 44.10
CA PRO A 708 -14.90 12.02 44.39
C PRO A 708 -13.86 12.56 43.42
N TYR A 709 -13.31 11.70 42.56
CA TYR A 709 -12.18 12.09 41.71
C TYR A 709 -12.58 12.19 40.25
N GLY A 710 -13.87 11.98 39.96
CA GLY A 710 -14.34 12.01 38.60
C GLY A 710 -15.17 10.77 38.29
N LEU A 711 -15.64 10.66 37.04
CA LEU A 711 -16.42 9.50 36.66
C LEU A 711 -15.50 8.33 36.43
N ARG A 712 -15.87 7.18 37.03
CA ARG A 712 -15.24 5.90 36.84
C ARG A 712 -15.60 5.38 35.45
N SER A 713 -14.61 4.79 34.78
CA SER A 713 -14.78 4.23 33.46
C SER A 713 -15.83 3.12 33.46
N LEU A 714 -15.87 2.32 34.53
CA LEU A 714 -16.81 1.22 34.72
C LEU A 714 -17.43 1.30 36.12
N SER A 715 -18.72 0.95 36.26
CA SER A 715 -19.43 0.97 37.55
C SER A 715 -18.86 -0.02 38.56
N LYS A 716 -18.90 0.37 39.84
CA LYS A 716 -18.47 -0.49 40.92
C LYS A 716 -19.44 -1.68 41.04
N LYS A 717 -20.65 -1.53 40.49
CA LYS A 717 -21.67 -2.57 40.46
C LYS A 717 -21.46 -3.55 39.30
N ASP A 718 -20.58 -3.22 38.35
CA ASP A 718 -20.39 -4.13 37.22
C ASP A 718 -19.52 -5.31 37.64
N GLU A 719 -19.85 -6.49 37.13
CA GLU A 719 -19.08 -7.69 37.45
C GLU A 719 -17.63 -7.59 36.98
N PHE A 720 -17.33 -6.72 35.99
CA PHE A 720 -15.96 -6.66 35.50
C PHE A 720 -15.14 -5.53 36.12
N TYR A 721 -15.73 -4.83 37.09
CA TYR A 721 -15.08 -3.75 37.80
C TYR A 721 -13.77 -4.19 38.45
N GLY A 722 -12.68 -3.50 38.11
CA GLY A 722 -11.39 -3.79 38.69
C GLY A 722 -10.89 -5.21 38.40
N THR A 723 -11.21 -5.76 37.23
CA THR A 723 -10.70 -7.08 36.86
C THR A 723 -9.56 -6.93 35.85
N ALA A 724 -8.77 -8.01 35.67
CA ALA A 724 -7.85 -8.19 34.57
C ALA A 724 -6.77 -7.10 34.65
N GLU A 725 -6.58 -6.36 33.56
CA GLU A 725 -5.55 -5.34 33.60
C GLU A 725 -6.19 -4.05 34.10
N ASN A 726 -7.53 -4.03 34.11
CA ASN A 726 -8.24 -2.95 34.77
C ASN A 726 -7.84 -1.57 34.21
N TYR A 727 -7.86 -1.44 32.87
CA TYR A 727 -7.36 -0.28 32.16
C TYR A 727 -8.53 0.69 32.00
N TRP A 728 -9.61 0.16 31.43
CA TRP A 728 -10.83 0.92 31.26
C TRP A 728 -11.95 0.32 32.09
N ARG A 729 -11.61 -0.29 33.23
CA ARG A 729 -12.53 -1.09 34.03
C ARG A 729 -12.66 -0.51 35.43
N SER A 730 -12.42 0.79 35.57
CA SER A 730 -12.67 1.49 36.82
C SER A 730 -11.94 2.84 36.85
N PRO A 731 -10.69 2.97 36.36
CA PRO A 731 -10.02 4.27 36.47
C PRO A 731 -10.76 5.45 35.80
N VAL A 732 -10.39 6.64 36.28
CA VAL A 732 -10.92 7.91 35.79
C VAL A 732 -10.00 8.37 34.65
N TRP A 733 -10.63 8.61 33.48
CA TRP A 733 -9.89 9.07 32.32
C TRP A 733 -10.38 10.46 32.00
N ILE A 734 -9.41 11.34 31.74
CA ILE A 734 -9.73 12.74 31.58
C ILE A 734 -10.48 13.00 30.26
N ASN A 735 -10.11 12.30 29.18
CA ASN A 735 -10.74 12.57 27.88
C ASN A 735 -12.26 12.40 27.97
N ILE A 736 -12.71 11.28 28.54
CA ILE A 736 -14.13 10.97 28.63
C ILE A 736 -14.82 11.88 29.65
N ASN A 737 -14.14 12.18 30.78
CA ASN A 737 -14.68 13.12 31.76
C ASN A 737 -14.87 14.52 31.14
N TYR A 738 -13.93 14.89 30.25
CA TYR A 738 -14.03 16.15 29.53
C TYR A 738 -15.28 16.19 28.64
N LEU A 739 -15.54 15.13 27.90
CA LEU A 739 -16.75 15.15 27.08
C LEU A 739 -17.97 15.27 27.98
N ALA A 740 -17.97 14.59 29.14
CA ALA A 740 -19.09 14.66 30.08
C ALA A 740 -19.26 16.10 30.58
N ILE A 741 -18.14 16.75 30.84
CA ILE A 741 -18.18 18.06 31.46
C ILE A 741 -18.79 19.07 30.50
N VAL A 742 -18.45 18.92 29.22
CA VAL A 742 -18.88 19.81 28.16
C VAL A 742 -20.38 19.56 27.92
N GLN A 743 -20.80 18.30 27.91
CA GLN A 743 -22.21 18.06 27.65
C GLN A 743 -23.09 18.50 28.84
N LEU A 744 -22.57 18.38 30.07
CA LEU A 744 -23.31 18.78 31.25
C LEU A 744 -23.54 20.28 31.22
N TYR A 745 -22.50 21.00 30.76
CA TYR A 745 -22.52 22.45 30.73
C TYR A 745 -23.54 22.93 29.68
N ASN A 746 -23.66 22.16 28.58
CA ASN A 746 -24.54 22.50 27.47
C ASN A 746 -25.99 22.50 27.97
N ILE A 747 -26.33 21.47 28.72
CA ILE A 747 -27.63 21.30 29.35
C ILE A 747 -27.82 22.32 30.47
N ALA A 748 -26.74 22.65 31.19
CA ALA A 748 -26.84 23.62 32.27
C ALA A 748 -27.18 25.03 31.75
N THR A 749 -26.79 25.38 30.51
CA THR A 749 -26.91 26.75 30.05
C THR A 749 -28.01 26.89 28.99
N GLN A 750 -29.12 26.19 29.20
CA GLN A 750 -30.24 26.07 28.29
C GLN A 750 -31.50 25.76 29.09
N ASP A 751 -32.64 26.36 28.69
CA ASP A 751 -33.94 26.02 29.26
C ASP A 751 -34.16 24.52 29.09
N GLY A 752 -34.56 23.85 30.17
CA GLY A 752 -35.05 22.47 30.13
C GLY A 752 -35.28 21.86 31.50
N PRO A 753 -35.82 20.62 31.59
CA PRO A 753 -36.10 19.98 32.88
C PRO A 753 -34.88 19.54 33.70
N TYR A 754 -33.70 19.49 33.06
CA TYR A 754 -32.51 18.96 33.70
C TYR A 754 -31.47 20.06 33.94
N LYS A 755 -31.83 21.31 33.60
CA LYS A 755 -30.95 22.45 33.70
C LYS A 755 -30.20 22.46 35.03
N GLU A 756 -30.94 22.34 36.13
CA GLU A 756 -30.37 22.52 37.46
C GLU A 756 -29.62 21.27 37.92
N THR A 757 -30.10 20.05 37.59
CA THR A 757 -29.33 18.84 37.86
C THR A 757 -27.98 18.88 37.13
N ALA A 758 -28.02 19.29 35.85
CA ALA A 758 -26.82 19.45 35.05
C ALA A 758 -25.90 20.52 35.64
N ARG A 759 -26.48 21.62 36.13
CA ARG A 759 -25.63 22.69 36.64
C ARG A 759 -24.82 22.18 37.84
N ASP A 760 -25.49 21.45 38.74
CA ASP A 760 -24.86 20.89 39.92
C ASP A 760 -23.74 19.91 39.52
N LEU A 761 -24.07 18.96 38.61
CA LEU A 761 -23.11 17.94 38.23
C LEU A 761 -21.91 18.57 37.54
N TYR A 762 -22.17 19.52 36.63
CA TYR A 762 -21.12 20.24 35.93
C TYR A 762 -20.17 20.86 36.95
N THR A 763 -20.74 21.61 37.89
CA THR A 763 -19.99 22.35 38.91
C THR A 763 -19.04 21.42 39.64
N ARG A 764 -19.58 20.30 40.14
CA ARG A 764 -18.84 19.37 40.98
C ARG A 764 -17.83 18.59 40.13
N LEU A 765 -18.27 18.09 38.96
CA LEU A 765 -17.38 17.25 38.16
C LEU A 765 -16.16 18.06 37.71
N ARG A 766 -16.39 19.29 37.22
CA ARG A 766 -15.31 20.19 36.84
C ARG A 766 -14.31 20.32 38.00
N LYS A 767 -14.87 20.55 39.19
CA LYS A 767 -14.09 20.70 40.40
C LYS A 767 -13.28 19.42 40.63
N ASN A 768 -13.98 18.29 40.72
CA ASN A 768 -13.36 17.00 41.01
C ASN A 768 -12.23 16.68 40.01
N ILE A 769 -12.46 16.89 38.71
CA ILE A 769 -11.49 16.51 37.70
C ILE A 769 -10.28 17.45 37.78
N VAL A 770 -10.54 18.76 37.82
CA VAL A 770 -9.44 19.70 37.89
C VAL A 770 -8.63 19.46 39.16
N GLU A 771 -9.31 19.30 40.31
CA GLU A 771 -8.55 19.20 41.54
C GLU A 771 -7.74 17.89 41.56
N THR A 772 -8.28 16.79 41.00
CA THR A 772 -7.54 15.53 41.02
C THR A 772 -6.24 15.67 40.22
N VAL A 773 -6.32 16.24 39.02
CA VAL A 773 -5.13 16.35 38.20
C VAL A 773 -4.18 17.37 38.82
N TYR A 774 -4.73 18.49 39.32
CA TYR A 774 -3.88 19.45 40.01
C TYR A 774 -3.14 18.85 41.21
N ARG A 775 -3.84 18.17 42.13
CA ARG A 775 -3.17 17.61 43.31
C ARG A 775 -2.03 16.66 42.90
N ASN A 776 -2.28 15.78 41.92
CA ASN A 776 -1.28 14.86 41.40
C ASN A 776 -0.09 15.61 40.79
N TRP A 777 -0.36 16.67 40.03
CA TRP A 777 0.70 17.49 39.45
C TRP A 777 1.54 18.11 40.57
N GLU A 778 0.85 18.68 41.56
CA GLU A 778 1.52 19.37 42.65
C GLU A 778 2.50 18.43 43.36
N GLU A 779 2.05 17.19 43.62
CA GLU A 779 2.79 16.20 44.38
C GLU A 779 3.93 15.59 43.56
N THR A 780 3.72 15.33 42.25
CA THR A 780 4.60 14.42 41.52
C THR A 780 5.28 15.11 40.34
N GLY A 781 4.81 16.31 39.97
CA GLY A 781 5.27 17.02 38.80
C GLY A 781 4.68 16.48 37.49
N PHE A 782 3.80 15.46 37.56
CA PHE A 782 3.39 14.82 36.32
C PHE A 782 1.89 14.96 36.07
N ALA A 783 1.54 15.00 34.77
CA ALA A 783 0.24 14.57 34.30
C ALA A 783 0.26 13.05 34.19
N TRP A 784 -0.88 12.43 34.52
CA TRP A 784 -0.97 10.99 34.44
C TRP A 784 -2.03 10.55 33.44
N GLU A 785 -1.89 9.31 32.97
CA GLU A 785 -2.74 8.68 31.98
C GLU A 785 -4.17 8.51 32.50
N GLN A 786 -4.30 8.17 33.79
CA GLN A 786 -5.59 7.87 34.38
C GLN A 786 -5.43 8.03 35.89
N TYR A 787 -6.55 8.11 36.61
CA TYR A 787 -6.56 8.40 38.04
C TYR A 787 -7.46 7.39 38.76
N ASN A 788 -6.96 6.98 39.93
CA ASN A 788 -7.54 5.94 40.74
C ASN A 788 -8.77 6.50 41.45
N PRO A 789 -9.97 5.92 41.26
CA PRO A 789 -11.17 6.48 41.88
C PRO A 789 -11.31 6.25 43.39
N GLU A 790 -10.51 5.34 43.97
CA GLU A 790 -10.52 5.07 45.41
C GLU A 790 -9.55 6.02 46.13
N THR A 791 -8.39 6.27 45.52
CA THR A 791 -7.32 6.95 46.25
C THR A 791 -7.06 8.33 45.66
N GLY A 792 -7.51 8.56 44.42
CA GLY A 792 -7.22 9.77 43.69
C GLY A 792 -5.81 9.80 43.08
N LYS A 793 -5.02 8.74 43.26
CA LYS A 793 -3.66 8.68 42.74
C LYS A 793 -3.63 8.62 41.20
N GLY A 794 -2.66 9.34 40.63
CA GLY A 794 -2.32 9.16 39.22
C GLY A 794 -1.67 7.80 39.04
N GLN A 795 -2.04 7.07 37.98
CA GLN A 795 -1.42 5.75 37.81
C GLN A 795 -1.24 5.52 36.31
N ARG A 796 -0.65 4.37 35.94
CA ARG A 796 -0.18 4.10 34.58
C ARG A 796 0.88 5.13 34.26
N THR A 797 0.81 5.69 33.05
CA THR A 797 1.91 6.44 32.47
C THR A 797 1.97 7.89 32.96
N GLN A 798 3.20 8.36 33.25
CA GLN A 798 3.49 9.78 33.45
C GLN A 798 3.75 10.47 32.11
N HIS A 799 3.87 11.81 32.18
CA HIS A 799 4.15 12.66 31.02
C HIS A 799 3.04 12.50 29.97
N PHE A 800 1.84 12.18 30.44
CA PHE A 800 0.73 11.95 29.52
C PHE A 800 0.08 13.28 29.12
N THR A 801 0.73 14.03 28.24
CA THR A 801 0.22 15.31 27.76
C THR A 801 0.19 15.32 26.22
N GLY A 802 -0.73 14.56 25.57
CA GLY A 802 -1.71 13.73 26.23
C GLY A 802 -2.99 14.48 26.61
N TRP A 803 -4.12 13.79 26.52
CA TRP A 803 -5.43 14.41 26.67
C TRP A 803 -5.69 14.84 28.11
N THR A 804 -4.85 14.38 29.05
CA THR A 804 -5.03 14.84 30.42
C THR A 804 -4.92 16.36 30.49
N SER A 805 -4.12 16.94 29.57
CA SER A 805 -3.97 18.38 29.42
C SER A 805 -5.29 19.09 29.11
N LEU A 806 -6.38 18.35 28.79
CA LEU A 806 -7.66 18.99 28.51
C LEU A 806 -8.11 19.85 29.70
N VAL A 807 -7.50 19.59 30.86
CA VAL A 807 -7.82 20.24 32.13
C VAL A 807 -7.63 21.76 32.05
N VAL A 808 -6.70 22.21 31.22
CA VAL A 808 -6.54 23.62 30.86
C VAL A 808 -7.88 24.21 30.40
N LYS A 809 -8.55 23.56 29.44
CA LYS A 809 -9.82 24.03 28.91
C LYS A 809 -10.92 23.88 29.94
N ILE A 810 -10.95 22.77 30.68
CA ILE A 810 -11.97 22.62 31.72
C ILE A 810 -11.91 23.81 32.69
N MET A 811 -10.71 24.18 33.14
CA MET A 811 -10.56 25.28 34.07
C MET A 811 -10.99 26.59 33.42
N SER A 812 -10.72 26.75 32.12
CA SER A 812 -10.93 28.03 31.48
C SER A 812 -12.42 28.23 31.14
N GLY A 813 -13.14 27.12 30.98
CA GLY A 813 -14.61 27.10 30.91
C GLY A 813 -15.20 27.74 29.65
N HIS A 814 -16.39 28.36 29.84
CA HIS A 814 -17.18 29.08 28.84
C HIS A 814 -17.24 28.32 27.50
N HIS A 815 -17.68 27.04 27.53
CA HIS A 815 -17.86 26.24 26.33
C HIS A 815 -18.94 26.86 25.41
N GLU B 35 -6.34 -43.43 -18.68
CA GLU B 35 -6.77 -44.72 -19.34
C GLU B 35 -5.71 -45.20 -20.35
N SER B 36 -5.54 -44.53 -21.52
CA SER B 36 -4.72 -45.14 -22.55
C SER B 36 -3.22 -44.97 -22.30
N ILE B 37 -2.48 -46.05 -22.53
CA ILE B 37 -1.05 -46.08 -22.39
C ILE B 37 -0.41 -44.98 -23.22
N LEU B 38 -0.89 -44.82 -24.45
CA LEU B 38 -0.32 -43.84 -25.38
C LEU B 38 -0.63 -42.43 -24.92
N HIS B 39 -1.89 -42.18 -24.55
CA HIS B 39 -2.31 -40.88 -24.08
C HIS B 39 -1.53 -40.49 -22.83
N SER B 40 -1.40 -41.39 -21.85
CA SER B 40 -0.54 -41.11 -20.70
C SER B 40 0.86 -40.78 -21.18
N GLU B 41 1.37 -41.56 -22.14
CA GLU B 41 2.77 -41.44 -22.50
C GLU B 41 3.03 -40.08 -23.16
N ILE B 42 2.13 -39.69 -24.07
CA ILE B 42 2.27 -38.40 -24.73
C ILE B 42 2.22 -37.29 -23.67
N GLY B 43 1.32 -37.47 -22.70
CA GLY B 43 1.20 -36.55 -21.59
C GLY B 43 2.50 -36.45 -20.79
N ARG B 44 3.14 -37.59 -20.46
CA ARG B 44 4.39 -37.54 -19.73
C ARG B 44 5.39 -36.74 -20.55
N LEU B 45 5.39 -36.92 -21.88
CA LEU B 45 6.47 -36.36 -22.69
C LEU B 45 6.26 -34.86 -22.85
N ASN B 46 4.99 -34.48 -22.97
CA ASN B 46 4.65 -33.08 -23.03
C ASN B 46 5.06 -32.37 -21.74
N ASN B 47 4.75 -33.03 -20.64
CA ASN B 47 4.91 -32.52 -19.30
C ASN B 47 6.41 -32.26 -19.06
N GLN B 48 7.27 -33.21 -19.45
CA GLN B 48 8.70 -33.06 -19.28
C GLN B 48 9.26 -32.05 -20.27
N SER B 49 8.65 -31.99 -21.46
CA SER B 49 9.09 -31.01 -22.43
C SER B 49 8.83 -29.58 -21.93
N LEU B 50 7.72 -29.36 -21.21
CA LEU B 50 7.25 -28.00 -20.91
C LEU B 50 7.58 -27.58 -19.47
N LEU B 51 8.16 -28.47 -18.66
CA LEU B 51 8.32 -28.24 -17.22
C LEU B 51 8.93 -26.88 -16.91
N TRP B 52 10.10 -26.59 -17.51
CA TRP B 52 10.88 -25.42 -17.18
C TRP B 52 10.56 -24.33 -18.18
N GLY B 53 10.54 -23.08 -17.71
CA GLY B 53 10.52 -21.97 -18.64
C GLY B 53 10.73 -20.69 -17.86
N PRO B 54 10.80 -19.51 -18.52
CA PRO B 54 10.83 -18.26 -17.77
C PRO B 54 9.37 -17.91 -17.45
N TYR B 55 8.67 -18.82 -16.78
CA TYR B 55 7.23 -18.75 -16.65
C TYR B 55 6.79 -17.71 -15.59
N ARG B 56 7.47 -16.56 -15.53
CA ARG B 56 7.16 -15.52 -14.54
C ARG B 56 7.02 -14.21 -15.30
N PRO B 57 5.95 -14.06 -16.10
CA PRO B 57 5.87 -12.95 -17.04
C PRO B 57 5.65 -11.62 -16.32
N ASN B 58 5.22 -11.70 -15.04
CA ASN B 58 5.01 -10.53 -14.19
C ASN B 58 6.33 -9.81 -13.86
N ILE B 59 7.47 -10.48 -14.06
CA ILE B 59 8.73 -9.77 -13.87
C ILE B 59 9.56 -9.76 -15.15
N TYR B 60 10.51 -8.81 -15.21
CA TYR B 60 11.47 -8.70 -16.29
C TYR B 60 12.10 -10.05 -16.63
N PHE B 61 12.66 -10.75 -15.64
CA PHE B 61 13.32 -12.02 -15.94
C PHE B 61 13.43 -12.92 -14.73
N GLY B 62 12.93 -14.14 -14.87
CA GLY B 62 13.06 -15.15 -13.84
C GLY B 62 12.53 -16.46 -14.37
N THR B 63 12.71 -17.54 -13.61
CA THR B 63 12.25 -18.81 -14.12
C THR B 63 11.52 -19.51 -13.00
N ARG B 64 10.73 -20.52 -13.39
CA ARG B 64 10.25 -21.52 -12.46
C ARG B 64 9.71 -22.71 -13.25
N PRO B 65 9.60 -23.91 -12.64
CA PRO B 65 9.00 -25.04 -13.34
C PRO B 65 7.49 -24.99 -13.09
N ARG B 66 6.72 -25.84 -13.81
CA ARG B 66 5.29 -25.91 -13.64
C ARG B 66 4.98 -26.78 -12.42
N ILE B 67 5.37 -26.28 -11.24
CA ILE B 67 5.21 -26.96 -9.97
C ILE B 67 4.89 -25.89 -8.93
N GLY B 68 3.82 -26.11 -8.15
CA GLY B 68 3.36 -25.16 -7.15
C GLY B 68 4.48 -24.65 -6.23
N LYS B 69 5.15 -25.59 -5.57
CA LYS B 69 6.12 -25.24 -4.54
C LYS B 69 7.47 -25.80 -4.98
N SER B 70 8.35 -24.92 -5.45
CA SER B 70 9.59 -25.44 -5.99
C SER B 70 10.57 -24.30 -6.12
N LEU B 71 11.54 -24.47 -7.02
CA LEU B 71 12.66 -23.53 -7.14
C LEU B 71 12.28 -22.41 -8.11
N MET B 72 12.44 -21.15 -7.70
CA MET B 72 12.14 -20.02 -8.57
C MET B 72 13.32 -19.06 -8.62
N THR B 73 13.45 -18.32 -9.72
CA THR B 73 14.54 -17.36 -9.84
C THR B 73 13.99 -16.02 -10.29
N GLY B 74 14.72 -14.94 -9.97
CA GLY B 74 14.41 -13.63 -10.54
C GLY B 74 15.64 -12.72 -10.53
N LEU B 75 15.71 -11.80 -11.49
CA LEU B 75 16.78 -10.84 -11.76
C LEU B 75 16.37 -9.43 -11.36
N MET B 76 17.25 -8.75 -10.62
CA MET B 76 17.03 -7.33 -10.43
C MET B 76 18.32 -6.61 -10.82
N TRP B 77 18.18 -5.33 -11.25
CA TRP B 77 19.31 -4.48 -11.56
C TRP B 77 18.91 -3.03 -11.30
N GLY B 78 19.90 -2.16 -11.06
CA GLY B 78 19.69 -0.74 -10.89
C GLY B 78 21.06 -0.06 -10.83
N LYS B 79 21.15 1.17 -11.34
CA LYS B 79 22.37 1.95 -11.19
C LYS B 79 22.44 2.44 -9.74
N ILE B 80 23.66 2.72 -9.24
CA ILE B 80 23.77 3.29 -7.90
C ILE B 80 24.70 4.50 -7.94
N GLU B 81 24.14 5.69 -7.66
CA GLU B 81 24.95 6.89 -7.64
C GLU B 81 25.04 7.51 -6.25
N SER B 82 24.18 7.11 -5.30
CA SER B 82 24.08 7.79 -4.02
C SER B 82 23.67 6.79 -2.96
N TYR B 83 23.56 7.25 -1.70
CA TYR B 83 23.25 6.36 -0.60
C TYR B 83 21.75 6.06 -0.55
N THR B 84 20.96 6.74 -1.40
CA THR B 84 19.49 6.67 -1.29
C THR B 84 18.77 6.48 -2.64
N ASP B 85 19.53 6.35 -3.76
CA ASP B 85 18.95 6.30 -5.10
C ASP B 85 18.56 4.87 -5.51
N PHE B 86 19.29 3.87 -5.01
CA PHE B 86 19.12 2.52 -5.55
C PHE B 86 17.67 2.05 -5.40
N GLN B 87 17.02 2.43 -4.29
CA GLN B 87 15.63 2.04 -4.02
C GLN B 87 14.72 2.53 -5.16
N HIS B 88 15.07 3.64 -5.84
CA HIS B 88 14.26 4.24 -6.89
C HIS B 88 14.61 3.71 -8.28
N THR B 89 15.80 3.13 -8.46
CA THR B 89 16.33 2.78 -9.77
C THR B 89 16.18 1.28 -10.00
N VAL B 90 16.09 0.49 -8.93
CA VAL B 90 16.10 -0.96 -9.08
C VAL B 90 14.85 -1.43 -9.85
N ARG B 91 15.06 -2.43 -10.71
CA ARG B 91 14.06 -3.04 -11.58
C ARG B 91 13.83 -4.47 -11.09
N TYR B 92 12.55 -4.88 -11.03
CA TYR B 92 12.15 -6.24 -10.74
C TYR B 92 10.86 -6.64 -11.48
N THR B 93 9.69 -6.17 -10.98
CA THR B 93 8.38 -6.39 -11.58
C THR B 93 8.24 -5.49 -12.80
N CYS B 94 7.60 -6.03 -13.85
CA CYS B 94 7.33 -5.31 -15.09
C CYS B 94 6.45 -4.07 -14.83
N GLU B 95 6.88 -2.91 -15.38
CA GLU B 95 6.12 -1.66 -15.42
C GLU B 95 6.25 -1.08 -16.84
N GLN B 96 5.55 0.03 -17.11
CA GLN B 96 5.81 0.76 -18.34
C GLN B 96 5.54 2.24 -18.08
N ASN B 97 6.58 3.05 -18.20
CA ASN B 97 6.58 4.48 -17.95
C ASN B 97 7.73 5.08 -18.75
N GLU B 98 7.94 6.39 -18.58
CA GLU B 98 8.91 7.22 -19.28
C GLU B 98 10.32 6.67 -19.06
N GLY B 99 10.60 6.13 -17.86
CA GLY B 99 11.93 5.63 -17.56
C GLY B 99 12.27 4.33 -18.28
N MET B 100 11.27 3.71 -18.94
CA MET B 100 11.52 2.51 -19.73
C MET B 100 11.13 2.73 -21.19
N LYS B 101 12.08 2.48 -22.11
CA LYS B 101 11.80 2.63 -23.52
C LYS B 101 10.84 1.54 -23.99
N GLY B 102 11.21 0.30 -23.71
CA GLY B 102 10.42 -0.87 -24.11
C GLY B 102 11.16 -2.10 -23.63
N TYR B 103 10.50 -3.26 -23.72
CA TYR B 103 11.11 -4.56 -23.55
C TYR B 103 10.21 -5.59 -24.19
N GLY B 104 10.75 -6.76 -24.44
CA GLY B 104 9.94 -7.85 -24.95
C GLY B 104 10.82 -8.95 -25.52
N TRP B 105 10.14 -9.99 -26.01
CA TRP B 105 10.81 -11.16 -26.53
C TRP B 105 11.04 -10.92 -28.02
N ASP B 106 12.30 -11.06 -28.45
CA ASP B 106 12.66 -10.88 -29.85
C ASP B 106 12.23 -12.13 -30.60
N GLU B 107 12.22 -13.24 -29.84
CA GLU B 107 11.98 -14.57 -30.35
C GLU B 107 11.76 -15.50 -29.14
N TYR B 108 10.83 -16.43 -29.27
CA TYR B 108 10.52 -17.31 -28.17
C TYR B 108 9.75 -18.53 -28.63
N ASP B 109 10.07 -19.66 -27.99
CA ASP B 109 9.39 -20.92 -28.06
C ASP B 109 9.57 -21.57 -26.70
N PRO B 110 8.45 -21.85 -25.99
CA PRO B 110 8.51 -22.43 -24.65
C PRO B 110 9.21 -23.79 -24.53
N ARG B 111 9.37 -24.52 -25.63
CA ARG B 111 10.05 -25.81 -25.54
C ARG B 111 11.57 -25.61 -25.66
N ARG B 112 11.99 -24.51 -26.29
CA ARG B 112 13.38 -24.36 -26.70
C ARG B 112 13.99 -23.16 -25.99
N GLY B 113 13.18 -22.11 -25.78
CA GLY B 113 13.68 -20.90 -25.15
C GLY B 113 13.54 -19.69 -26.08
N GLY B 114 14.31 -18.65 -25.78
CA GLY B 114 14.25 -17.45 -26.59
C GLY B 114 15.19 -16.41 -26.01
N ILE B 115 14.93 -15.17 -26.41
CA ILE B 115 15.80 -14.04 -26.16
C ILE B 115 14.89 -12.82 -25.96
N GLN B 116 15.05 -12.15 -24.82
CA GLN B 116 14.30 -10.95 -24.47
C GLN B 116 15.25 -9.76 -24.53
N SER B 117 14.73 -8.62 -24.96
CA SER B 117 15.47 -7.37 -25.02
C SER B 117 14.81 -6.36 -24.07
N ILE B 118 15.62 -5.66 -23.28
CA ILE B 118 15.10 -4.67 -22.34
C ILE B 118 15.81 -3.33 -22.57
N HIS B 119 15.05 -2.26 -22.79
CA HIS B 119 15.62 -0.95 -23.04
C HIS B 119 15.24 0.00 -21.90
N ASP B 120 16.18 0.22 -20.98
CA ASP B 120 15.91 0.92 -19.73
C ASP B 120 16.54 2.32 -19.81
N ILE B 121 15.71 3.35 -20.01
CA ILE B 121 16.22 4.71 -20.08
C ILE B 121 16.80 5.11 -18.71
N GLN B 122 16.07 4.86 -17.62
CA GLN B 122 16.47 5.37 -16.32
C GLN B 122 17.86 4.85 -15.92
N ASN B 123 18.15 3.56 -16.16
CA ASN B 123 19.39 2.91 -15.75
C ASN B 123 20.42 2.91 -16.90
N GLY B 124 20.09 3.59 -18.01
CA GLY B 124 21.02 3.78 -19.11
C GLY B 124 21.56 2.46 -19.67
N LEU B 125 20.70 1.45 -19.77
CA LEU B 125 21.13 0.09 -20.05
C LEU B 125 20.23 -0.58 -21.07
N ASP B 126 20.84 -1.30 -22.01
CA ASP B 126 20.17 -2.17 -22.95
C ASP B 126 20.62 -3.58 -22.59
N ILE B 127 19.66 -4.41 -22.20
CA ILE B 127 19.94 -5.70 -21.63
C ILE B 127 19.31 -6.78 -22.52
N THR B 128 19.97 -7.92 -22.52
CA THR B 128 19.51 -9.09 -23.23
C THR B 128 19.48 -10.25 -22.25
N THR B 129 18.37 -10.98 -22.26
CA THR B 129 18.25 -12.15 -21.42
C THR B 129 17.93 -13.25 -22.40
N SER B 130 18.86 -14.20 -22.54
CA SER B 130 18.63 -15.30 -23.43
C SER B 130 18.55 -16.57 -22.59
N PHE B 131 17.55 -17.39 -22.92
CA PHE B 131 17.15 -18.53 -22.11
C PHE B 131 17.11 -19.75 -23.03
N VAL B 132 17.70 -20.87 -22.60
CA VAL B 132 17.63 -22.08 -23.44
C VAL B 132 17.36 -23.28 -22.56
N LYS B 133 16.61 -24.25 -23.12
CA LYS B 133 16.30 -25.52 -22.47
C LYS B 133 17.15 -26.62 -23.12
N ILE B 134 17.55 -27.61 -22.32
CA ILE B 134 18.42 -28.70 -22.74
C ILE B 134 17.82 -29.97 -22.17
N PRO B 135 17.14 -30.79 -23.00
CA PRO B 135 16.52 -32.02 -22.51
C PRO B 135 17.57 -33.02 -22.06
N GLY B 136 17.16 -33.90 -21.15
CA GLY B 136 18.04 -34.87 -20.50
C GLY B 136 17.51 -35.20 -19.11
N GLY B 137 17.48 -36.49 -18.77
CA GLY B 137 17.15 -36.92 -17.43
C GLY B 137 15.65 -37.02 -17.20
N ALA B 138 15.25 -37.21 -15.94
CA ALA B 138 13.87 -37.57 -15.65
C ALA B 138 13.06 -36.43 -15.05
N HIS B 139 13.61 -35.20 -15.00
CA HIS B 139 13.05 -34.18 -14.12
C HIS B 139 12.84 -32.85 -14.84
N GLY B 140 12.62 -32.89 -16.16
CA GLY B 140 12.31 -31.68 -16.95
C GLY B 140 13.51 -31.06 -17.64
N GLY B 141 14.66 -31.75 -17.51
CA GLY B 141 15.91 -31.38 -18.14
C GLY B 141 16.60 -30.18 -17.49
N SER B 142 17.39 -29.46 -18.30
CA SER B 142 18.32 -28.46 -17.82
C SER B 142 18.02 -27.18 -18.54
N TRP B 143 18.63 -26.07 -18.09
CA TRP B 143 18.42 -24.79 -18.71
C TRP B 143 19.59 -23.88 -18.37
N ALA B 144 19.74 -22.84 -19.16
CA ALA B 144 20.83 -21.89 -19.01
C ALA B 144 20.28 -20.54 -19.43
N ALA B 145 20.91 -19.47 -18.94
CA ALA B 145 20.58 -18.12 -19.35
C ALA B 145 21.85 -17.28 -19.36
N ARG B 146 21.91 -16.34 -20.29
CA ARG B 146 22.96 -15.33 -20.35
C ARG B 146 22.27 -13.99 -20.18
N ILE B 147 22.82 -13.20 -19.24
CA ILE B 147 22.35 -11.85 -18.99
C ILE B 147 23.41 -10.85 -19.45
N LYS B 148 23.04 -9.95 -20.36
CA LYS B 148 24.03 -9.05 -20.91
C LYS B 148 23.57 -7.60 -20.86
N GLY B 149 24.38 -6.76 -20.21
CA GLY B 149 24.10 -5.35 -20.13
C GLY B 149 25.09 -4.49 -20.92
N THR B 150 24.56 -3.55 -21.70
CA THR B 150 25.37 -2.66 -22.51
C THR B 150 24.83 -1.26 -22.22
N LEU B 151 25.69 -0.38 -21.67
CA LEU B 151 25.30 1.00 -21.39
C LEU B 151 25.04 1.70 -22.72
N ASN B 152 23.91 2.42 -22.80
CA ASN B 152 23.60 3.29 -23.94
C ASN B 152 24.60 4.45 -23.98
N ASP B 153 24.55 5.25 -25.05
CA ASP B 153 25.52 6.32 -25.30
C ASP B 153 25.42 7.44 -24.27
N ASP B 154 24.27 7.57 -23.59
CA ASP B 154 23.98 8.68 -22.68
C ASP B 154 24.44 8.36 -21.26
N ALA B 155 24.61 7.09 -20.94
CA ALA B 155 24.99 6.71 -19.59
C ALA B 155 26.43 7.16 -19.35
N PRO B 156 26.80 7.55 -18.12
CA PRO B 156 28.21 7.71 -17.76
C PRO B 156 28.96 6.40 -17.99
N LYS B 157 30.16 6.49 -18.57
CA LYS B 157 30.86 5.30 -19.06
C LYS B 157 31.27 4.41 -17.88
N ASP B 158 31.31 5.03 -16.70
CA ASP B 158 31.80 4.38 -15.49
C ASP B 158 30.63 4.11 -14.54
N GLN B 159 29.40 4.15 -15.09
CA GLN B 159 28.26 3.83 -14.25
C GLN B 159 28.49 2.54 -13.46
N LYS B 160 28.12 2.57 -12.18
CA LYS B 160 28.13 1.36 -11.38
C LYS B 160 26.69 0.81 -11.34
N THR B 161 26.53 -0.42 -11.84
CA THR B 161 25.23 -1.08 -11.86
C THR B 161 25.29 -2.25 -10.88
N ILE B 162 24.25 -2.34 -10.04
CA ILE B 162 24.07 -3.48 -9.15
C ILE B 162 23.20 -4.50 -9.87
N VAL B 163 23.60 -5.76 -9.79
CA VAL B 163 22.79 -6.84 -10.32
C VAL B 163 22.56 -7.91 -9.25
N VAL B 164 21.30 -8.33 -9.09
CA VAL B 164 21.00 -9.42 -8.17
C VAL B 164 20.36 -10.57 -8.94
N PHE B 165 20.85 -11.77 -8.67
CA PHE B 165 20.11 -12.97 -9.01
C PHE B 165 19.57 -13.60 -7.72
N TYR B 166 18.24 -13.65 -7.60
CA TYR B 166 17.53 -14.12 -6.44
C TYR B 166 16.93 -15.51 -6.69
N VAL B 167 17.24 -16.45 -5.78
CA VAL B 167 16.79 -17.82 -5.93
C VAL B 167 16.03 -18.20 -4.66
N SER B 168 14.84 -18.74 -4.82
CA SER B 168 14.10 -19.22 -3.66
C SER B 168 13.64 -20.64 -3.94
N GLN B 169 13.34 -21.41 -2.88
CA GLN B 169 12.81 -22.76 -3.03
C GLN B 169 11.81 -23.04 -1.92
N GLU B 170 10.59 -23.35 -2.32
CA GLU B 170 9.50 -23.64 -1.40
C GLU B 170 9.25 -25.14 -1.42
N GLY B 171 8.61 -25.65 -0.37
CA GLY B 171 8.14 -27.03 -0.37
C GLY B 171 9.00 -27.95 0.49
N GLU B 172 8.35 -29.00 1.03
CA GLU B 172 8.93 -29.90 2.02
C GLU B 172 10.03 -30.76 1.41
N ASN B 173 10.90 -31.28 2.30
CA ASN B 173 11.87 -32.32 2.00
C ASN B 173 12.69 -31.89 0.78
N SER B 174 13.31 -30.71 0.89
CA SER B 174 14.06 -30.08 -0.18
C SER B 174 15.22 -29.25 0.39
N GLU B 175 16.38 -29.32 -0.25
CA GLU B 175 17.53 -28.62 0.30
C GLU B 175 18.04 -27.63 -0.75
N LEU B 176 18.74 -26.59 -0.29
CA LEU B 176 19.48 -25.77 -1.24
C LEU B 176 20.62 -25.09 -0.50
N GLU B 177 21.80 -25.06 -1.13
CA GLU B 177 22.99 -24.63 -0.39
C GLU B 177 23.99 -23.98 -1.32
N ALA B 178 24.52 -22.82 -0.91
CA ALA B 178 25.61 -22.17 -1.62
C ALA B 178 26.94 -22.75 -1.16
N VAL B 179 27.74 -23.25 -2.09
CA VAL B 179 29.05 -23.77 -1.76
C VAL B 179 29.91 -22.58 -1.34
N PRO B 180 30.56 -22.58 -0.14
CA PRO B 180 31.38 -21.45 0.30
C PRO B 180 32.49 -21.16 -0.71
N SER B 181 32.88 -19.90 -0.83
CA SER B 181 34.03 -19.62 -1.66
C SER B 181 35.29 -19.94 -0.89
N GLU B 182 36.42 -19.95 -1.60
CA GLU B 182 37.71 -20.29 -1.03
C GLU B 182 38.47 -18.98 -0.78
N ASN B 183 37.76 -17.84 -0.88
CA ASN B 183 38.29 -16.49 -0.65
C ASN B 183 37.56 -15.85 0.53
N GLU B 184 38.08 -14.70 0.99
CA GLU B 184 37.72 -14.20 2.30
C GLU B 184 36.29 -13.64 2.31
N PHE B 185 36.06 -12.60 1.49
CA PHE B 185 34.91 -11.71 1.64
C PHE B 185 33.86 -11.95 0.56
N GLY B 186 33.97 -13.09 -0.16
CA GLY B 186 33.15 -13.35 -1.34
C GLY B 186 33.88 -14.15 -2.40
N TYR B 187 33.37 -14.07 -3.65
CA TYR B 187 33.72 -14.97 -4.73
C TYR B 187 34.47 -14.23 -5.84
N GLU B 188 35.59 -14.86 -6.19
CA GLU B 188 36.41 -14.55 -7.33
C GLU B 188 35.79 -15.20 -8.57
N GLY B 189 35.24 -16.40 -8.38
CA GLY B 189 34.78 -17.15 -9.54
C GLY B 189 33.26 -17.28 -9.58
N ASP B 190 32.82 -18.51 -9.83
CA ASP B 190 31.44 -18.91 -10.03
C ASP B 190 30.82 -19.14 -8.65
N VAL B 191 29.53 -18.85 -8.56
CA VAL B 191 28.77 -19.22 -7.38
C VAL B 191 28.04 -20.50 -7.75
N ILE B 192 28.17 -21.50 -6.89
CA ILE B 192 27.53 -22.78 -7.06
C ILE B 192 26.51 -23.00 -5.94
N LEU B 193 25.25 -23.20 -6.33
CA LEU B 193 24.23 -23.67 -5.41
C LEU B 193 23.95 -25.14 -5.74
N LYS B 194 23.88 -25.99 -4.71
CA LYS B 194 23.48 -27.38 -4.83
C LYS B 194 22.18 -27.63 -4.06
N GLY B 195 21.25 -28.34 -4.70
CA GLY B 195 19.90 -28.51 -4.17
C GLY B 195 19.30 -29.84 -4.59
N ARG B 196 18.17 -30.16 -3.97
CA ARG B 196 17.54 -31.46 -4.09
C ARG B 196 16.07 -31.22 -3.75
N SER B 197 15.16 -31.64 -4.62
CA SER B 197 13.77 -31.77 -4.20
C SER B 197 13.24 -33.09 -4.77
N GLU B 198 12.08 -33.53 -4.26
CA GLU B 198 11.44 -34.71 -4.82
C GLU B 198 11.18 -34.43 -6.31
N ALA B 199 10.63 -33.24 -6.60
CA ALA B 199 10.20 -32.90 -7.94
C ALA B 199 11.39 -32.74 -8.88
N LEU B 200 12.50 -32.15 -8.39
CA LEU B 200 13.59 -31.88 -9.30
C LEU B 200 14.74 -32.88 -9.17
N GLY B 201 14.68 -33.80 -8.20
CA GLY B 201 15.83 -34.64 -7.88
C GLY B 201 17.02 -33.77 -7.47
N ASN B 202 18.26 -34.18 -7.79
CA ASN B 202 19.41 -33.36 -7.47
C ASN B 202 19.69 -32.41 -8.63
N TYR B 203 20.22 -31.24 -8.30
CA TYR B 203 20.54 -30.30 -9.37
C TYR B 203 21.60 -29.33 -8.87
N LYS B 204 22.20 -28.66 -9.83
CA LYS B 204 23.24 -27.70 -9.55
C LYS B 204 22.78 -26.43 -10.26
N LEU B 205 22.93 -25.27 -9.60
CA LEU B 205 22.62 -23.99 -10.20
C LEU B 205 23.82 -23.06 -10.02
N VAL B 206 24.34 -22.56 -11.15
CA VAL B 206 25.59 -21.83 -11.14
C VAL B 206 25.33 -20.42 -11.64
N VAL B 207 25.85 -19.44 -10.91
CA VAL B 207 25.95 -18.11 -11.48
C VAL B 207 27.44 -17.85 -11.80
N THR B 208 27.74 -17.69 -13.09
CA THR B 208 29.14 -17.63 -13.46
C THR B 208 29.71 -16.27 -13.08
N LYS B 209 31.05 -16.20 -13.19
CA LYS B 209 31.80 -15.05 -12.72
C LYS B 209 31.37 -13.87 -13.57
N GLY B 210 31.32 -14.14 -14.88
CA GLY B 210 30.93 -13.17 -15.88
C GLY B 210 32.12 -12.37 -16.40
N LYS B 211 31.82 -11.33 -17.19
CA LYS B 211 32.80 -10.52 -17.85
C LYS B 211 32.37 -9.09 -17.53
N GLY B 212 33.35 -8.23 -17.24
CA GLY B 212 33.12 -6.83 -16.93
C GLY B 212 33.98 -6.41 -15.73
N VAL B 213 34.22 -5.11 -15.67
CA VAL B 213 34.99 -4.51 -14.60
C VAL B 213 34.19 -4.53 -13.30
N ILE B 214 34.86 -4.99 -12.24
CA ILE B 214 34.36 -4.96 -10.88
C ILE B 214 35.03 -3.80 -10.16
N PRO B 215 34.33 -2.71 -9.75
CA PRO B 215 34.98 -1.57 -9.12
C PRO B 215 35.61 -2.02 -7.79
N GLN B 216 36.70 -1.36 -7.41
CA GLN B 216 37.43 -1.75 -6.21
C GLN B 216 37.44 -0.55 -5.25
N SER B 217 37.29 -0.84 -3.96
CA SER B 217 37.35 0.24 -2.98
C SER B 217 38.63 0.14 -2.16
N ASP B 218 39.26 1.30 -1.94
CA ASP B 218 40.40 1.43 -1.05
C ASP B 218 39.96 2.17 0.22
N HIS B 219 38.65 2.27 0.45
CA HIS B 219 38.11 2.77 1.70
C HIS B 219 38.45 1.80 2.83
N ASP B 220 38.48 2.33 4.05
CA ASP B 220 38.80 1.53 5.22
C ASP B 220 37.76 0.42 5.38
N LEU B 221 36.54 0.64 4.86
CA LEU B 221 35.48 -0.35 4.97
C LEU B 221 35.91 -1.68 4.34
N SER B 222 36.83 -1.62 3.35
CA SER B 222 37.33 -2.80 2.66
C SER B 222 37.89 -3.83 3.63
N ARG B 223 38.45 -3.39 4.77
CA ARG B 223 39.05 -4.27 5.76
C ARG B 223 38.01 -5.24 6.28
N LEU B 224 36.76 -4.75 6.34
CA LEU B 224 35.67 -5.52 6.91
C LEU B 224 34.87 -6.25 5.81
N ARG B 225 34.74 -5.65 4.62
CA ARG B 225 33.79 -6.10 3.61
C ARG B 225 34.46 -6.49 2.30
N GLY B 226 35.80 -6.46 2.23
CA GLY B 226 36.56 -6.78 1.02
C GLY B 226 36.59 -5.59 0.05
N PRO B 227 37.50 -5.58 -0.95
CA PRO B 227 37.63 -4.42 -1.85
C PRO B 227 36.50 -4.30 -2.88
N GLY B 228 35.63 -5.31 -2.92
CA GLY B 228 34.56 -5.39 -3.90
C GLY B 228 34.63 -6.71 -4.66
N GLN B 229 33.50 -7.44 -4.71
CA GLN B 229 33.49 -8.82 -5.18
C GLN B 229 32.07 -9.36 -5.16
N THR B 230 31.86 -10.49 -5.85
CA THR B 230 30.57 -11.17 -5.88
C THR B 230 30.29 -11.67 -4.47
N VAL B 231 29.04 -11.61 -4.03
CA VAL B 231 28.73 -12.10 -2.68
C VAL B 231 27.43 -12.89 -2.76
N VAL B 232 27.23 -13.79 -1.79
CA VAL B 232 26.02 -14.56 -1.66
C VAL B 232 25.53 -14.47 -0.20
N GLN B 233 24.24 -14.17 -0.02
CA GLN B 233 23.58 -14.38 1.27
C GLN B 233 22.60 -15.54 1.19
N SER B 234 22.77 -16.51 2.09
CA SER B 234 21.87 -17.64 2.19
C SER B 234 21.04 -17.46 3.45
N LEU B 235 19.71 -17.51 3.28
CA LEU B 235 18.77 -17.06 4.29
C LEU B 235 17.58 -18.02 4.32
N THR B 236 16.83 -18.00 5.42
CA THR B 236 15.62 -18.79 5.61
C THR B 236 14.51 -17.79 5.94
N TYR B 237 13.44 -17.81 5.16
CA TYR B 237 12.29 -16.98 5.38
C TYR B 237 11.08 -17.87 5.40
N PRO B 238 9.94 -17.40 5.96
CA PRO B 238 8.68 -18.16 5.89
C PRO B 238 8.27 -18.34 4.42
N ASP B 239 7.70 -19.50 4.11
CA ASP B 239 7.30 -19.81 2.75
C ASP B 239 6.38 -18.74 2.19
N GLU B 240 5.59 -18.07 3.02
CA GLU B 240 4.53 -17.18 2.54
C GLU B 240 5.13 -15.87 2.01
N VAL B 241 6.39 -15.58 2.36
CA VAL B 241 6.94 -14.30 1.97
C VAL B 241 7.99 -14.44 0.85
N LEU B 242 8.23 -15.67 0.37
CA LEU B 242 9.27 -15.92 -0.63
C LEU B 242 9.09 -15.08 -1.90
N TRP B 243 7.83 -14.77 -2.25
CA TRP B 243 7.58 -13.99 -3.44
C TRP B 243 7.98 -12.52 -3.22
N GLN B 244 7.99 -12.05 -1.96
CA GLN B 244 8.28 -10.65 -1.69
C GLN B 244 9.79 -10.43 -1.85
N ALA B 245 10.28 -10.62 -3.07
CA ALA B 245 11.71 -10.69 -3.31
C ALA B 245 12.41 -9.35 -3.08
N LYS B 246 11.80 -8.25 -3.51
CA LYS B 246 12.43 -6.93 -3.37
C LYS B 246 12.39 -6.50 -1.91
N PRO B 247 11.26 -6.63 -1.20
CA PRO B 247 11.26 -6.34 0.24
C PRO B 247 12.36 -7.07 0.98
N ILE B 248 12.67 -8.30 0.53
CA ILE B 248 13.68 -9.13 1.15
C ILE B 248 15.05 -8.59 0.80
N LEU B 249 15.29 -8.26 -0.48
CA LEU B 249 16.58 -7.67 -0.79
C LEU B 249 16.78 -6.41 0.07
N PHE B 250 15.74 -5.57 0.17
CA PHE B 250 15.94 -4.29 0.80
C PHE B 250 16.11 -4.41 2.32
N GLN B 251 15.52 -5.47 2.89
CA GLN B 251 15.65 -5.74 4.31
C GLN B 251 17.12 -6.07 4.58
N GLN B 252 17.71 -6.86 3.69
CA GLN B 252 19.09 -7.26 3.79
C GLN B 252 20.00 -6.06 3.57
N LEU B 253 19.66 -5.17 2.64
CA LEU B 253 20.55 -4.05 2.37
C LEU B 253 20.51 -3.11 3.57
N LYS B 254 19.32 -2.94 4.16
CA LYS B 254 19.16 -2.09 5.34
C LYS B 254 19.93 -2.68 6.49
N ALA B 255 19.81 -4.00 6.71
CA ALA B 255 20.56 -4.62 7.79
C ALA B 255 22.07 -4.33 7.61
N GLY B 256 22.57 -4.55 6.39
CA GLY B 256 23.97 -4.34 6.01
C GLY B 256 24.41 -2.89 6.28
N ILE B 257 23.45 -1.97 6.37
CA ILE B 257 23.78 -0.58 6.59
C ILE B 257 23.73 -0.22 8.09
N ASP B 258 22.74 -0.75 8.81
CA ASP B 258 22.69 -0.58 10.26
C ASP B 258 23.98 -1.09 10.89
N TRP B 259 24.54 -2.15 10.29
CA TRP B 259 25.73 -2.83 10.74
C TRP B 259 26.92 -1.86 10.79
N LEU B 260 26.95 -0.85 9.91
CA LEU B 260 28.06 0.08 9.85
C LEU B 260 28.25 0.78 11.20
N VAL B 261 27.16 1.11 11.89
CA VAL B 261 27.27 1.97 13.07
C VAL B 261 27.67 1.19 14.32
N GLU B 262 27.74 -0.15 14.21
CA GLU B 262 28.09 -1.06 15.31
C GLU B 262 29.45 -1.70 15.05
N ASN B 263 30.16 -1.22 14.02
CA ASN B 263 31.37 -1.89 13.60
C ASN B 263 32.46 -0.87 13.31
N LYS B 264 33.69 -1.29 13.57
CA LYS B 264 34.87 -0.44 13.69
C LYS B 264 35.58 -0.28 12.33
N TYR B 265 35.39 0.89 11.70
CA TYR B 265 36.22 1.35 10.60
C TYR B 265 36.13 2.88 10.57
N ASP B 266 36.96 3.51 9.72
CA ASP B 266 37.13 4.95 9.65
C ASP B 266 36.00 5.59 8.83
N VAL B 267 35.32 6.62 9.39
CA VAL B 267 34.10 7.16 8.80
C VAL B 267 34.26 8.64 8.46
N ALA B 268 35.52 9.06 8.35
CA ALA B 268 35.85 10.46 8.07
C ALA B 268 35.63 10.73 6.59
N ASP B 269 35.93 9.72 5.73
CA ASP B 269 35.72 9.80 4.30
C ASP B 269 34.46 9.01 3.90
N PRO B 270 33.62 9.54 2.96
CA PRO B 270 32.45 8.81 2.46
C PRO B 270 32.88 7.55 1.71
N PRO B 271 32.30 6.38 2.04
CA PRO B 271 32.56 5.17 1.25
C PRO B 271 31.78 5.25 -0.07
N PRO B 272 32.20 4.50 -1.12
CA PRO B 272 31.42 4.43 -2.36
C PRO B 272 29.97 3.95 -2.11
N PRO B 273 28.93 4.58 -2.70
CA PRO B 273 27.57 4.02 -2.62
C PRO B 273 27.49 2.52 -2.92
N TRP B 274 28.13 2.07 -4.00
CA TRP B 274 28.08 0.66 -4.34
C TRP B 274 28.58 -0.21 -3.19
N GLN B 275 29.61 0.23 -2.45
CA GLN B 275 30.18 -0.65 -1.44
C GLN B 275 29.23 -0.75 -0.24
N VAL B 276 28.62 0.36 0.09
CA VAL B 276 27.76 0.40 1.26
C VAL B 276 26.50 -0.41 0.97
N TYR B 277 26.19 -0.59 -0.33
CA TYR B 277 25.07 -1.40 -0.80
C TYR B 277 25.52 -2.79 -1.26
N LEU B 278 26.78 -3.16 -0.97
CA LEU B 278 27.21 -4.51 -1.30
C LEU B 278 27.05 -5.36 -0.03
N LEU B 279 26.20 -6.40 -0.10
CA LEU B 279 25.85 -7.23 1.04
C LEU B 279 27.09 -7.98 1.55
N ALA B 280 27.09 -8.31 2.85
CA ALA B 280 28.15 -9.11 3.43
C ALA B 280 27.98 -10.54 2.94
N ASN B 281 29.10 -11.18 2.64
CA ASN B 281 29.07 -12.53 2.11
C ASN B 281 28.69 -13.51 3.23
N LYS B 282 27.54 -14.22 3.08
CA LYS B 282 27.08 -15.18 4.09
C LYS B 282 26.49 -16.44 3.45
N PRO B 283 27.25 -17.19 2.63
CA PRO B 283 26.74 -18.39 1.97
C PRO B 283 26.56 -19.45 3.02
N GLY B 284 25.66 -20.37 2.70
CA GLY B 284 25.25 -21.47 3.52
C GLY B 284 23.99 -22.08 2.91
N SER B 285 23.27 -22.74 3.79
CA SER B 285 22.05 -23.42 3.44
C SER B 285 20.92 -22.44 3.72
N GLY B 286 19.82 -22.53 2.95
CA GLY B 286 18.59 -21.74 3.11
C GLY B 286 17.56 -21.99 1.99
N ASN B 287 16.44 -21.24 2.01
CA ASN B 287 15.39 -21.31 1.01
C ASN B 287 15.30 -20.01 0.20
N VAL B 288 16.23 -19.09 0.50
CA VAL B 288 16.47 -17.88 -0.27
C VAL B 288 17.97 -17.73 -0.39
N HIS B 289 18.45 -17.43 -1.60
CA HIS B 289 19.84 -17.08 -1.87
C HIS B 289 19.88 -15.82 -2.74
N ILE B 290 20.60 -14.82 -2.25
CA ILE B 290 20.77 -13.59 -2.99
C ILE B 290 22.21 -13.57 -3.49
N VAL B 291 22.38 -13.63 -4.83
CA VAL B 291 23.69 -13.52 -5.43
C VAL B 291 23.80 -12.10 -6.01
N GLN B 292 24.76 -11.32 -5.49
CA GLN B 292 24.90 -9.92 -5.88
C GLN B 292 26.25 -9.70 -6.57
N LYS B 293 26.24 -8.86 -7.62
CA LYS B 293 27.42 -8.45 -8.36
C LYS B 293 27.36 -6.95 -8.56
N VAL B 294 28.53 -6.31 -8.56
CA VAL B 294 28.58 -4.91 -8.93
C VAL B 294 29.48 -4.83 -10.16
N PHE B 295 29.01 -4.07 -11.14
CA PHE B 295 29.80 -3.87 -12.34
C PHE B 295 29.94 -2.37 -12.57
N GLU B 296 31.01 -2.05 -13.31
CA GLU B 296 31.32 -0.71 -13.80
C GLU B 296 31.39 -0.83 -15.33
N GLY B 297 30.57 -0.06 -16.05
CA GLY B 297 30.40 -0.27 -17.48
C GLY B 297 29.66 -1.56 -17.84
N ASP B 298 29.83 -2.01 -19.08
CA ASP B 298 29.17 -3.18 -19.65
C ASP B 298 29.47 -4.45 -18.85
N PHE B 299 28.57 -5.44 -18.89
CA PHE B 299 28.71 -6.65 -18.10
C PHE B 299 27.98 -7.78 -18.79
N GLU B 300 28.36 -9.02 -18.44
CA GLU B 300 27.54 -10.18 -18.75
C GLU B 300 27.93 -11.31 -17.81
N PHE B 301 26.96 -12.18 -17.53
CA PHE B 301 27.18 -13.39 -16.78
C PHE B 301 26.12 -14.39 -17.20
N ASP B 302 26.32 -15.65 -16.78
CA ASP B 302 25.46 -16.78 -17.12
C ASP B 302 24.90 -17.43 -15.85
N ILE B 303 23.75 -18.08 -16.04
CA ILE B 303 23.13 -18.95 -15.06
C ILE B 303 22.97 -20.31 -15.72
N LEU B 304 23.56 -21.33 -15.12
CA LEU B 304 23.63 -22.67 -15.68
C LEU B 304 22.90 -23.58 -14.70
N PHE B 305 21.79 -24.20 -15.15
CA PHE B 305 21.05 -25.12 -14.31
C PHE B 305 21.21 -26.51 -14.88
N SER B 306 21.79 -27.42 -14.10
CA SER B 306 22.11 -28.76 -14.54
C SER B 306 21.30 -29.76 -13.73
N SER B 307 20.35 -30.45 -14.41
CA SER B 307 19.60 -31.52 -13.79
C SER B 307 20.54 -32.70 -13.66
N GLU B 308 20.68 -33.25 -12.44
CA GLU B 308 21.67 -34.29 -12.20
C GLU B 308 21.41 -35.51 -13.09
N SER B 309 20.13 -35.92 -13.20
CA SER B 309 19.71 -37.11 -13.92
C SER B 309 19.99 -37.02 -15.43
N ALA B 310 20.26 -35.81 -15.97
CA ALA B 310 20.68 -35.61 -17.35
C ALA B 310 22.09 -36.16 -17.57
N GLY B 311 22.80 -36.46 -16.47
CA GLY B 311 24.04 -37.21 -16.48
C GLY B 311 25.21 -36.40 -17.00
N LYS B 312 24.96 -35.10 -17.23
CA LYS B 312 25.82 -34.17 -17.93
C LYS B 312 25.51 -32.76 -17.43
N GLU B 313 26.56 -31.98 -17.16
CA GLU B 313 26.41 -30.67 -16.55
C GLU B 313 26.51 -29.61 -17.64
N VAL B 314 25.56 -28.66 -17.67
CA VAL B 314 25.48 -27.62 -18.70
C VAL B 314 26.65 -26.65 -18.56
N THR B 315 27.25 -26.28 -19.70
CA THR B 315 28.32 -25.31 -19.66
C THR B 315 27.92 -24.05 -20.41
N SER B 316 28.72 -23.00 -20.20
CA SER B 316 28.60 -21.80 -21.01
C SER B 316 28.69 -22.07 -22.52
N LYS B 317 29.59 -22.98 -22.94
CA LYS B 317 29.77 -23.31 -24.35
C LYS B 317 28.46 -23.91 -24.88
N ASP B 318 27.84 -24.79 -24.09
CA ASP B 318 26.55 -25.38 -24.41
C ASP B 318 25.46 -24.32 -24.58
N LEU B 319 25.39 -23.39 -23.63
CA LEU B 319 24.44 -22.29 -23.69
C LEU B 319 24.60 -21.54 -25.01
N GLU B 320 25.86 -21.22 -25.38
CA GLU B 320 26.12 -20.41 -26.57
C GLU B 320 25.65 -21.15 -27.81
N ARG B 321 25.96 -22.45 -27.86
CA ARG B 321 25.63 -23.31 -28.99
C ARG B 321 24.10 -23.40 -29.13
N GLU B 322 23.40 -23.61 -28.00
CA GLU B 322 21.96 -23.88 -28.01
C GLU B 322 21.17 -22.61 -28.31
N VAL B 323 21.64 -21.46 -27.84
CA VAL B 323 21.07 -20.19 -28.24
C VAL B 323 21.09 -20.08 -29.76
N LYS B 324 22.22 -20.42 -30.39
CA LYS B 324 22.36 -20.24 -31.85
C LYS B 324 21.42 -21.21 -32.56
N GLN B 325 21.32 -22.44 -32.05
CA GLN B 325 20.48 -23.49 -32.61
C GLN B 325 18.99 -23.14 -32.47
N ALA B 326 18.56 -22.70 -31.27
CA ALA B 326 17.17 -22.32 -31.06
C ALA B 326 16.77 -21.20 -32.02
N THR B 327 17.68 -20.24 -32.25
CA THR B 327 17.41 -19.08 -33.10
C THR B 327 17.16 -19.51 -34.55
N GLU B 328 17.95 -20.49 -35.01
CA GLU B 328 17.85 -20.95 -36.40
C GLU B 328 16.55 -21.74 -36.58
N VAL B 329 16.19 -22.59 -35.62
CA VAL B 329 14.95 -23.36 -35.72
C VAL B 329 13.72 -22.45 -35.66
N PHE B 330 13.82 -21.37 -34.88
CA PHE B 330 12.69 -20.50 -34.71
C PHE B 330 12.36 -19.78 -36.02
N GLY B 331 13.41 -19.33 -36.72
CA GLY B 331 13.27 -18.66 -38.01
C GLY B 331 12.61 -19.54 -39.08
N GLU B 332 13.06 -20.80 -39.17
CA GLU B 332 12.52 -21.72 -40.17
C GLU B 332 11.06 -22.00 -39.82
N ARG B 333 10.77 -22.22 -38.54
CA ARG B 333 9.40 -22.54 -38.14
C ARG B 333 8.46 -21.35 -38.41
N PHE B 334 8.92 -20.12 -38.17
CA PHE B 334 8.06 -18.98 -38.40
C PHE B 334 7.71 -18.90 -39.89
N ALA B 335 8.66 -19.23 -40.77
CA ALA B 335 8.48 -19.15 -42.22
C ALA B 335 7.43 -20.15 -42.70
N ARG B 336 7.45 -21.36 -42.13
CA ARG B 336 6.42 -22.36 -42.38
C ARG B 336 5.08 -21.90 -41.79
N VAL B 337 5.05 -21.48 -40.52
CA VAL B 337 3.76 -21.44 -39.81
C VAL B 337 3.00 -20.17 -40.14
N PHE B 338 3.73 -19.04 -40.14
CA PHE B 338 3.18 -17.75 -40.51
C PHE B 338 3.84 -17.30 -41.81
N ASP B 339 3.51 -17.97 -42.93
CA ASP B 339 3.86 -17.52 -44.27
C ASP B 339 3.08 -16.22 -44.54
N LEU B 340 3.75 -15.08 -44.41
CA LEU B 340 3.04 -13.83 -44.55
C LEU B 340 2.66 -13.66 -46.03
N LYS B 341 1.42 -13.22 -46.29
CA LYS B 341 0.91 -13.06 -47.65
C LYS B 341 0.84 -11.57 -48.02
N ALA B 342 0.76 -11.30 -49.33
CA ALA B 342 0.78 -9.96 -49.90
C ALA B 342 -0.36 -9.11 -49.33
N PRO B 343 -0.13 -7.79 -49.09
CA PRO B 343 1.16 -7.16 -49.36
C PRO B 343 2.07 -7.04 -48.15
N PHE B 344 2.17 -8.11 -47.33
CA PHE B 344 2.96 -8.05 -46.11
C PHE B 344 4.16 -9.00 -46.15
N GLN B 345 4.72 -9.21 -47.33
CA GLN B 345 5.79 -10.18 -47.49
C GLN B 345 7.16 -9.55 -47.21
N GLY B 346 7.19 -8.22 -47.08
CA GLY B 346 8.40 -7.46 -46.77
C GLY B 346 9.10 -7.91 -45.48
N ASP B 347 10.41 -7.65 -45.42
CA ASP B 347 11.24 -7.92 -44.26
C ASP B 347 10.66 -7.21 -43.05
N ASN B 348 10.23 -5.97 -43.21
CA ASN B 348 9.72 -5.14 -42.12
C ASN B 348 8.49 -5.80 -41.48
N TYR B 349 7.72 -6.53 -42.29
CA TYR B 349 6.48 -7.14 -41.82
C TYR B 349 6.79 -8.47 -41.13
N LYS B 350 7.81 -9.17 -41.65
CA LYS B 350 8.38 -10.33 -41.00
C LYS B 350 8.81 -9.98 -39.57
N LYS B 351 9.58 -8.88 -39.41
CA LYS B 351 10.17 -8.53 -38.13
C LYS B 351 9.05 -8.15 -37.15
N PHE B 352 8.00 -7.51 -37.70
CA PHE B 352 6.82 -7.11 -36.94
C PHE B 352 6.06 -8.36 -36.50
N GLY B 353 5.88 -9.31 -37.40
CA GLY B 353 5.11 -10.48 -37.07
C GLY B 353 5.85 -11.28 -35.99
N LYS B 354 7.18 -11.33 -36.10
CA LYS B 354 7.97 -12.11 -35.17
C LYS B 354 7.91 -11.49 -33.77
N SER B 355 7.84 -10.16 -33.72
CA SER B 355 7.81 -9.50 -32.42
C SER B 355 6.43 -9.69 -31.79
N MET B 356 5.38 -9.48 -32.59
CA MET B 356 4.01 -9.63 -32.12
C MET B 356 3.76 -11.04 -31.58
N PHE B 357 4.22 -12.04 -32.33
CA PHE B 357 4.03 -13.43 -31.97
C PHE B 357 4.90 -13.82 -30.78
N SER B 358 6.20 -13.50 -30.82
CA SER B 358 7.10 -13.81 -29.71
C SER B 358 6.60 -13.22 -28.39
N ASN B 359 6.17 -11.96 -28.40
CA ASN B 359 5.57 -11.40 -27.20
C ASN B 359 4.34 -12.20 -26.75
N LEU B 360 3.53 -12.72 -27.68
CA LEU B 360 2.30 -13.38 -27.25
C LEU B 360 2.63 -14.70 -26.55
N ILE B 361 3.46 -15.52 -27.17
CA ILE B 361 3.76 -16.86 -26.69
C ILE B 361 4.74 -16.74 -25.53
N GLY B 362 5.49 -15.64 -25.51
CA GLY B 362 6.49 -15.42 -24.48
C GLY B 362 5.84 -14.93 -23.19
N GLY B 363 4.54 -14.61 -23.24
CA GLY B 363 3.81 -14.17 -22.07
C GLY B 363 3.37 -15.35 -21.21
N ILE B 364 3.66 -16.59 -21.67
CA ILE B 364 3.09 -17.74 -21.00
C ILE B 364 3.62 -17.79 -19.55
N GLY B 365 2.71 -17.91 -18.59
CA GLY B 365 3.09 -18.02 -17.18
C GLY B 365 2.57 -19.32 -16.53
N TYR B 366 3.28 -19.77 -15.50
CA TYR B 366 2.72 -20.75 -14.58
C TYR B 366 2.35 -20.08 -13.26
N PHE B 367 1.09 -20.34 -12.83
CA PHE B 367 0.47 -19.66 -11.70
C PHE B 367 -0.09 -20.68 -10.71
N TYR B 368 0.13 -20.41 -9.41
CA TYR B 368 -0.26 -21.38 -8.39
C TYR B 368 -0.67 -20.68 -7.11
N GLY B 369 -1.75 -21.17 -6.49
CA GLY B 369 -2.14 -20.73 -5.17
C GLY B 369 -3.66 -20.73 -5.04
N HIS B 370 -4.13 -20.01 -4.03
CA HIS B 370 -5.54 -19.94 -3.73
C HIS B 370 -6.16 -18.81 -4.52
N SER B 371 -7.45 -18.95 -4.78
CA SER B 371 -8.20 -17.91 -5.44
C SER B 371 -9.35 -17.48 -4.52
N LEU B 372 -9.86 -16.25 -4.71
CA LEU B 372 -10.91 -15.72 -3.84
C LEU B 372 -12.29 -15.85 -4.50
N VAL B 373 -13.18 -16.61 -3.87
CA VAL B 373 -14.48 -16.93 -4.45
C VAL B 373 -15.58 -16.76 -3.40
N ASP B 374 -16.72 -16.19 -3.85
CA ASP B 374 -17.93 -16.10 -3.03
C ASP B 374 -18.75 -17.36 -3.30
N ARG B 375 -18.77 -18.27 -2.33
CA ARG B 375 -19.48 -19.52 -2.49
C ARG B 375 -20.81 -19.52 -1.74
N SER B 376 -21.36 -18.32 -1.47
CA SER B 376 -22.63 -18.24 -0.75
C SER B 376 -23.82 -18.65 -1.62
N TYR B 377 -23.75 -18.35 -2.93
CA TYR B 377 -24.87 -18.52 -3.86
C TYR B 377 -26.10 -17.76 -3.35
N ALA B 378 -25.86 -16.61 -2.74
CA ALA B 378 -26.91 -15.71 -2.28
C ALA B 378 -28.06 -15.60 -3.28
N PRO B 379 -29.34 -15.63 -2.80
CA PRO B 379 -30.50 -15.47 -3.67
C PRO B 379 -30.48 -14.18 -4.49
N GLU B 380 -29.78 -13.16 -4.00
CA GLU B 380 -29.64 -11.92 -4.74
C GLU B 380 -28.92 -12.18 -6.09
N TYR B 381 -28.02 -13.17 -6.12
CA TYR B 381 -27.22 -13.47 -7.31
C TYR B 381 -28.08 -14.06 -8.45
N ASP B 382 -29.28 -14.61 -8.10
CA ASP B 382 -30.31 -15.06 -9.03
C ASP B 382 -30.77 -13.93 -9.96
N GLU B 383 -30.67 -12.66 -9.54
CA GLU B 383 -30.98 -11.49 -10.37
C GLU B 383 -32.43 -11.44 -10.88
N GLU B 384 -33.40 -11.86 -10.06
CA GLU B 384 -34.81 -11.91 -10.47
C GLU B 384 -35.48 -10.54 -10.51
N ASN B 385 -35.15 -9.63 -9.58
CA ASN B 385 -35.91 -8.41 -9.40
C ASN B 385 -35.32 -7.27 -10.20
N GLU B 386 -36.13 -6.23 -10.46
CA GLU B 386 -35.62 -4.97 -10.96
C GLU B 386 -34.66 -4.42 -9.89
N GLY B 387 -33.71 -3.59 -10.32
CA GLY B 387 -32.64 -3.16 -9.43
C GLY B 387 -31.88 -4.33 -8.77
N PHE B 388 -31.69 -5.44 -9.50
CA PHE B 388 -30.92 -6.58 -9.02
C PHE B 388 -29.50 -6.16 -8.64
N TRP B 389 -28.97 -5.10 -9.27
CA TRP B 389 -27.59 -4.72 -8.98
C TRP B 389 -27.45 -4.24 -7.53
N GLU B 390 -28.49 -3.58 -6.99
CA GLU B 390 -28.50 -3.15 -5.60
C GLU B 390 -28.53 -4.36 -4.69
N ASP B 391 -29.36 -5.36 -5.04
CA ASP B 391 -29.45 -6.60 -4.27
C ASP B 391 -28.09 -7.30 -4.24
N ALA B 392 -27.35 -7.18 -5.36
CA ALA B 392 -26.05 -7.82 -5.51
C ALA B 392 -25.09 -7.15 -4.55
N ALA B 393 -25.09 -5.79 -4.56
CA ALA B 393 -24.24 -4.99 -3.69
C ALA B 393 -24.49 -5.31 -2.21
N GLU B 394 -25.76 -5.50 -1.82
CA GLU B 394 -26.08 -5.93 -0.46
C GLU B 394 -25.42 -7.28 -0.14
N ALA B 395 -25.56 -8.26 -1.06
CA ALA B 395 -25.02 -9.58 -0.78
C ALA B 395 -23.48 -9.56 -0.72
N ARG B 396 -22.85 -8.69 -1.51
CA ARG B 396 -21.40 -8.55 -1.49
C ARG B 396 -21.00 -7.97 -0.14
N ALA B 397 -21.85 -7.08 0.40
CA ALA B 397 -21.58 -6.43 1.68
C ALA B 397 -21.54 -7.44 2.83
N ARG B 398 -22.08 -8.64 2.63
CA ARG B 398 -22.05 -9.62 3.69
C ARG B 398 -20.73 -10.42 3.69
N HIS B 399 -19.86 -10.18 2.69
CA HIS B 399 -18.49 -10.72 2.65
C HIS B 399 -18.42 -12.21 2.99
N GLN B 400 -19.08 -13.06 2.20
CA GLN B 400 -18.98 -14.50 2.42
C GLN B 400 -17.74 -15.06 1.73
N GLU B 401 -17.03 -14.25 0.93
CA GLU B 401 -16.02 -14.88 0.08
C GLU B 401 -14.87 -15.41 0.91
N ALA B 402 -14.28 -16.52 0.44
CA ALA B 402 -13.14 -17.12 1.11
C ALA B 402 -12.12 -17.56 0.06
N LEU B 403 -10.85 -17.62 0.50
CA LEU B 403 -9.78 -18.20 -0.29
C LEU B 403 -10.03 -19.70 -0.41
N GLU B 404 -9.93 -20.23 -1.64
CA GLU B 404 -10.05 -21.66 -1.90
C GLU B 404 -9.00 -22.10 -2.92
N GLY B 405 -8.79 -23.42 -2.97
CA GLY B 405 -7.71 -23.98 -3.77
C GLY B 405 -6.78 -24.79 -2.87
N PRO B 406 -5.46 -24.88 -3.14
CA PRO B 406 -4.81 -24.04 -4.16
C PRO B 406 -5.08 -24.57 -5.59
N TYR B 407 -4.89 -23.71 -6.60
CA TYR B 407 -5.11 -24.05 -8.00
C TYR B 407 -3.83 -23.79 -8.77
N GLU B 408 -3.74 -24.33 -9.99
CA GLU B 408 -2.62 -24.01 -10.86
C GLU B 408 -3.16 -23.52 -12.20
N LEU B 409 -2.44 -22.65 -12.90
CA LEU B 409 -2.83 -22.30 -14.26
C LEU B 409 -1.59 -22.09 -15.12
N PHE B 410 -1.54 -22.82 -16.23
CA PHE B 410 -0.56 -22.60 -17.29
C PHE B 410 -1.24 -21.85 -18.44
N THR B 411 -0.89 -20.60 -18.72
CA THR B 411 -1.68 -19.81 -19.66
C THR B 411 -0.86 -18.65 -20.22
N SER B 412 -1.18 -18.17 -21.42
CA SER B 412 -0.62 -16.89 -21.79
C SER B 412 -1.48 -15.81 -21.15
N ILE B 413 -1.10 -14.55 -21.35
CA ILE B 413 -1.63 -13.45 -20.58
C ILE B 413 -1.76 -12.24 -21.49
N PRO B 414 -2.63 -11.26 -21.15
CA PRO B 414 -2.74 -10.03 -21.95
C PRO B 414 -1.64 -8.98 -21.78
N SER B 415 -1.09 -8.83 -20.57
CA SER B 415 -0.25 -7.67 -20.28
C SER B 415 0.71 -7.97 -19.10
N ARG B 416 2.00 -8.16 -19.39
CA ARG B 416 3.04 -8.27 -18.37
C ARG B 416 2.95 -7.14 -17.33
N PRO B 417 3.05 -5.83 -17.68
CA PRO B 417 3.00 -4.79 -16.66
C PRO B 417 1.66 -4.57 -15.96
N PHE B 418 0.53 -4.76 -16.66
CA PHE B 418 -0.70 -4.21 -16.07
C PHE B 418 -1.58 -5.30 -15.47
N PHE B 419 -1.68 -6.44 -16.15
CA PHE B 419 -2.53 -7.52 -15.68
C PHE B 419 -1.94 -8.85 -16.13
N PRO B 420 -0.87 -9.33 -15.45
CA PRO B 420 -0.17 -10.52 -15.90
C PRO B 420 -0.86 -11.77 -15.35
N ARG B 421 -2.04 -12.12 -15.90
CA ARG B 421 -2.75 -13.31 -15.40
C ARG B 421 -3.75 -13.82 -16.46
N GLY B 422 -4.37 -14.97 -16.19
CA GLY B 422 -5.28 -15.58 -17.15
C GLY B 422 -6.63 -14.84 -17.16
N PHE B 423 -7.08 -14.46 -18.36
CA PHE B 423 -8.43 -13.97 -18.58
C PHE B 423 -9.12 -14.91 -19.57
N LEU B 424 -10.38 -15.26 -19.27
CA LEU B 424 -11.04 -16.44 -19.84
C LEU B 424 -11.27 -16.27 -21.34
N TRP B 425 -11.98 -15.22 -21.80
CA TRP B 425 -12.19 -15.08 -23.23
C TRP B 425 -10.94 -14.58 -23.95
N ASP B 426 -10.02 -13.89 -23.22
CA ASP B 426 -8.77 -13.45 -23.84
C ASP B 426 -8.01 -14.68 -24.35
N GLU B 427 -8.03 -15.78 -23.57
CA GLU B 427 -7.16 -16.91 -23.89
C GLU B 427 -7.61 -17.59 -25.19
N GLY B 428 -8.91 -17.52 -25.51
CA GLY B 428 -9.42 -18.12 -26.73
C GLY B 428 -8.80 -17.42 -27.92
N PHE B 429 -8.52 -16.12 -27.76
CA PHE B 429 -7.87 -15.35 -28.81
C PHE B 429 -6.36 -15.61 -28.84
N HIS B 430 -5.72 -15.64 -27.66
CA HIS B 430 -4.28 -15.89 -27.56
C HIS B 430 -3.90 -17.20 -28.23
N LEU B 431 -4.74 -18.22 -28.02
CA LEU B 431 -4.36 -19.56 -28.44
C LEU B 431 -4.54 -19.75 -29.94
N LEU B 432 -5.21 -18.84 -30.64
CA LEU B 432 -5.38 -19.02 -32.08
C LEU B 432 -4.02 -18.98 -32.79
N PRO B 433 -3.14 -17.96 -32.59
CA PRO B 433 -1.78 -18.05 -33.13
C PRO B 433 -0.93 -19.14 -32.47
N ILE B 434 -1.09 -19.31 -31.16
CA ILE B 434 -0.25 -20.30 -30.50
C ILE B 434 -0.57 -21.71 -31.02
N ALA B 435 -1.85 -22.01 -31.33
CA ALA B 435 -2.22 -23.34 -31.82
C ALA B 435 -1.58 -23.64 -33.17
N ASP B 436 -1.44 -22.61 -34.03
CA ASP B 436 -0.80 -22.74 -35.33
C ASP B 436 0.67 -23.13 -35.12
N TRP B 437 1.29 -22.51 -34.11
CA TRP B 437 2.69 -22.75 -33.82
C TRP B 437 2.88 -24.12 -33.22
N ASP B 438 1.98 -24.55 -32.31
CA ASP B 438 2.27 -25.72 -31.48
C ASP B 438 0.96 -26.18 -30.88
N ILE B 439 0.29 -27.10 -31.58
CA ILE B 439 -1.08 -27.43 -31.24
C ILE B 439 -1.06 -28.08 -29.86
N ASP B 440 0.00 -28.85 -29.57
CA ASP B 440 0.01 -29.61 -28.32
C ASP B 440 0.19 -28.68 -27.12
N LEU B 441 0.95 -27.59 -27.31
CA LEU B 441 1.05 -26.53 -26.31
C LEU B 441 -0.34 -25.97 -26.05
N ALA B 442 -1.06 -25.68 -27.15
CA ALA B 442 -2.36 -25.04 -26.99
C ALA B 442 -3.34 -25.96 -26.26
N LEU B 443 -3.24 -27.27 -26.53
CA LEU B 443 -4.14 -28.23 -25.89
C LEU B 443 -3.80 -28.35 -24.39
N GLU B 444 -2.50 -28.19 -24.04
CA GLU B 444 -2.10 -28.18 -22.65
C GLU B 444 -2.71 -26.99 -21.92
N ILE B 445 -2.69 -25.80 -22.52
CA ILE B 445 -3.27 -24.60 -21.91
C ILE B 445 -4.78 -24.79 -21.76
N ILE B 446 -5.45 -25.38 -22.76
CA ILE B 446 -6.89 -25.56 -22.64
C ILE B 446 -7.18 -26.53 -21.50
N LYS B 447 -6.30 -27.52 -21.35
CA LYS B 447 -6.50 -28.53 -20.35
C LYS B 447 -6.33 -27.88 -18.97
N SER B 448 -5.31 -27.03 -18.81
CA SER B 448 -5.08 -26.32 -17.55
C SER B 448 -6.33 -25.51 -17.20
N TRP B 449 -6.88 -24.74 -18.15
CA TRP B 449 -8.07 -23.94 -17.88
C TRP B 449 -9.25 -24.82 -17.44
N TYR B 450 -9.53 -25.89 -18.20
CA TYR B 450 -10.74 -26.67 -17.99
C TYR B 450 -10.61 -27.47 -16.69
N ASN B 451 -9.35 -27.67 -16.29
CA ASN B 451 -9.04 -28.25 -15.00
C ASN B 451 -9.49 -27.32 -13.87
N LEU B 452 -9.73 -26.04 -14.16
CA LEU B 452 -10.21 -25.15 -13.11
C LEU B 452 -11.74 -25.24 -12.93
N MET B 453 -12.43 -25.84 -13.88
CA MET B 453 -13.88 -25.80 -13.84
C MET B 453 -14.40 -26.54 -12.59
N ASP B 454 -15.37 -25.94 -11.88
CA ASP B 454 -15.98 -26.57 -10.72
C ASP B 454 -17.02 -27.56 -11.21
N GLU B 455 -17.74 -28.18 -10.27
CA GLU B 455 -18.68 -29.27 -10.52
C GLU B 455 -19.94 -28.77 -11.23
N ASP B 456 -20.18 -27.46 -11.22
CA ASP B 456 -21.35 -26.96 -11.90
C ASP B 456 -21.04 -26.61 -13.36
N GLY B 457 -19.75 -26.54 -13.72
CA GLY B 457 -19.35 -26.03 -15.03
C GLY B 457 -18.91 -24.56 -15.07
N TRP B 458 -18.49 -23.99 -13.93
CA TRP B 458 -18.00 -22.63 -13.82
C TRP B 458 -16.47 -22.61 -13.74
N ILE B 459 -15.91 -21.67 -14.49
CA ILE B 459 -14.51 -21.30 -14.48
C ILE B 459 -14.54 -19.79 -14.32
N ALA B 460 -13.89 -19.26 -13.25
CA ALA B 460 -13.87 -17.82 -13.01
C ALA B 460 -13.23 -17.15 -14.20
N ARG B 461 -13.71 -15.95 -14.52
CA ARG B 461 -13.35 -15.26 -15.75
C ARG B 461 -11.92 -14.75 -15.65
N GLU B 462 -11.46 -14.54 -14.40
CA GLU B 462 -10.21 -13.85 -14.13
C GLU B 462 -9.51 -14.65 -13.05
N GLN B 463 -8.33 -15.18 -13.34
CA GLN B 463 -7.73 -16.18 -12.49
C GLN B 463 -6.55 -15.53 -11.76
N ILE B 464 -6.76 -15.19 -10.48
CA ILE B 464 -5.75 -14.55 -9.64
C ILE B 464 -5.35 -15.60 -8.59
N LEU B 465 -4.22 -16.27 -8.85
CA LEU B 465 -3.79 -17.45 -8.10
C LEU B 465 -2.55 -17.15 -7.25
N GLY B 466 -2.74 -17.08 -5.93
CA GLY B 466 -1.66 -16.88 -4.97
C GLY B 466 -1.43 -15.42 -4.61
N ALA B 467 -0.58 -15.20 -3.59
CA ALA B 467 -0.39 -13.88 -3.03
C ALA B 467 0.35 -12.99 -4.03
N GLU B 468 1.34 -13.60 -4.71
CA GLU B 468 2.13 -12.86 -5.69
C GLU B 468 1.19 -12.24 -6.74
N ALA B 469 0.25 -13.03 -7.27
CA ALA B 469 -0.73 -12.59 -8.25
C ALA B 469 -1.65 -11.53 -7.64
N ARG B 470 -2.00 -11.71 -6.36
CA ARG B 470 -2.95 -10.82 -5.69
C ARG B 470 -2.37 -9.41 -5.54
N SER B 471 -1.03 -9.32 -5.38
CA SER B 471 -0.34 -8.07 -5.09
C SER B 471 -0.60 -7.02 -6.17
N LYS B 472 -1.05 -7.45 -7.35
CA LYS B 472 -1.23 -6.57 -8.48
C LYS B 472 -2.71 -6.22 -8.63
N VAL B 473 -3.54 -6.60 -7.66
CA VAL B 473 -4.98 -6.52 -7.88
C VAL B 473 -5.68 -5.84 -6.72
N PRO B 474 -6.22 -4.62 -6.94
CA PRO B 474 -7.02 -3.92 -5.93
C PRO B 474 -8.07 -4.91 -5.46
N LYS B 475 -8.28 -4.91 -4.15
CA LYS B 475 -9.07 -5.91 -3.45
C LYS B 475 -10.46 -6.02 -4.07
N GLU B 476 -11.05 -4.90 -4.49
CA GLU B 476 -12.43 -4.92 -4.97
C GLU B 476 -12.54 -5.71 -6.27
N PHE B 477 -11.41 -6.00 -6.92
CA PHE B 477 -11.49 -6.87 -8.08
C PHE B 477 -11.10 -8.31 -7.79
N GLN B 478 -10.73 -8.68 -6.55
CA GLN B 478 -10.17 -10.02 -6.42
C GLN B 478 -11.26 -11.09 -6.41
N THR B 479 -12.40 -10.81 -5.77
CA THR B 479 -13.40 -11.85 -5.54
C THR B 479 -14.05 -12.26 -6.86
N GLN B 480 -14.20 -13.56 -7.07
CA GLN B 480 -14.87 -14.08 -8.25
C GLN B 480 -16.22 -14.70 -7.85
N TYR B 481 -17.20 -14.60 -8.76
CA TYR B 481 -18.58 -14.96 -8.51
C TYR B 481 -18.99 -16.12 -9.43
N PRO B 482 -19.46 -17.24 -8.84
CA PRO B 482 -19.83 -18.43 -9.61
C PRO B 482 -20.98 -18.22 -10.60
N HIS B 483 -21.60 -17.03 -10.61
CA HIS B 483 -22.66 -16.73 -11.57
C HIS B 483 -22.18 -15.85 -12.73
N TYR B 484 -20.89 -15.48 -12.70
CA TYR B 484 -20.30 -14.59 -13.70
C TYR B 484 -19.63 -15.42 -14.79
N ALA B 485 -20.11 -15.25 -16.01
CA ALA B 485 -19.58 -15.97 -17.16
C ALA B 485 -18.57 -15.06 -17.86
N ASN B 486 -18.04 -15.56 -18.98
CA ASN B 486 -17.18 -14.83 -19.91
C ASN B 486 -17.36 -15.50 -21.28
N PRO B 487 -17.16 -14.82 -22.44
CA PRO B 487 -17.21 -15.49 -23.74
C PRO B 487 -16.40 -16.77 -23.88
N PRO B 488 -17.03 -17.88 -24.31
CA PRO B 488 -16.34 -19.17 -24.45
C PRO B 488 -15.48 -19.28 -25.73
N THR B 489 -14.60 -18.31 -25.90
CA THR B 489 -13.77 -18.26 -27.08
C THR B 489 -12.85 -19.47 -27.14
N LEU B 490 -12.64 -20.18 -26.02
CA LEU B 490 -11.72 -21.30 -26.16
C LEU B 490 -12.29 -22.34 -27.13
N PHE B 491 -13.62 -22.41 -27.26
CA PHE B 491 -14.25 -23.29 -28.24
C PHE B 491 -13.73 -23.02 -29.65
N LEU B 492 -13.45 -21.75 -29.98
CA LEU B 492 -12.89 -21.40 -31.29
C LEU B 492 -11.54 -22.10 -31.50
N VAL B 493 -10.77 -22.29 -30.43
CA VAL B 493 -9.51 -22.96 -30.66
C VAL B 493 -9.81 -24.43 -30.95
N LEU B 494 -10.75 -24.98 -30.18
CA LEU B 494 -11.07 -26.38 -30.41
C LEU B 494 -11.60 -26.56 -31.84
N ASP B 495 -12.36 -25.57 -32.36
CA ASP B 495 -12.88 -25.67 -33.73
C ASP B 495 -11.73 -25.82 -34.72
N ASN B 496 -10.67 -25.00 -34.57
CA ASN B 496 -9.49 -25.08 -35.44
C ASN B 496 -8.77 -26.41 -35.28
N PHE B 497 -8.73 -26.93 -34.04
CA PHE B 497 -8.15 -28.24 -33.81
C PHE B 497 -8.95 -29.34 -34.51
N VAL B 498 -10.28 -29.31 -34.40
CA VAL B 498 -11.09 -30.35 -35.06
C VAL B 498 -10.85 -30.31 -36.57
N GLU B 499 -10.85 -29.08 -37.12
CA GLU B 499 -10.62 -28.83 -38.53
C GLU B 499 -9.32 -29.53 -38.94
N ARG B 500 -8.23 -29.22 -38.23
CA ARG B 500 -6.96 -29.92 -38.39
C ARG B 500 -7.10 -31.44 -38.28
N LEU B 501 -7.90 -31.93 -37.33
CA LEU B 501 -8.05 -33.38 -37.19
C LEU B 501 -8.70 -33.98 -38.43
N ARG B 502 -9.52 -33.18 -39.12
CA ARG B 502 -10.30 -33.65 -40.25
C ARG B 502 -9.42 -33.78 -41.50
N LYS B 503 -8.30 -33.04 -41.58
CA LYS B 503 -7.45 -33.03 -42.77
C LYS B 503 -6.51 -34.25 -42.83
N THR B 520 8.39 -34.91 -33.14
CA THR B 520 8.22 -33.54 -32.58
C THR B 520 6.92 -33.48 -31.76
N LEU B 521 7.07 -33.05 -30.51
CA LEU B 521 5.97 -33.06 -29.56
C LEU B 521 4.88 -32.05 -29.91
N SER B 522 5.24 -31.02 -30.68
CA SER B 522 4.35 -29.97 -31.14
C SER B 522 3.07 -30.51 -31.77
N THR B 523 3.14 -31.60 -32.55
CA THR B 523 1.99 -32.02 -33.33
C THR B 523 1.63 -33.48 -33.02
N ALA B 524 2.15 -34.02 -31.91
CA ALA B 524 1.97 -35.42 -31.59
C ALA B 524 0.48 -35.77 -31.68
N SER B 525 -0.36 -34.79 -31.43
CA SER B 525 -1.80 -34.99 -31.27
C SER B 525 -2.54 -35.00 -32.61
N VAL B 526 -1.95 -34.41 -33.65
CA VAL B 526 -2.51 -34.52 -34.99
C VAL B 526 -1.74 -35.61 -35.73
N ASP B 527 -0.45 -35.79 -35.44
CA ASP B 527 0.37 -36.74 -36.18
C ASP B 527 -0.19 -38.14 -36.00
N ASN B 528 -0.65 -38.45 -34.79
CA ASN B 528 -1.39 -39.67 -34.56
C ASN B 528 -2.77 -39.21 -34.14
N PRO B 529 -3.73 -39.11 -35.09
CA PRO B 529 -5.05 -38.55 -34.79
C PRO B 529 -5.83 -39.30 -33.68
N GLU B 530 -5.45 -40.56 -33.42
CA GLU B 530 -6.02 -41.29 -32.31
C GLU B 530 -5.75 -40.55 -30.99
N VAL B 531 -4.60 -39.86 -30.92
CA VAL B 531 -4.21 -39.16 -29.71
C VAL B 531 -5.11 -37.94 -29.51
N GLY B 532 -5.24 -37.13 -30.56
CA GLY B 532 -6.11 -35.98 -30.49
C GLY B 532 -7.56 -36.41 -30.23
N LEU B 533 -7.95 -37.55 -30.81
CA LEU B 533 -9.32 -37.99 -30.60
C LEU B 533 -9.55 -38.29 -29.12
N GLU B 534 -8.56 -38.92 -28.47
CA GLU B 534 -8.71 -39.26 -27.06
C GLU B 534 -8.74 -38.01 -26.20
N TYR B 535 -7.88 -37.03 -26.50
CA TYR B 535 -7.89 -35.76 -25.79
C TYR B 535 -9.31 -35.16 -25.80
N LEU B 536 -9.93 -35.14 -26.99
CA LEU B 536 -11.28 -34.60 -27.08
C LEU B 536 -12.27 -35.47 -26.31
N ARG B 537 -12.05 -36.79 -26.35
CA ARG B 537 -12.91 -37.71 -25.62
C ARG B 537 -12.92 -37.34 -24.14
N ARG B 538 -11.75 -36.96 -23.59
CA ARG B 538 -11.63 -36.67 -22.17
C ARG B 538 -12.12 -35.25 -21.82
N LEU B 539 -12.09 -34.30 -22.77
CA LEU B 539 -12.47 -32.91 -22.53
C LEU B 539 -13.97 -32.70 -22.79
N TYR B 540 -14.55 -33.51 -23.69
CA TYR B 540 -15.91 -33.31 -24.17
C TYR B 540 -16.90 -33.15 -23.01
N PRO B 541 -16.92 -34.07 -22.00
CA PRO B 541 -17.82 -33.93 -20.84
C PRO B 541 -17.71 -32.57 -20.14
N LEU B 542 -16.50 -31.99 -20.06
CA LEU B 542 -16.34 -30.66 -19.44
C LEU B 542 -16.90 -29.56 -20.36
N LEU B 543 -16.77 -29.70 -21.69
CA LEU B 543 -17.39 -28.76 -22.61
C LEU B 543 -18.92 -28.83 -22.47
N ARG B 544 -19.46 -30.05 -22.40
CA ARG B 544 -20.91 -30.23 -22.24
C ARG B 544 -21.35 -29.58 -20.92
N ARG B 545 -20.54 -29.76 -19.87
CA ARG B 545 -20.91 -29.24 -18.55
C ARG B 545 -21.00 -27.71 -18.63
N GLN B 546 -20.00 -27.10 -19.27
CA GLN B 546 -19.98 -25.66 -19.36
C GLN B 546 -21.20 -25.16 -20.15
N PHE B 547 -21.58 -25.94 -21.18
CA PHE B 547 -22.69 -25.58 -22.05
C PHE B 547 -24.01 -25.60 -21.25
N ASP B 548 -24.23 -26.72 -20.55
CA ASP B 548 -25.32 -26.85 -19.57
C ASP B 548 -25.29 -25.64 -18.66
N TRP B 549 -24.11 -25.35 -18.09
CA TRP B 549 -23.95 -24.30 -17.09
C TRP B 549 -24.40 -22.97 -17.67
N PHE B 550 -24.01 -22.67 -18.92
CA PHE B 550 -24.42 -21.41 -19.52
C PHE B 550 -25.93 -21.33 -19.59
N ARG B 551 -26.57 -22.39 -20.10
CA ARG B 551 -27.99 -22.36 -20.43
C ARG B 551 -28.83 -22.30 -19.16
N LYS B 552 -28.27 -22.81 -18.05
CA LYS B 552 -28.94 -22.74 -16.76
C LYS B 552 -28.72 -21.39 -16.08
N THR B 553 -27.47 -20.90 -15.95
CA THR B 553 -27.21 -19.72 -15.11
C THR B 553 -27.34 -18.41 -15.88
N GLN B 554 -27.31 -18.45 -17.23
CA GLN B 554 -27.44 -17.21 -17.98
C GLN B 554 -28.74 -17.21 -18.78
N ALA B 555 -29.68 -18.11 -18.43
CA ALA B 555 -30.99 -18.15 -19.08
C ALA B 555 -31.62 -16.76 -19.07
N GLY B 556 -32.14 -16.34 -20.24
CA GLY B 556 -33.06 -15.21 -20.33
C GLY B 556 -34.50 -15.60 -19.94
N ASP B 557 -35.43 -14.66 -20.12
CA ASP B 557 -36.82 -14.86 -19.73
C ASP B 557 -37.73 -14.57 -20.93
N ILE B 558 -38.41 -15.63 -21.42
CA ILE B 558 -39.42 -15.53 -22.45
C ILE B 558 -40.81 -15.59 -21.81
N LYS B 559 -41.09 -16.69 -21.07
CA LYS B 559 -42.34 -17.07 -20.42
C LYS B 559 -43.03 -15.87 -19.74
N SER B 560 -42.33 -15.21 -18.82
CA SER B 560 -43.02 -14.36 -17.86
C SER B 560 -43.35 -12.98 -18.44
N TYR B 561 -43.16 -12.80 -19.76
CA TYR B 561 -43.50 -11.55 -20.41
C TYR B 561 -44.36 -11.75 -21.67
N ASP B 562 -44.77 -10.63 -22.27
CA ASP B 562 -45.48 -10.58 -23.54
C ASP B 562 -44.46 -10.68 -24.68
N ARG B 563 -43.94 -11.90 -24.90
CA ARG B 563 -42.85 -12.15 -25.83
C ARG B 563 -43.21 -13.34 -26.72
N GLU B 564 -43.38 -13.07 -28.01
CA GLU B 564 -43.57 -14.17 -28.95
C GLU B 564 -42.22 -14.50 -29.59
N ALA B 565 -41.93 -15.79 -29.65
CA ALA B 565 -40.69 -16.27 -30.24
C ALA B 565 -40.87 -17.72 -30.68
N TYR B 566 -40.20 -18.08 -31.78
CA TYR B 566 -40.17 -19.42 -32.33
C TYR B 566 -39.88 -20.46 -31.25
N SER B 567 -38.96 -20.13 -30.31
CA SER B 567 -38.69 -21.04 -29.20
C SER B 567 -38.93 -20.33 -27.89
N THR B 568 -39.39 -21.09 -26.88
CA THR B 568 -39.67 -20.56 -25.55
C THR B 568 -38.47 -20.77 -24.64
N LYS B 569 -37.43 -21.45 -25.16
CA LYS B 569 -36.31 -21.90 -24.36
C LYS B 569 -35.06 -21.02 -24.60
N GLU B 570 -34.82 -20.63 -25.87
CA GLU B 570 -33.54 -20.09 -26.27
C GLU B 570 -33.53 -18.57 -26.08
N ALA B 571 -32.95 -18.14 -24.95
CA ALA B 571 -32.89 -16.72 -24.65
C ALA B 571 -31.90 -16.51 -23.51
N TYR B 572 -31.09 -15.44 -23.59
CA TYR B 572 -29.90 -15.34 -22.78
C TYR B 572 -29.70 -13.93 -22.25
N ARG B 573 -29.32 -13.86 -20.95
CA ARG B 573 -29.01 -12.60 -20.29
C ARG B 573 -27.72 -12.74 -19.46
N TRP B 574 -26.75 -11.85 -19.72
CA TRP B 574 -25.49 -11.91 -18.98
C TRP B 574 -25.76 -11.56 -17.52
N ARG B 575 -25.55 -12.49 -16.59
CA ARG B 575 -25.54 -12.11 -15.18
C ARG B 575 -24.43 -11.07 -14.94
N GLY B 576 -24.59 -10.21 -13.92
CA GLY B 576 -23.46 -9.47 -13.39
C GLY B 576 -23.37 -8.05 -13.90
N ARG B 577 -24.47 -7.52 -14.46
CA ARG B 577 -24.33 -6.17 -14.94
C ARG B 577 -24.53 -5.16 -13.82
N THR B 578 -24.02 -3.94 -14.03
CA THR B 578 -24.33 -2.82 -13.14
C THR B 578 -24.87 -1.70 -14.03
N VAL B 579 -25.15 -0.52 -13.47
CA VAL B 579 -25.88 0.48 -14.24
C VAL B 579 -25.20 0.79 -15.58
N SER B 580 -23.87 0.89 -15.58
CA SER B 580 -23.20 1.41 -16.78
C SER B 580 -22.26 0.38 -17.42
N HIS B 581 -22.37 -0.89 -17.02
CA HIS B 581 -21.30 -1.81 -17.38
C HIS B 581 -21.87 -3.21 -17.59
N CYS B 582 -21.14 -4.00 -18.38
CA CYS B 582 -21.38 -5.43 -18.43
C CYS B 582 -20.02 -6.11 -18.61
N LEU B 583 -19.30 -6.28 -17.49
CA LEU B 583 -17.92 -6.78 -17.46
C LEU B 583 -17.85 -8.22 -17.96
N THR B 584 -18.86 -9.04 -17.62
CA THR B 584 -18.78 -10.44 -17.94
C THR B 584 -18.83 -10.68 -19.46
N SER B 585 -19.42 -9.74 -20.19
CA SER B 585 -19.56 -9.95 -21.62
C SER B 585 -18.21 -9.71 -22.27
N GLY B 586 -17.31 -8.99 -21.56
CA GLY B 586 -16.01 -8.64 -22.09
C GLY B 586 -16.00 -7.28 -22.78
N LEU B 587 -17.16 -6.72 -23.15
CA LEU B 587 -17.15 -5.40 -23.76
C LEU B 587 -17.64 -4.40 -22.69
N ASP B 588 -16.78 -4.13 -21.70
CA ASP B 588 -17.13 -3.59 -20.39
C ASP B 588 -18.20 -2.49 -20.44
N ASP B 589 -18.00 -1.45 -21.27
CA ASP B 589 -18.89 -0.29 -21.22
C ASP B 589 -19.72 -0.16 -22.48
N TYR B 590 -19.85 -1.24 -23.24
CA TYR B 590 -20.70 -1.15 -24.43
C TYR B 590 -22.12 -0.79 -23.98
N PRO B 591 -22.77 0.22 -24.60
CA PRO B 591 -24.13 0.61 -24.23
C PRO B 591 -25.08 -0.59 -24.26
N ARG B 592 -25.79 -0.76 -23.15
CA ARG B 592 -26.76 -1.83 -22.97
C ARG B 592 -28.11 -1.20 -22.59
N PRO B 593 -29.20 -1.96 -22.42
CA PRO B 593 -30.50 -1.35 -22.09
C PRO B 593 -30.41 -0.59 -20.77
N GLN B 594 -31.10 0.57 -20.69
CA GLN B 594 -31.11 1.40 -19.49
C GLN B 594 -32.54 1.48 -18.93
N PRO B 595 -32.77 0.99 -17.70
CA PRO B 595 -31.69 0.54 -16.85
C PRO B 595 -31.50 -0.96 -17.12
N PRO B 596 -30.55 -1.61 -16.43
CA PRO B 596 -30.52 -3.07 -16.40
C PRO B 596 -31.85 -3.58 -15.87
N HIS B 597 -32.19 -4.82 -16.19
CA HIS B 597 -33.53 -5.33 -15.96
C HIS B 597 -33.46 -6.83 -16.18
N PRO B 598 -34.14 -7.64 -15.33
CA PRO B 598 -34.10 -9.10 -15.44
C PRO B 598 -34.73 -9.62 -16.73
N GLY B 599 -35.26 -8.69 -17.53
CA GLY B 599 -35.97 -8.98 -18.76
C GLY B 599 -35.14 -8.64 -20.00
N GLU B 600 -33.88 -8.20 -19.76
CA GLU B 600 -32.87 -8.05 -20.78
C GLU B 600 -32.57 -9.37 -21.48
N LEU B 601 -32.19 -9.25 -22.76
CA LEU B 601 -31.61 -10.34 -23.52
C LEU B 601 -30.45 -9.77 -24.31
N HIS B 602 -29.31 -10.47 -24.27
CA HIS B 602 -28.11 -9.98 -24.93
C HIS B 602 -27.84 -10.82 -26.17
N VAL B 603 -27.76 -10.16 -27.33
CA VAL B 603 -27.62 -10.88 -28.59
C VAL B 603 -26.22 -11.51 -28.70
N ASP B 604 -25.18 -10.85 -28.16
CA ASP B 604 -23.84 -11.45 -28.12
C ASP B 604 -23.86 -12.77 -27.37
N LEU B 605 -24.58 -12.82 -26.24
CA LEU B 605 -24.50 -14.01 -25.41
C LEU B 605 -25.23 -15.15 -26.12
N MET B 606 -26.34 -14.81 -26.78
CA MET B 606 -27.02 -15.86 -27.54
C MET B 606 -26.09 -16.37 -28.64
N SER B 607 -25.39 -15.44 -29.33
CA SER B 607 -24.43 -15.87 -30.34
C SER B 607 -23.39 -16.85 -29.79
N TRP B 608 -22.77 -16.56 -28.62
CA TRP B 608 -21.79 -17.46 -28.00
C TRP B 608 -22.41 -18.82 -27.71
N VAL B 609 -23.69 -18.88 -27.31
CA VAL B 609 -24.27 -20.20 -27.09
C VAL B 609 -24.33 -20.92 -28.44
N GLY B 610 -24.61 -20.14 -29.50
CA GLY B 610 -24.58 -20.69 -30.84
C GLY B 610 -23.22 -21.28 -31.21
N VAL B 611 -22.14 -20.54 -30.88
CA VAL B 611 -20.76 -21.02 -31.07
C VAL B 611 -20.59 -22.39 -30.42
N MET B 612 -21.03 -22.51 -29.17
CA MET B 612 -20.76 -23.67 -28.35
C MET B 612 -21.50 -24.89 -28.91
N VAL B 613 -22.80 -24.71 -29.22
CA VAL B 613 -23.58 -25.81 -29.75
C VAL B 613 -22.96 -26.23 -31.09
N LYS B 614 -22.50 -25.27 -31.91
CA LYS B 614 -21.82 -25.66 -33.14
C LYS B 614 -20.58 -26.55 -32.85
N SER B 615 -19.71 -26.11 -31.93
CA SER B 615 -18.52 -26.88 -31.56
C SER B 615 -18.92 -28.27 -31.08
N LEU B 616 -19.99 -28.34 -30.28
CA LEU B 616 -20.35 -29.60 -29.64
C LEU B 616 -20.92 -30.59 -30.67
N ILE B 617 -21.63 -30.07 -31.68
CA ILE B 617 -22.09 -30.91 -32.80
C ILE B 617 -20.86 -31.60 -33.43
N SER B 618 -19.80 -30.84 -33.74
CA SER B 618 -18.61 -31.37 -34.41
C SER B 618 -17.92 -32.40 -33.53
N ILE B 619 -17.68 -32.01 -32.28
CA ILE B 619 -16.92 -32.87 -31.41
C ILE B 619 -17.76 -34.11 -31.11
N GLY B 620 -19.04 -33.88 -30.72
CA GLY B 620 -19.94 -34.98 -30.42
C GLY B 620 -19.92 -35.99 -31.57
N SER B 621 -19.96 -35.49 -32.80
CA SER B 621 -20.06 -36.32 -33.98
C SER B 621 -18.77 -37.12 -34.19
N LEU B 622 -17.61 -36.49 -33.90
CA LEU B 622 -16.33 -37.17 -33.97
C LEU B 622 -16.26 -38.29 -32.92
N LEU B 623 -17.01 -38.18 -31.84
CA LEU B 623 -16.88 -39.15 -30.76
C LEU B 623 -18.02 -40.19 -30.81
N GLY B 624 -18.92 -40.08 -31.79
CA GLY B 624 -20.07 -40.98 -31.90
C GLY B 624 -21.10 -40.75 -30.81
N ALA B 625 -21.22 -39.51 -30.32
CA ALA B 625 -22.18 -39.26 -29.26
C ALA B 625 -23.56 -38.98 -29.86
N THR B 626 -24.13 -40.00 -30.51
CA THR B 626 -25.31 -39.84 -31.35
C THR B 626 -26.48 -39.31 -30.55
N GLU B 627 -26.59 -39.72 -29.27
CA GLU B 627 -27.65 -39.24 -28.39
C GLU B 627 -27.64 -37.71 -28.24
N ASP B 628 -26.45 -37.12 -28.09
CA ASP B 628 -26.26 -35.69 -27.91
C ASP B 628 -26.54 -34.89 -29.19
N VAL B 629 -26.35 -35.49 -30.37
CA VAL B 629 -26.42 -34.75 -31.61
C VAL B 629 -27.87 -34.33 -31.89
N GLU B 630 -28.82 -35.17 -31.48
CA GLU B 630 -30.22 -34.85 -31.64
C GLU B 630 -30.56 -33.59 -30.82
N PHE B 631 -29.96 -33.44 -29.64
CA PHE B 631 -30.26 -32.30 -28.75
C PHE B 631 -29.63 -31.02 -29.28
N TYR B 632 -28.32 -31.08 -29.60
CA TYR B 632 -27.60 -29.93 -30.11
C TYR B 632 -28.31 -29.36 -31.34
N THR B 633 -28.77 -30.29 -32.18
CA THR B 633 -29.43 -29.96 -33.44
C THR B 633 -30.64 -29.06 -33.21
N LYS B 634 -31.47 -29.43 -32.23
CA LYS B 634 -32.66 -28.68 -31.89
C LYS B 634 -32.27 -27.29 -31.35
N VAL B 635 -31.19 -27.25 -30.55
CA VAL B 635 -30.86 -25.99 -29.90
C VAL B 635 -30.42 -25.00 -30.98
N LEU B 636 -29.57 -25.51 -31.89
CA LEU B 636 -29.01 -24.63 -32.89
C LEU B 636 -30.15 -24.07 -33.74
N ASP B 637 -31.07 -24.96 -34.11
CA ASP B 637 -32.23 -24.54 -34.88
C ASP B 637 -33.01 -23.46 -34.10
N ALA B 638 -33.14 -23.63 -32.78
CA ALA B 638 -33.92 -22.68 -32.00
C ALA B 638 -33.18 -21.35 -31.91
N ILE B 639 -31.87 -21.40 -31.77
CA ILE B 639 -31.12 -20.15 -31.66
C ILE B 639 -31.22 -19.37 -32.98
N GLU B 640 -31.06 -20.06 -34.12
CA GLU B 640 -31.14 -19.39 -35.43
C GLU B 640 -32.49 -18.67 -35.58
N HIS B 641 -33.57 -19.30 -35.13
CA HIS B 641 -34.85 -18.61 -35.19
C HIS B 641 -34.92 -17.46 -34.17
N ASN B 642 -34.58 -17.77 -32.91
CA ASN B 642 -34.76 -16.78 -31.85
C ASN B 642 -33.87 -15.55 -32.04
N LEU B 643 -32.70 -15.71 -32.68
CA LEU B 643 -31.90 -14.53 -32.99
C LEU B 643 -32.75 -13.55 -33.80
N ASP B 644 -33.57 -14.09 -34.74
CA ASP B 644 -34.41 -13.22 -35.55
C ASP B 644 -35.58 -12.70 -34.73
N ASP B 645 -36.31 -13.61 -34.08
CA ASP B 645 -37.52 -13.26 -33.34
C ASP B 645 -37.19 -12.20 -32.29
N LEU B 646 -36.26 -12.52 -31.38
CA LEU B 646 -35.94 -11.66 -30.24
C LEU B 646 -35.04 -10.46 -30.56
N HIS B 647 -34.14 -10.54 -31.57
CA HIS B 647 -33.08 -9.56 -31.60
C HIS B 647 -32.92 -8.81 -32.92
N TRP B 648 -33.58 -9.27 -33.98
CA TRP B 648 -33.40 -8.56 -35.24
C TRP B 648 -34.30 -7.33 -35.31
N SER B 649 -33.74 -6.18 -35.73
CA SER B 649 -34.48 -4.96 -35.95
C SER B 649 -34.52 -4.61 -37.44
N GLU B 650 -35.73 -4.66 -38.02
CA GLU B 650 -35.97 -4.25 -39.39
C GLU B 650 -35.75 -2.75 -39.55
N LYS B 651 -36.21 -1.93 -38.59
CA LYS B 651 -35.97 -0.49 -38.66
C LYS B 651 -34.48 -0.18 -38.81
N GLU B 652 -33.61 -0.90 -38.08
CA GLU B 652 -32.23 -0.46 -37.91
C GLU B 652 -31.30 -1.20 -38.87
N GLY B 653 -31.77 -2.34 -39.39
CA GLY B 653 -30.95 -3.14 -40.28
C GLY B 653 -29.80 -3.86 -39.55
N CYS B 654 -30.08 -4.36 -38.34
CA CYS B 654 -29.02 -4.92 -37.50
C CYS B 654 -29.66 -5.61 -36.32
N TYR B 655 -28.84 -6.42 -35.64
CA TYR B 655 -29.25 -7.08 -34.40
C TYR B 655 -29.14 -6.10 -33.24
N CYS B 656 -29.98 -6.33 -32.21
CA CYS B 656 -30.03 -5.48 -31.02
C CYS B 656 -30.26 -6.35 -29.78
N ASP B 657 -29.78 -5.87 -28.62
CA ASP B 657 -30.19 -6.37 -27.31
C ASP B 657 -31.68 -6.02 -27.13
N ALA B 658 -32.38 -6.73 -26.24
CA ALA B 658 -33.78 -6.45 -25.93
C ALA B 658 -33.98 -6.23 -24.42
N THR B 659 -35.00 -5.44 -24.04
CA THR B 659 -35.38 -5.35 -22.64
C THR B 659 -36.89 -5.50 -22.51
N ILE B 660 -37.36 -5.33 -21.26
CA ILE B 660 -38.72 -4.95 -20.96
C ILE B 660 -38.71 -3.47 -20.56
N ASP B 661 -39.51 -2.63 -21.26
CA ASP B 661 -39.51 -1.19 -21.01
C ASP B 661 -40.50 -0.84 -19.90
N GLU B 662 -40.58 0.46 -19.62
CA GLU B 662 -41.32 0.99 -18.48
C GLU B 662 -42.81 0.68 -18.58
N PHE B 663 -43.33 0.48 -19.80
CA PHE B 663 -44.73 0.11 -19.98
C PHE B 663 -44.93 -1.40 -20.08
N GLU B 664 -43.99 -2.20 -19.54
CA GLU B 664 -44.02 -3.66 -19.53
C GLU B 664 -43.79 -4.30 -20.92
N GLU B 665 -43.23 -3.55 -21.89
CA GLU B 665 -43.15 -4.03 -23.28
C GLU B 665 -41.76 -4.57 -23.67
N HIS B 666 -41.76 -5.60 -24.52
CA HIS B 666 -40.59 -6.04 -25.24
C HIS B 666 -40.12 -4.93 -26.17
N LYS B 667 -38.90 -4.47 -25.91
CA LYS B 667 -38.34 -3.36 -26.65
C LYS B 667 -36.91 -3.77 -27.00
N LEU B 668 -36.56 -3.49 -28.26
CA LEU B 668 -35.21 -3.67 -28.74
C LEU B 668 -34.50 -2.37 -28.40
N VAL B 669 -33.22 -2.48 -28.05
CA VAL B 669 -32.44 -1.29 -27.75
C VAL B 669 -31.20 -1.35 -28.62
N CYS B 670 -31.23 -0.61 -29.72
CA CYS B 670 -30.20 -0.71 -30.75
C CYS B 670 -29.13 0.35 -30.48
N HIS B 671 -27.89 -0.11 -30.43
CA HIS B 671 -26.75 0.78 -30.45
C HIS B 671 -25.77 0.17 -31.44
N LYS B 672 -25.59 0.85 -32.58
CA LYS B 672 -24.90 0.23 -33.71
C LYS B 672 -23.40 0.20 -33.44
N GLY B 673 -22.86 -1.03 -33.41
CA GLY B 673 -21.45 -1.27 -33.16
C GLY B 673 -21.19 -2.76 -33.06
N TYR B 674 -20.16 -3.17 -32.28
CA TYR B 674 -19.79 -4.57 -32.32
C TYR B 674 -20.97 -5.48 -32.00
N ILE B 675 -21.75 -5.15 -30.97
CA ILE B 675 -22.79 -6.07 -30.52
C ILE B 675 -23.81 -6.35 -31.62
N SER B 676 -24.05 -5.31 -32.45
CA SER B 676 -25.03 -5.32 -33.53
C SER B 676 -24.64 -6.35 -34.58
N LEU B 677 -23.32 -6.67 -34.62
CA LEU B 677 -22.74 -7.50 -35.66
C LEU B 677 -22.65 -8.96 -35.24
N PHE B 678 -23.08 -9.26 -34.00
CA PHE B 678 -22.64 -10.45 -33.34
C PHE B 678 -22.97 -11.77 -34.03
N PRO B 679 -24.21 -12.05 -34.49
CA PRO B 679 -24.48 -13.33 -35.16
C PRO B 679 -23.61 -13.54 -36.41
N PHE B 680 -23.16 -12.45 -37.03
CA PHE B 680 -22.21 -12.50 -38.11
C PHE B 680 -20.79 -12.86 -37.61
N LEU B 681 -20.32 -12.16 -36.57
CA LEU B 681 -18.96 -12.28 -36.07
C LEU B 681 -18.68 -13.70 -35.59
N THR B 682 -19.71 -14.44 -35.16
CA THR B 682 -19.55 -15.76 -34.55
C THR B 682 -19.89 -16.83 -35.57
N GLY B 683 -20.25 -16.39 -36.79
CA GLY B 683 -20.38 -17.28 -37.94
C GLY B 683 -21.72 -18.01 -38.01
N LEU B 684 -22.81 -17.36 -37.55
CA LEU B 684 -24.06 -18.08 -37.43
C LEU B 684 -24.95 -17.85 -38.65
N LEU B 685 -24.58 -16.92 -39.54
CA LEU B 685 -25.46 -16.58 -40.65
C LEU B 685 -25.04 -17.31 -41.92
N LYS B 686 -26.04 -17.73 -42.70
CA LYS B 686 -25.83 -18.40 -43.98
C LYS B 686 -25.42 -17.34 -45.00
N PRO B 687 -24.64 -17.68 -46.05
CA PRO B 687 -24.17 -16.69 -47.02
C PRO B 687 -25.29 -16.04 -47.83
N ASP B 688 -26.48 -16.68 -47.81
CA ASP B 688 -27.64 -16.15 -48.51
C ASP B 688 -28.54 -15.39 -47.54
N SER B 689 -28.06 -14.99 -46.36
CA SER B 689 -28.98 -14.35 -45.44
C SER B 689 -29.15 -12.90 -45.83
N PRO B 690 -30.39 -12.40 -46.04
CA PRO B 690 -30.59 -10.98 -46.33
C PRO B 690 -30.20 -10.15 -45.11
N LYS B 691 -30.18 -10.77 -43.93
CA LYS B 691 -29.70 -10.08 -42.74
C LYS B 691 -28.19 -9.87 -42.86
N LEU B 692 -27.50 -10.90 -43.37
CA LEU B 692 -26.06 -10.78 -43.53
C LEU B 692 -25.73 -9.62 -44.48
N GLY B 693 -26.53 -9.42 -45.54
CA GLY B 693 -26.27 -8.32 -46.46
C GLY B 693 -26.34 -6.95 -45.78
N LYS B 694 -27.32 -6.81 -44.87
CA LYS B 694 -27.56 -5.58 -44.11
C LYS B 694 -26.41 -5.26 -43.17
N LEU B 695 -25.91 -6.29 -42.46
CA LEU B 695 -24.75 -6.12 -41.59
C LEU B 695 -23.51 -5.73 -42.39
N LEU B 696 -23.33 -6.31 -43.58
CA LEU B 696 -22.19 -5.99 -44.43
C LEU B 696 -22.23 -4.52 -44.83
N ALA B 697 -23.44 -4.00 -45.05
CA ALA B 697 -23.55 -2.62 -45.50
C ALA B 697 -23.15 -1.69 -44.36
N LEU B 698 -23.62 -2.01 -43.15
CA LEU B 698 -23.28 -1.30 -41.93
C LEU B 698 -21.76 -1.33 -41.68
N ILE B 699 -21.14 -2.50 -41.79
CA ILE B 699 -19.72 -2.69 -41.52
C ILE B 699 -18.94 -1.78 -42.46
N GLY B 700 -19.44 -1.67 -43.69
CA GLY B 700 -18.76 -0.91 -44.72
C GLY B 700 -19.05 0.60 -44.66
N ASP B 701 -20.02 1.01 -43.85
CA ASP B 701 -20.53 2.38 -43.84
C ASP B 701 -19.58 3.28 -43.05
N GLU B 702 -18.83 4.15 -43.77
CA GLU B 702 -17.81 5.07 -43.27
C GLU B 702 -18.42 6.07 -42.29
N SER B 703 -19.74 6.28 -42.41
CA SER B 703 -20.46 7.16 -41.50
C SER B 703 -20.73 6.46 -40.16
N GLU B 704 -20.59 5.12 -40.12
CA GLU B 704 -21.00 4.31 -38.98
C GLU B 704 -19.80 3.61 -38.35
N LEU B 705 -19.41 2.45 -38.90
CA LEU B 705 -18.44 1.57 -38.25
C LEU B 705 -17.07 1.60 -38.92
N TRP B 706 -17.00 1.97 -40.20
CA TRP B 706 -15.78 1.89 -41.00
C TRP B 706 -14.92 3.15 -40.84
N SER B 707 -13.83 3.01 -40.06
CA SER B 707 -12.77 4.01 -39.98
C SER B 707 -11.64 3.58 -40.91
N PRO B 708 -10.68 4.48 -41.21
CA PRO B 708 -9.47 4.09 -41.93
C PRO B 708 -8.57 3.11 -41.18
N TYR B 709 -8.95 2.79 -39.94
CA TYR B 709 -8.06 2.07 -39.02
C TYR B 709 -8.63 0.72 -38.61
N GLY B 710 -9.84 0.42 -39.08
CA GLY B 710 -10.57 -0.78 -38.67
C GLY B 710 -11.99 -0.41 -38.24
N LEU B 711 -12.77 -1.41 -37.83
CA LEU B 711 -14.13 -1.17 -37.39
C LEU B 711 -14.14 -0.57 -35.99
N ARG B 712 -14.88 0.55 -35.87
CA ARG B 712 -15.18 1.21 -34.62
C ARG B 712 -16.06 0.28 -33.79
N SER B 713 -15.85 0.27 -32.48
CA SER B 713 -16.62 -0.58 -31.59
C SER B 713 -18.06 -0.08 -31.47
N LEU B 714 -18.20 1.24 -31.62
CA LEU B 714 -19.48 1.93 -31.60
C LEU B 714 -19.51 2.93 -32.73
N SER B 715 -20.67 3.05 -33.40
CA SER B 715 -20.93 3.95 -34.52
C SER B 715 -20.79 5.42 -34.11
N LYS B 716 -20.18 6.22 -35.00
CA LYS B 716 -20.14 7.68 -34.84
C LYS B 716 -21.53 8.29 -34.60
N LYS B 717 -22.60 7.64 -35.08
CA LYS B 717 -23.94 8.18 -35.01
C LYS B 717 -24.62 7.78 -33.70
N ASP B 718 -24.01 6.83 -32.96
CA ASP B 718 -24.67 6.43 -31.72
C ASP B 718 -24.53 7.57 -30.70
N GLU B 719 -25.57 7.75 -29.89
CA GLU B 719 -25.56 8.88 -28.99
C GLU B 719 -24.45 8.70 -27.95
N PHE B 720 -24.02 7.43 -27.74
CA PHE B 720 -23.05 7.13 -26.69
C PHE B 720 -21.63 7.11 -27.23
N TYR B 721 -21.49 7.45 -28.52
CA TYR B 721 -20.19 7.56 -29.15
C TYR B 721 -19.28 8.49 -28.34
N GLY B 722 -18.10 8.00 -27.94
CA GLY B 722 -17.06 8.79 -27.33
C GLY B 722 -17.29 9.09 -25.83
N THR B 723 -18.41 8.63 -25.26
CA THR B 723 -18.83 9.06 -23.93
C THR B 723 -18.15 8.26 -22.79
N ALA B 724 -18.22 8.82 -21.58
CA ALA B 724 -17.72 8.26 -20.32
C ALA B 724 -16.28 7.74 -20.42
N GLU B 725 -16.06 6.46 -20.07
CA GLU B 725 -14.73 5.88 -20.12
C GLU B 725 -14.30 5.66 -21.58
N ASN B 726 -15.26 5.56 -22.50
CA ASN B 726 -14.98 5.45 -23.94
C ASN B 726 -14.07 4.24 -24.22
N TYR B 727 -14.38 3.10 -23.59
CA TYR B 727 -13.54 1.92 -23.66
C TYR B 727 -13.94 1.10 -24.89
N TRP B 728 -15.22 0.73 -24.95
CA TRP B 728 -15.79 0.03 -26.07
C TRP B 728 -16.85 0.89 -26.73
N ARG B 729 -16.65 2.22 -26.72
CA ARG B 729 -17.66 3.16 -27.18
C ARG B 729 -17.14 3.99 -28.35
N SER B 730 -16.17 3.44 -29.09
CA SER B 730 -15.74 4.08 -30.33
C SER B 730 -14.47 3.42 -30.86
N PRO B 731 -13.50 3.04 -30.00
CA PRO B 731 -12.17 2.64 -30.49
C PRO B 731 -12.10 1.29 -31.20
N VAL B 732 -10.99 1.06 -31.92
CA VAL B 732 -10.77 -0.16 -32.68
C VAL B 732 -10.15 -1.24 -31.79
N TRP B 733 -10.83 -2.39 -31.66
CA TRP B 733 -10.27 -3.53 -30.95
C TRP B 733 -9.97 -4.66 -31.93
N ILE B 734 -8.83 -5.35 -31.71
CA ILE B 734 -8.26 -6.24 -32.71
C ILE B 734 -8.96 -7.60 -32.68
N ASN B 735 -9.45 -8.04 -31.51
CA ASN B 735 -10.06 -9.36 -31.38
C ASN B 735 -11.37 -9.37 -32.17
N ILE B 736 -12.15 -8.31 -32.07
CA ILE B 736 -13.42 -8.24 -32.75
C ILE B 736 -13.15 -8.03 -34.24
N ASN B 737 -12.17 -7.18 -34.55
CA ASN B 737 -11.86 -6.95 -35.96
C ASN B 737 -11.42 -8.27 -36.62
N TYR B 738 -10.58 -9.01 -35.88
CA TYR B 738 -10.14 -10.32 -36.31
C TYR B 738 -11.33 -11.23 -36.64
N LEU B 739 -12.35 -11.29 -35.77
CA LEU B 739 -13.54 -12.11 -36.05
C LEU B 739 -14.20 -11.66 -37.36
N ALA B 740 -14.34 -10.32 -37.57
CA ALA B 740 -14.92 -9.77 -38.79
C ALA B 740 -14.13 -10.25 -40.02
N ILE B 741 -12.80 -10.06 -39.98
CA ILE B 741 -11.93 -10.45 -41.08
C ILE B 741 -12.17 -11.94 -41.40
N VAL B 742 -12.21 -12.79 -40.37
CA VAL B 742 -12.29 -14.22 -40.60
C VAL B 742 -13.64 -14.52 -41.28
N GLN B 743 -14.68 -13.79 -40.87
CA GLN B 743 -16.03 -14.09 -41.30
C GLN B 743 -16.27 -13.52 -42.70
N LEU B 744 -15.68 -12.34 -42.99
CA LEU B 744 -15.72 -11.76 -44.32
C LEU B 744 -15.10 -12.75 -45.31
N TYR B 745 -13.88 -13.22 -45.00
CA TYR B 745 -13.16 -14.22 -45.78
C TYR B 745 -14.06 -15.44 -46.08
N ASN B 746 -14.85 -15.88 -45.09
CA ASN B 746 -15.71 -17.05 -45.26
C ASN B 746 -16.76 -16.80 -46.36
N ILE B 747 -17.40 -15.63 -46.31
CA ILE B 747 -18.43 -15.28 -47.28
C ILE B 747 -17.82 -15.11 -48.67
N ALA B 748 -16.56 -14.65 -48.70
CA ALA B 748 -15.88 -14.26 -49.92
C ALA B 748 -15.38 -15.48 -50.69
N THR B 749 -15.47 -16.67 -50.09
CA THR B 749 -14.90 -17.88 -50.68
C THR B 749 -15.99 -18.91 -50.90
N GLN B 750 -17.24 -18.45 -50.92
CA GLN B 750 -18.35 -19.31 -51.31
C GLN B 750 -19.35 -18.51 -52.13
N ASP B 751 -20.22 -19.25 -52.82
CA ASP B 751 -21.18 -18.70 -53.76
C ASP B 751 -22.26 -17.96 -53.00
N GLY B 752 -22.63 -16.79 -53.52
CA GLY B 752 -23.76 -16.04 -53.00
C GLY B 752 -23.76 -14.56 -53.40
N PRO B 753 -24.90 -13.87 -53.14
CA PRO B 753 -25.06 -12.46 -53.51
C PRO B 753 -24.05 -11.50 -52.87
N TYR B 754 -23.36 -11.92 -51.80
CA TYR B 754 -22.49 -10.98 -51.07
C TYR B 754 -21.01 -11.29 -51.23
N LYS B 755 -20.70 -12.30 -52.06
CA LYS B 755 -19.34 -12.78 -52.24
C LYS B 755 -18.42 -11.58 -52.52
N GLU B 756 -18.80 -10.77 -53.51
CA GLU B 756 -17.96 -9.65 -53.95
C GLU B 756 -17.89 -8.60 -52.87
N THR B 757 -19.00 -8.35 -52.15
CA THR B 757 -18.99 -7.38 -51.07
C THR B 757 -18.00 -7.82 -50.00
N ALA B 758 -18.10 -9.09 -49.61
CA ALA B 758 -17.19 -9.66 -48.62
C ALA B 758 -15.74 -9.64 -49.12
N ARG B 759 -15.47 -9.98 -50.39
CA ARG B 759 -14.09 -9.98 -50.85
C ARG B 759 -13.48 -8.59 -50.62
N ASP B 760 -14.26 -7.56 -50.97
CA ASP B 760 -13.79 -6.18 -50.96
C ASP B 760 -13.49 -5.75 -49.52
N LEU B 761 -14.51 -5.84 -48.66
CA LEU B 761 -14.38 -5.52 -47.25
C LEU B 761 -13.24 -6.32 -46.62
N TYR B 762 -13.17 -7.63 -46.92
CA TYR B 762 -12.10 -8.44 -46.39
C TYR B 762 -10.74 -7.81 -46.73
N THR B 763 -10.51 -7.52 -48.00
CA THR B 763 -9.22 -7.07 -48.48
C THR B 763 -8.85 -5.77 -47.78
N ARG B 764 -9.87 -4.92 -47.60
CA ARG B 764 -9.64 -3.56 -47.13
C ARG B 764 -9.46 -3.55 -45.61
N LEU B 765 -10.33 -4.26 -44.89
CA LEU B 765 -10.26 -4.32 -43.44
C LEU B 765 -8.90 -4.94 -43.04
N ARG B 766 -8.52 -6.03 -43.68
CA ARG B 766 -7.23 -6.64 -43.44
C ARG B 766 -6.14 -5.57 -43.53
N LYS B 767 -6.00 -4.90 -44.70
CA LYS B 767 -4.97 -3.87 -44.91
C LYS B 767 -5.05 -2.85 -43.78
N ASN B 768 -6.24 -2.32 -43.54
CA ASN B 768 -6.45 -1.34 -42.47
C ASN B 768 -5.89 -1.82 -41.13
N ILE B 769 -6.36 -3.00 -40.66
CA ILE B 769 -6.03 -3.44 -39.31
C ILE B 769 -4.52 -3.68 -39.23
N VAL B 770 -3.95 -4.33 -40.24
CA VAL B 770 -2.54 -4.70 -40.17
C VAL B 770 -1.68 -3.45 -40.12
N GLU B 771 -2.05 -2.47 -40.95
CA GLU B 771 -1.29 -1.25 -41.09
C GLU B 771 -1.32 -0.45 -39.78
N THR B 772 -2.52 -0.32 -39.20
CA THR B 772 -2.59 0.51 -38.01
C THR B 772 -1.79 -0.12 -36.87
N VAL B 773 -1.90 -1.45 -36.70
CA VAL B 773 -1.12 -2.11 -35.66
C VAL B 773 0.36 -2.03 -36.03
N TYR B 774 0.70 -2.22 -37.31
CA TYR B 774 2.10 -2.15 -37.72
C TYR B 774 2.66 -0.75 -37.52
N ARG B 775 1.93 0.30 -37.91
CA ARG B 775 2.53 1.63 -37.95
C ARG B 775 2.81 2.06 -36.50
N ASN B 776 1.94 1.67 -35.59
CA ASN B 776 2.07 2.00 -34.18
C ASN B 776 3.29 1.28 -33.60
N TRP B 777 3.51 0.05 -34.05
CA TRP B 777 4.63 -0.77 -33.61
C TRP B 777 5.94 -0.13 -34.07
N GLU B 778 6.00 0.33 -35.33
CA GLU B 778 7.21 0.96 -35.85
C GLU B 778 7.52 2.19 -35.02
N GLU B 779 6.49 2.98 -34.71
CA GLU B 779 6.64 4.26 -34.07
C GLU B 779 6.85 4.14 -32.55
N THR B 780 6.28 3.12 -31.89
CA THR B 780 6.32 3.11 -30.43
C THR B 780 7.06 1.88 -29.87
N GLY B 781 7.17 0.83 -30.67
CA GLY B 781 7.71 -0.42 -30.16
C GLY B 781 6.65 -1.24 -29.42
N PHE B 782 5.40 -0.78 -29.37
CA PHE B 782 4.36 -1.42 -28.56
C PHE B 782 3.16 -1.92 -29.38
N ALA B 783 2.65 -3.10 -29.01
CA ALA B 783 1.29 -3.50 -29.29
C ALA B 783 0.37 -2.78 -28.29
N TRP B 784 -0.75 -2.24 -28.78
CA TRP B 784 -1.64 -1.54 -27.87
C TRP B 784 -2.95 -2.30 -27.65
N GLU B 785 -3.57 -1.99 -26.51
CA GLU B 785 -4.84 -2.54 -26.10
C GLU B 785 -5.92 -2.22 -27.12
N GLN B 786 -5.93 -0.99 -27.66
CA GLN B 786 -6.88 -0.57 -28.68
C GLN B 786 -6.31 0.62 -29.44
N TYR B 787 -7.07 1.07 -30.45
CA TYR B 787 -6.56 2.03 -31.41
C TYR B 787 -7.60 3.12 -31.65
N ASN B 788 -7.07 4.36 -31.67
CA ASN B 788 -7.84 5.55 -31.96
C ASN B 788 -8.45 5.46 -33.37
N PRO B 789 -9.79 5.55 -33.49
CA PRO B 789 -10.48 5.48 -34.78
C PRO B 789 -10.36 6.74 -35.66
N GLU B 790 -9.91 7.84 -35.04
CA GLU B 790 -9.75 9.12 -35.70
C GLU B 790 -8.34 9.31 -36.23
N THR B 791 -7.32 8.86 -35.45
CA THR B 791 -5.93 9.11 -35.79
C THR B 791 -5.18 7.81 -36.05
N GLY B 792 -5.67 6.71 -35.48
CA GLY B 792 -4.99 5.42 -35.61
C GLY B 792 -3.98 5.15 -34.48
N LYS B 793 -3.74 6.12 -33.58
CA LYS B 793 -2.75 6.00 -32.51
C LYS B 793 -3.16 4.89 -31.52
N GLY B 794 -2.21 4.00 -31.21
CA GLY B 794 -2.28 3.14 -30.03
C GLY B 794 -2.70 3.90 -28.78
N GLN B 795 -3.51 3.26 -27.92
CA GLN B 795 -4.23 3.96 -26.88
C GLN B 795 -4.61 2.96 -25.78
N ARG B 796 -4.99 3.42 -24.59
CA ARG B 796 -5.04 2.54 -23.43
C ARG B 796 -3.67 1.88 -23.19
N THR B 797 -3.61 0.68 -22.61
CA THR B 797 -2.31 0.14 -22.20
C THR B 797 -1.47 -0.34 -23.39
N GLN B 798 -0.15 -0.27 -23.19
CA GLN B 798 0.86 -0.85 -24.09
C GLN B 798 1.17 -2.26 -23.62
N HIS B 799 2.05 -2.95 -24.36
CA HIS B 799 2.42 -4.33 -24.06
C HIS B 799 1.20 -5.25 -24.10
N PHE B 800 0.23 -4.96 -24.97
CA PHE B 800 -0.97 -5.78 -24.96
C PHE B 800 -0.81 -7.00 -25.87
N THR B 801 -0.10 -8.04 -25.42
CA THR B 801 0.07 -9.19 -26.27
C THR B 801 -0.28 -10.46 -25.50
N GLY B 802 -1.59 -10.70 -25.28
CA GLY B 802 -2.65 -9.83 -25.72
C GLY B 802 -3.15 -10.23 -27.10
N TRP B 803 -4.47 -10.11 -27.31
CA TRP B 803 -5.06 -10.49 -28.58
C TRP B 803 -4.65 -9.59 -29.74
N THR B 804 -3.95 -8.48 -29.46
CA THR B 804 -3.47 -7.63 -30.56
C THR B 804 -2.55 -8.42 -31.48
N SER B 805 -1.85 -9.39 -30.89
CA SER B 805 -0.99 -10.29 -31.62
C SER B 805 -1.76 -11.14 -32.64
N LEU B 806 -3.11 -11.09 -32.65
CA LEU B 806 -3.86 -11.78 -33.69
C LEU B 806 -3.40 -11.27 -35.06
N VAL B 807 -2.82 -10.07 -35.11
CA VAL B 807 -2.36 -9.51 -36.36
C VAL B 807 -1.47 -10.50 -37.12
N VAL B 808 -0.72 -11.35 -36.40
CA VAL B 808 0.15 -12.34 -37.04
C VAL B 808 -0.65 -13.27 -37.97
N LYS B 809 -1.84 -13.70 -37.54
CA LYS B 809 -2.63 -14.64 -38.31
C LYS B 809 -3.34 -13.87 -39.41
N ILE B 810 -3.70 -12.61 -39.15
CA ILE B 810 -4.35 -11.81 -40.19
C ILE B 810 -3.40 -11.67 -41.39
N MET B 811 -2.08 -11.67 -41.15
CA MET B 811 -1.11 -11.47 -42.21
C MET B 811 -0.91 -12.75 -43.01
N SER B 812 -1.18 -13.90 -42.37
CA SER B 812 -0.79 -15.21 -42.88
C SER B 812 -1.87 -15.79 -43.78
N GLY B 813 -3.10 -15.28 -43.63
CA GLY B 813 -4.25 -15.67 -44.44
C GLY B 813 -4.93 -16.95 -43.95
N HIS B 814 -6.13 -17.22 -44.47
CA HIS B 814 -6.91 -18.38 -44.04
C HIS B 814 -7.07 -19.34 -45.21
N1 UQH C . -3.09 4.75 24.91
N3 UQH C . 3.71 1.79 31.23
C4 UQH C . -2.58 6.36 23.16
C5 UQH C . -1.93 4.45 25.01
C6 UQH C . -1.60 3.26 24.06
C7 UQH C . -0.08 3.14 23.77
C8 UQH C . 0.34 1.69 23.39
C10 UQH C . 2.59 1.79 24.65
C13 UQH C . 7.14 1.79 26.18
C15 UQH C . 9.46 2.75 24.87
C17 UQH C . 6.86 1.91 27.54
C20 UQH C . 6.31 2.06 30.42
C21 UQH C . 5.97 2.17 31.79
C22 UQH C . 4.61 2.02 32.15
C24 UQH C . -3.93 3.66 25.40
C1 UQH C . -5.77 4.34 23.86
O1 UQH C . -7.19 4.78 23.80
C2 UQH C . -4.91 5.44 23.37
N2 UQH C . 3.75 0.89 24.81
O2 UQH C . -5.18 5.64 21.96
C3 UQH C . -3.40 5.11 23.55
O3 UQH C . -2.74 7.33 24.16
N4 UQH C . 4.02 1.69 29.94
O4 UQH C . -6.21 2.79 25.57
C9 UQH C . 1.87 1.52 23.29
C11 UQH C . 4.82 1.24 25.74
C12 UQH C . 6.12 1.46 25.28
C14 UQH C . 8.57 2.04 25.66
C16 UQH C . 9.92 1.69 25.63
C18 UQH C . 5.56 1.69 28.00
C19 UQH C . 5.26 1.82 29.51
C23 UQH C . 4.54 1.36 27.12
C25 UQH C . -5.45 3.97 25.22
C1 GOL D . 29.69 32.68 25.27
O1 GOL D . 30.20 31.63 24.46
C2 GOL D . 28.19 32.56 25.54
O2 GOL D . 27.66 31.28 25.15
C3 GOL D . 27.34 33.67 24.96
O3 GOL D . 26.70 34.43 25.99
C1 GOL E . 37.86 29.01 17.56
O1 GOL E . 37.44 28.23 18.67
C2 GOL E . 39.28 28.67 17.18
O2 GOL E . 39.66 29.30 15.97
C3 GOL E . 40.27 28.94 18.29
O3 GOL E . 40.82 27.71 18.74
S SO4 F . 19.65 18.29 -1.26
O1 SO4 F . 18.31 18.23 -0.74
O2 SO4 F . 20.10 19.67 -1.25
O3 SO4 F . 19.69 17.79 -2.60
O4 SO4 F . 20.52 17.50 -0.44
S SO4 G . 13.67 39.47 5.57
O1 SO4 G . 13.60 40.91 5.65
O2 SO4 G . 12.40 38.91 5.97
O3 SO4 G . 14.72 39.00 6.44
O4 SO4 G . 13.96 39.06 4.22
S SO4 H . 12.53 4.68 6.71
O1 SO4 H . 11.15 4.37 7.01
O2 SO4 H . 13.10 5.55 7.68
O3 SO4 H . 13.30 3.47 6.69
O4 SO4 H . 12.55 5.34 5.42
S SO4 I . -1.73 5.57 6.51
O1 SO4 I . -0.69 6.52 6.25
O2 SO4 I . -2.49 6.02 7.67
O3 SO4 I . -1.12 4.30 6.77
O4 SO4 I . -2.61 5.46 5.36
S SO4 J . -7.08 -11.24 24.11
O1 SO4 J . -8.46 -10.82 24.21
O2 SO4 J . -6.44 -11.11 25.40
O3 SO4 J . -7.06 -12.61 23.69
O4 SO4 J . -6.39 -10.41 23.14
S SO4 K . -21.23 29.97 33.66
O1 SO4 K . -22.53 30.24 33.08
O2 SO4 K . -20.98 30.89 34.74
O3 SO4 K . -21.21 28.63 34.16
O4 SO4 K . -20.20 30.13 32.65
N1 UQH L . -9.13 -5.97 -20.45
N1 UQH L . -9.25 -6.09 -20.35
N3 UQH L . -1.44 3.37 -19.50
N3 UQH L . -1.14 -1.71 -10.00
C4 UQH L . -8.21 -8.20 -20.03
C4 UQH L . -8.28 -8.32 -20.12
C5 UQH L . -8.36 -5.49 -19.66
C5 UQH L . -8.51 -5.66 -19.50
C6 UQH L . -9.05 -5.26 -18.28
C6 UQH L . -9.19 -5.76 -18.10
C7 UQH L . -8.04 -4.85 -17.17
C7 UQH L . -8.15 -5.80 -16.94
C8 UQH L . -7.46 -3.42 -17.41
C8 UQH L . -8.74 -5.25 -15.60
C10 UQH L . -5.78 -1.69 -16.50
C10 UQH L . -7.90 -4.39 -13.32
C13 UQH L . -2.64 1.45 -14.26
C13 UQH L . -6.91 -0.59 -11.57
C15 UQH L . -1.87 2.39 -11.71
C15 UQH L . -8.23 1.89 -11.92
C17 UQH L . -2.43 2.13 -15.47
C17 UQH L . -5.69 -0.38 -10.95
C20 UQH L . -4.01 2.89 -18.71
C20 UQH L . -3.31 -0.27 -9.13
C21 UQH L . -3.74 3.56 -19.93
C21 UQH L . -2.03 -0.10 -8.52
C22 UQH L . -2.40 3.78 -20.28
C22 UQH L . -0.96 -0.87 -9.01
C24 UQH L . -10.30 -5.12 -20.61
C24 UQH L . -10.44 -5.25 -20.47
C1 UQH L . -11.72 -7.10 -21.13
C1 UQH L . -11.79 -7.21 -21.20
O1 UQH L . -12.60 -7.70 -22.17
O1 UQH L . -12.64 -7.74 -22.30
C2 UQH L . -10.54 -7.97 -20.96
C2 UQH L . -10.59 -8.06 -21.08
N2 UQH L . -5.20 -1.12 -15.27
N2 UQH L . -6.62 -4.18 -12.64
O2 UQH L . -10.95 -9.22 -20.40
O2 UQH L . -10.98 -9.37 -20.65
C3 UQH L . -9.48 -7.31 -20.03
C3 UQH L . -9.57 -7.48 -20.07
O3 UQH L . -7.63 -8.15 -21.31
O3 UQH L . -7.66 -8.10 -21.36
N4 UQH L . -1.68 2.71 -18.35
N4 UQH L . -2.35 -1.87 -10.58
O4 UQH L . -12.56 -4.93 -21.52
O4 UQH L . -12.67 -5.04 -21.42
C9 UQH L . -6.69 -2.89 -16.16
C9 UQH L . -7.78 -5.49 -14.41
C11 UQH L . -4.25 0.00 -15.33
C11 UQH L . -6.30 -2.87 -12.05
C12 UQH L . -3.54 0.39 -14.20
C12 UQH L . -7.22 -1.83 -12.13
C14 UQH L . -1.87 1.88 -13.00
C14 UQH L . -7.94 0.56 -11.66
C16 UQH L . -0.67 2.06 -12.32
C16 UQH L . -9.24 1.03 -11.52
C18 UQH L . -3.14 1.73 -16.62
C18 UQH L . -4.76 -1.43 -10.87
C19 UQH L . -2.91 2.47 -17.94
C19 UQH L . -3.40 -1.19 -10.17
C23 UQH L . -4.04 0.67 -16.55
C23 UQH L . -5.06 -2.67 -11.42
C25 UQH L . -11.37 -5.75 -21.54
C25 UQH L . -11.46 -5.83 -21.48
C1 NAG M . 3.50 -33.42 -14.60
C2 NAG M . 2.20 -32.95 -13.93
C3 NAG M . 2.38 -33.06 -12.41
C4 NAG M . 2.72 -34.49 -11.95
C5 NAG M . 4.09 -34.80 -12.59
C6 NAG M . 4.73 -36.15 -12.20
C7 NAG M . 1.17 -30.95 -15.12
C8 NAG M . 0.37 -31.77 -16.10
N2 NAG M . 1.97 -31.54 -14.23
O3 NAG M . 1.23 -32.51 -11.79
O4 NAG M . 2.70 -34.56 -10.52
O5 NAG M . 4.05 -34.64 -14.03
O6 NAG M . 3.83 -37.25 -12.43
O7 NAG M . 1.13 -29.73 -15.11
C1 BTB N . 17.14 -15.44 10.17
O1 BTB N . 16.72 -14.76 11.36
C2 BTB N . 17.55 -14.52 9.01
C3 BTB N . 18.82 -13.72 9.37
O3 BTB N . 19.77 -14.50 10.09
C4 BTB N . 17.85 -15.35 7.74
O4 BTB N . 18.23 -16.70 7.99
N BTB N . 16.40 -13.53 8.69
C5 BTB N . 16.77 -12.33 7.87
C6 BTB N . 16.33 -11.06 8.56
O6 BTB N . 16.36 -11.23 9.97
C7 BTB N . 15.11 -14.17 8.25
C8 BTB N . 14.00 -14.10 9.27
O8 BTB N . 14.12 -12.97 10.12
C1 GOL O . -12.46 -22.51 -9.68
O1 GOL O . -13.74 -22.79 -10.23
C2 GOL O . -12.06 -21.10 -10.05
O2 GOL O . -12.05 -21.16 -11.44
C3 GOL O . -10.71 -20.65 -9.50
O3 GOL O . -10.45 -19.23 -9.66
S SO4 P . -1.70 -18.47 -1.53
O1 SO4 P . -2.90 -17.95 -2.13
O2 SO4 P . -1.90 -18.49 -0.11
O3 SO4 P . -1.47 -19.81 -1.95
O4 SO4 P . -0.56 -17.67 -1.90
S SO4 Q . -21.65 1.45 -12.60
O1 SO4 Q . -22.93 1.98 -12.18
O2 SO4 Q . -21.02 0.75 -11.50
O3 SO4 Q . -21.82 0.55 -13.71
O4 SO4 Q . -20.80 2.55 -13.01
S SO4 R . -10.54 2.45 -47.01
O1 SO4 R . -11.81 2.79 -47.60
O2 SO4 R . -10.69 2.31 -45.58
O3 SO4 R . -10.09 1.21 -47.58
O4 SO4 R . -9.57 3.49 -47.27
S SO4 S . 36.40 -18.39 -5.38
O1 SO4 S . 36.12 -19.63 -4.67
O2 SO4 S . 36.47 -17.30 -4.44
O3 SO4 S . 35.36 -18.11 -6.34
O4 SO4 S . 37.67 -18.49 -6.07
#